data_7OG5
#
_entry.id   7OG5
#
_cell.length_a   1.00
_cell.length_b   1.00
_cell.length_c   1.00
_cell.angle_alpha   90.00
_cell.angle_beta   90.00
_cell.angle_gamma   90.00
#
_symmetry.space_group_name_H-M   'P 1'
#
_entity_poly.entity_id   1
_entity_poly.type   'polypeptide(L)'
_entity_poly.pdbx_seq_one_letter_code
;GSHMASRRFVLDTSVFTNPDVYLRFDEEPMQAISVFLGLARRADAEFYMPGPVYQELCNLRSMDLIGAEFETEVYIRSPR
RFSMTIPSEVLYEFIEEVRTRIQRGLRIAEEHARQAGQAESLPPELITQLRERYREAMRRGILDSREDIDVVLLAYELDA
TLVSADEGMRKFAERIGIKLVNPRYLRGVMQNLAGDDPGHAPPCGPDQPAG
;
_entity_poly.pdbx_strand_id   H,J,F,B,D,L,E,C,G,K,I,A
#
# COMPACT_ATOMS: atom_id res chain seq x y z
N SER A 6 12.11 -3.47 -21.22
CA SER A 6 12.87 -4.60 -21.71
C SER A 6 14.06 -4.92 -20.82
N ARG A 7 15.17 -4.22 -21.04
CA ARG A 7 16.42 -4.48 -20.34
C ARG A 7 17.22 -3.19 -20.27
N ARG A 8 17.09 -2.45 -19.17
CA ARG A 8 17.50 -1.06 -19.10
C ARG A 8 18.89 -0.92 -18.52
N PHE A 9 19.76 -0.19 -19.19
CA PHE A 9 21.14 0.01 -18.77
C PHE A 9 21.35 1.46 -18.38
N VAL A 10 21.82 1.70 -17.18
CA VAL A 10 22.11 3.05 -16.73
C VAL A 10 23.59 3.26 -16.97
N LEU A 11 23.93 4.07 -17.97
CA LEU A 11 25.33 4.21 -18.29
C LEU A 11 26.00 5.11 -17.27
N ASP A 12 27.22 5.51 -17.58
CA ASP A 12 28.07 6.25 -16.67
C ASP A 12 29.17 6.89 -17.50
N THR A 13 29.76 7.95 -16.96
CA THR A 13 30.81 8.63 -17.73
C THR A 13 32.02 7.73 -17.93
N SER A 14 32.34 6.88 -16.96
CA SER A 14 33.50 6.01 -17.11
C SER A 14 33.36 5.10 -18.32
N VAL A 15 32.13 4.73 -18.65
CA VAL A 15 31.91 3.85 -19.80
C VAL A 15 32.49 4.47 -21.06
N PHE A 16 32.58 5.79 -21.11
CA PHE A 16 33.18 6.46 -22.25
C PHE A 16 34.43 7.23 -21.90
N THR A 17 35.04 6.96 -20.77
CA THR A 17 36.25 7.69 -20.44
C THR A 17 37.41 6.77 -20.05
N ASN A 18 37.13 5.68 -19.36
CA ASN A 18 38.17 4.79 -18.90
C ASN A 18 38.44 3.71 -19.94
N PRO A 19 39.66 3.59 -20.46
CA PRO A 19 39.98 2.43 -21.30
C PRO A 19 39.72 1.12 -20.58
N ASP A 20 39.70 0.03 -21.34
CA ASP A 20 39.27 -1.32 -20.99
C ASP A 20 37.74 -1.41 -20.94
N VAL A 21 37.01 -0.31 -21.02
CA VAL A 21 35.65 -0.31 -21.52
C VAL A 21 35.45 0.69 -22.63
N TYR A 22 36.18 1.79 -22.62
CA TYR A 22 36.52 2.62 -23.76
C TYR A 22 37.15 1.89 -24.92
N LEU A 23 38.21 1.11 -24.69
CA LEU A 23 38.96 0.56 -25.80
C LEU A 23 38.29 -0.62 -26.46
N ARG A 24 37.44 -1.34 -25.75
CA ARG A 24 36.91 -2.58 -26.29
C ARG A 24 35.93 -2.34 -27.44
N PHE A 25 35.48 -1.11 -27.65
CA PHE A 25 34.67 -0.77 -28.82
C PHE A 25 35.49 -0.28 -29.99
N ASP A 26 36.48 0.56 -29.72
CA ASP A 26 37.31 1.15 -30.75
C ASP A 26 38.55 1.72 -30.06
N GLU A 27 39.43 2.33 -30.86
CA GLU A 27 40.66 2.89 -30.34
C GLU A 27 40.51 4.36 -29.94
N GLU A 28 40.10 5.21 -30.87
CA GLU A 28 39.98 6.63 -30.60
C GLU A 28 38.68 6.95 -29.88
N PRO A 29 38.63 8.05 -29.13
CA PRO A 29 37.44 8.32 -28.31
C PRO A 29 36.16 8.46 -29.11
N MET A 30 36.13 9.45 -30.02
CA MET A 30 34.91 9.75 -30.73
C MET A 30 34.43 8.55 -31.53
N GLN A 31 35.35 7.84 -32.18
CA GLN A 31 34.94 6.68 -32.95
C GLN A 31 34.41 5.58 -32.03
N ALA A 32 34.98 5.46 -30.82
CA ALA A 32 34.46 4.50 -29.86
C ALA A 32 33.03 4.86 -29.46
N ILE A 33 32.79 6.14 -29.22
CA ILE A 33 31.43 6.57 -28.92
C ILE A 33 30.52 6.22 -30.08
N SER A 34 30.96 6.48 -31.30
CA SER A 34 30.09 6.29 -32.45
C SER A 34 29.77 4.81 -32.67
N VAL A 35 30.75 3.93 -32.46
CA VAL A 35 30.46 2.52 -32.65
C VAL A 35 29.61 2.00 -31.51
N PHE A 36 29.77 2.53 -30.30
CA PHE A 36 28.83 2.19 -29.24
C PHE A 36 27.43 2.61 -29.63
N LEU A 37 27.30 3.79 -30.21
CA LEU A 37 26.01 4.27 -30.63
C LEU A 37 25.43 3.34 -31.69
N GLY A 38 26.27 2.88 -32.60
CA GLY A 38 25.81 1.92 -33.59
C GLY A 38 25.34 0.62 -32.99
N LEU A 39 26.07 0.12 -31.99
CA LEU A 39 25.66 -1.12 -31.33
C LEU A 39 24.32 -0.95 -30.63
N ALA A 40 24.16 0.14 -29.89
CA ALA A 40 22.83 0.50 -29.46
C ALA A 40 22.02 0.90 -30.68
N ARG A 41 20.71 1.04 -30.49
CA ARG A 41 19.74 1.23 -31.57
C ARG A 41 19.59 -0.07 -32.34
N ARG A 42 20.52 -1.00 -32.15
CA ARG A 42 20.38 -2.34 -32.66
C ARG A 42 20.17 -3.34 -31.55
N ALA A 43 20.54 -2.99 -30.33
CA ALA A 43 20.17 -3.80 -29.18
C ALA A 43 18.71 -3.60 -28.84
N ASP A 44 18.18 -4.53 -28.05
CA ASP A 44 16.84 -4.44 -27.51
C ASP A 44 16.82 -3.79 -26.13
N ALA A 45 17.79 -2.91 -25.86
CA ALA A 45 18.02 -2.40 -24.53
C ALA A 45 18.01 -0.89 -24.54
N GLU A 46 17.42 -0.30 -23.52
CA GLU A 46 17.31 1.15 -23.37
C GLU A 46 18.47 1.64 -22.53
N PHE A 47 19.07 2.76 -22.93
CA PHE A 47 20.29 3.23 -22.29
C PHE A 47 20.08 4.62 -21.70
N TYR A 48 19.92 4.70 -20.39
CA TYR A 48 19.77 5.98 -19.72
C TYR A 48 21.12 6.58 -19.40
N MET A 49 21.11 7.82 -19.04
CA MET A 49 22.33 8.49 -18.59
C MET A 49 21.93 9.73 -17.83
N PRO A 50 22.38 9.91 -16.59
CA PRO A 50 21.99 11.09 -15.83
C PRO A 50 22.48 12.37 -16.47
N GLY A 51 21.74 13.44 -16.25
CA GLY A 51 21.99 14.70 -16.91
C GLY A 51 23.35 15.28 -16.61
N PRO A 52 23.69 15.43 -15.34
CA PRO A 52 25.02 15.94 -14.99
C PRO A 52 26.15 15.13 -15.58
N VAL A 53 26.03 13.80 -15.60
CA VAL A 53 27.07 12.98 -16.19
C VAL A 53 27.21 13.27 -17.67
N TYR A 54 26.09 13.40 -18.37
CA TYR A 54 26.16 13.71 -19.80
C TYR A 54 26.81 15.06 -20.02
N GLN A 55 26.50 16.03 -19.17
CA GLN A 55 27.13 17.33 -19.34
C GLN A 55 28.63 17.26 -19.07
N GLU A 56 29.04 16.40 -18.14
CA GLU A 56 30.47 16.19 -17.92
C GLU A 56 31.13 15.60 -19.17
N LEU A 57 30.51 14.58 -19.75
CA LEU A 57 31.05 14.00 -20.98
C LEU A 57 31.10 15.04 -22.10
N CYS A 58 30.00 15.77 -22.26
CA CYS A 58 29.94 16.82 -23.27
C CYS A 58 31.04 17.84 -23.08
N ASN A 59 31.42 18.08 -21.82
CA ASN A 59 32.60 18.86 -21.56
C ASN A 59 33.85 18.16 -22.09
N LEU A 60 33.94 16.84 -21.88
CA LEU A 60 35.16 16.14 -22.31
C LEU A 60 35.26 16.04 -23.81
N ARG A 61 34.38 15.30 -24.45
CA ARG A 61 34.66 15.03 -25.85
C ARG A 61 33.50 15.33 -26.80
N SER A 62 32.26 15.01 -26.42
CA SER A 62 31.18 14.92 -27.38
C SER A 62 30.89 16.27 -28.02
N MET A 63 30.46 16.23 -29.28
CA MET A 63 30.20 17.44 -30.04
C MET A 63 28.89 17.27 -30.78
N ASP A 64 28.60 18.18 -31.70
CA ASP A 64 27.33 18.15 -32.42
C ASP A 64 27.15 16.83 -33.15
N LEU A 65 28.13 16.44 -33.95
CA LEU A 65 27.95 15.33 -34.87
C LEU A 65 27.59 14.05 -34.13
N ILE A 66 28.38 13.69 -33.13
CA ILE A 66 28.03 12.53 -32.32
C ILE A 66 26.81 12.82 -31.46
N GLY A 67 26.68 14.06 -30.98
CA GLY A 67 25.67 14.36 -29.98
C GLY A 67 24.26 14.14 -30.47
N ALA A 68 23.99 14.45 -31.74
CA ALA A 68 22.65 14.25 -32.25
C ALA A 68 22.21 12.80 -32.08
N GLU A 69 23.02 11.88 -32.58
CA GLU A 69 22.72 10.46 -32.42
C GLU A 69 22.67 10.07 -30.96
N PHE A 70 23.63 10.58 -30.18
CA PHE A 70 23.76 10.20 -28.78
C PHE A 70 22.47 10.46 -28.05
N GLU A 71 21.88 11.62 -28.29
CA GLU A 71 20.60 11.95 -27.67
C GLU A 71 19.44 11.26 -28.36
N THR A 72 19.60 10.80 -29.59
CA THR A 72 18.53 10.01 -30.18
C THR A 72 18.33 8.73 -29.39
N GLU A 73 19.42 8.11 -28.94
CA GLU A 73 19.31 6.75 -28.44
C GLU A 73 19.69 6.54 -26.98
N VAL A 74 20.35 7.49 -26.33
CA VAL A 74 20.67 7.40 -24.91
C VAL A 74 19.82 8.44 -24.18
N TYR A 75 18.77 7.99 -23.48
CA TYR A 75 17.91 8.94 -22.79
C TYR A 75 18.73 9.71 -21.78
N ILE A 76 18.62 11.04 -21.79
CA ILE A 76 19.37 11.85 -20.84
C ILE A 76 18.39 12.23 -19.74
N ARG A 77 18.31 11.41 -18.71
CA ARG A 77 17.34 11.61 -17.64
C ARG A 77 18.06 11.59 -16.31
N SER A 78 17.70 12.46 -15.45
CA SER A 78 18.19 12.59 -14.08
C SER A 78 17.27 11.84 -13.13
N PRO A 79 17.74 11.34 -11.99
CA PRO A 79 16.90 10.49 -11.15
C PRO A 79 15.70 11.25 -10.66
N ARG A 80 14.58 10.55 -10.51
CA ARG A 80 13.37 11.17 -10.00
C ARG A 80 13.55 11.40 -8.51
N ARG A 81 14.38 12.39 -8.17
CA ARG A 81 14.86 12.53 -6.80
C ARG A 81 13.73 12.50 -5.80
N PHE A 82 12.83 13.46 -5.87
CA PHE A 82 11.70 13.48 -4.96
C PHE A 82 10.83 12.26 -5.20
N SER A 83 10.15 11.82 -4.15
CA SER A 83 9.33 10.61 -4.20
C SER A 83 10.17 9.38 -4.50
N MET A 84 11.41 9.36 -4.02
CA MET A 84 12.21 8.15 -3.93
C MET A 84 12.67 8.01 -2.49
N THR A 85 12.57 6.81 -1.95
CA THR A 85 12.84 6.58 -0.53
C THR A 85 13.97 5.57 -0.39
N ILE A 86 15.19 6.07 -0.32
CA ILE A 86 16.35 5.22 -0.07
C ILE A 86 16.27 4.73 1.36
N PRO A 87 16.69 3.51 1.67
CA PRO A 87 16.70 3.07 3.06
C PRO A 87 17.90 3.63 3.80
N SER A 88 17.78 3.71 5.12
CA SER A 88 18.61 4.62 5.90
C SER A 88 20.08 4.35 5.72
N GLU A 89 20.50 3.09 5.84
CA GLU A 89 21.93 2.88 5.96
C GLU A 89 22.64 3.14 4.64
N VAL A 90 21.90 3.27 3.55
CA VAL A 90 22.47 3.77 2.30
C VAL A 90 23.29 4.99 2.65
N LEU A 91 22.66 5.93 3.35
CA LEU A 91 23.35 7.14 3.78
C LEU A 91 24.60 6.78 4.55
N TYR A 92 24.47 5.95 5.59
CA TYR A 92 25.66 5.54 6.32
C TYR A 92 26.65 4.86 5.40
N GLU A 93 26.18 3.97 4.53
CA GLU A 93 27.08 3.35 3.56
C GLU A 93 27.79 4.42 2.77
N PHE A 94 27.01 5.37 2.25
CA PHE A 94 27.56 6.43 1.46
C PHE A 94 28.67 7.13 2.22
N ILE A 95 28.50 7.24 3.54
CA ILE A 95 29.48 7.87 4.39
C ILE A 95 30.88 7.35 4.09
N GLU A 96 31.10 6.05 4.32
CA GLU A 96 32.48 5.59 4.20
C GLU A 96 32.96 5.64 2.76
N GLU A 97 32.05 5.63 1.79
CA GLU A 97 32.48 5.86 0.41
C GLU A 97 33.22 7.18 0.31
N VAL A 98 32.63 8.24 0.88
CA VAL A 98 33.32 9.52 0.92
C VAL A 98 34.61 9.41 1.71
N ARG A 99 34.60 8.60 2.78
CA ARG A 99 35.85 8.26 3.45
C ARG A 99 36.88 7.80 2.43
N THR A 100 36.56 6.75 1.68
CA THR A 100 37.50 6.22 0.71
C THR A 100 37.78 7.20 -0.41
N ARG A 101 36.98 8.27 -0.53
CA ARG A 101 37.23 9.29 -1.52
C ARG A 101 38.05 10.45 -0.96
N ILE A 102 38.88 10.20 0.05
CA ILE A 102 39.86 11.20 0.46
C ILE A 102 40.89 11.41 -0.65
N GLN A 103 41.35 10.34 -1.27
CA GLN A 103 42.39 10.39 -2.30
C GLN A 103 43.62 11.14 -1.84
N GLU A 136 41.43 21.98 -1.49
CA GLU A 136 41.70 22.24 -2.89
C GLU A 136 41.36 21.03 -3.76
N ALA A 137 41.66 19.83 -3.27
CA ALA A 137 41.39 18.62 -4.03
C ALA A 137 40.14 17.89 -3.56
N MET A 138 39.61 18.25 -2.39
CA MET A 138 38.43 17.57 -1.88
C MET A 138 37.17 17.97 -2.62
N ARG A 139 37.20 19.12 -3.31
CA ARG A 139 36.04 19.53 -4.10
C ARG A 139 35.77 18.55 -5.22
N ARG A 140 36.83 18.06 -5.87
CA ARG A 140 36.67 17.03 -6.90
C ARG A 140 36.05 15.77 -6.32
N GLY A 141 36.49 15.37 -5.12
CA GLY A 141 35.90 14.21 -4.48
C GLY A 141 34.42 14.40 -4.17
N ILE A 142 34.05 15.58 -3.68
CA ILE A 142 32.64 15.85 -3.36
C ILE A 142 31.80 15.82 -4.63
N LEU A 143 32.26 16.47 -5.69
CA LEU A 143 31.46 16.47 -6.91
C LEU A 143 31.37 15.07 -7.52
N ASP A 144 32.47 14.33 -7.49
CA ASP A 144 32.42 12.94 -7.92
C ASP A 144 31.37 12.18 -7.16
N SER A 145 31.30 12.40 -5.85
CA SER A 145 30.29 11.72 -5.05
C SER A 145 28.89 12.12 -5.47
N ARG A 146 28.69 13.40 -5.77
CA ARG A 146 27.36 13.83 -6.19
C ARG A 146 26.92 13.15 -7.47
N GLU A 147 27.79 13.13 -8.48
CA GLU A 147 27.37 12.52 -9.74
C GLU A 147 27.27 11.01 -9.63
N ASP A 148 28.14 10.38 -8.84
CA ASP A 148 28.01 8.95 -8.63
C ASP A 148 26.69 8.61 -7.96
N ILE A 149 26.26 9.42 -7.01
CA ILE A 149 24.98 9.10 -6.40
C ILE A 149 23.87 9.39 -7.39
N ASP A 150 24.05 10.35 -8.29
CA ASP A 150 23.08 10.52 -9.36
C ASP A 150 22.88 9.20 -10.10
N VAL A 151 23.99 8.60 -10.54
CA VAL A 151 23.90 7.39 -11.36
C VAL A 151 23.29 6.24 -10.56
N VAL A 152 23.81 6.01 -9.34
CA VAL A 152 23.37 4.86 -8.57
C VAL A 152 21.91 5.00 -8.19
N LEU A 153 21.49 6.19 -7.78
CA LEU A 153 20.09 6.41 -7.49
C LEU A 153 19.23 6.22 -8.71
N LEU A 154 19.72 6.63 -9.88
CA LEU A 154 18.90 6.46 -11.07
C LEU A 154 18.68 4.98 -11.30
N ALA A 155 19.74 4.18 -11.18
CA ALA A 155 19.62 2.75 -11.38
C ALA A 155 18.69 2.13 -10.36
N TYR A 156 18.80 2.56 -9.11
CA TYR A 156 17.90 2.07 -8.08
C TYR A 156 16.45 2.37 -8.41
N GLU A 157 16.19 3.58 -8.89
CA GLU A 157 14.82 3.95 -9.20
C GLU A 157 14.29 3.13 -10.35
N LEU A 158 15.04 3.08 -11.44
CA LEU A 158 14.61 2.38 -12.63
C LEU A 158 14.71 0.88 -12.50
N ASP A 159 15.47 0.39 -11.53
CA ASP A 159 15.84 -1.02 -11.46
C ASP A 159 16.50 -1.45 -12.76
N ALA A 160 17.51 -0.70 -13.15
CA ALA A 160 18.25 -0.95 -14.35
C ALA A 160 19.51 -1.72 -14.01
N THR A 161 20.41 -1.85 -14.98
CA THR A 161 21.60 -2.66 -14.86
C THR A 161 22.82 -1.74 -14.90
N LEU A 162 23.11 -1.14 -13.77
CA LEU A 162 24.15 -0.11 -13.72
C LEU A 162 25.48 -0.62 -14.23
N VAL A 163 25.95 -0.04 -15.32
CA VAL A 163 27.26 -0.38 -15.85
C VAL A 163 28.24 0.69 -15.40
N SER A 164 29.37 0.29 -14.86
CA SER A 164 30.32 1.30 -14.46
C SER A 164 31.68 0.68 -14.19
N ALA A 165 32.72 1.50 -14.37
CA ALA A 165 34.08 1.06 -14.18
C ALA A 165 34.65 1.42 -12.81
N ASP A 166 34.11 2.44 -12.13
CA ASP A 166 34.56 2.76 -10.79
C ASP A 166 34.30 1.59 -9.86
N GLU A 167 35.35 0.93 -9.38
CA GLU A 167 35.15 -0.24 -8.55
C GLU A 167 34.42 0.12 -7.25
N GLY A 168 34.65 1.32 -6.74
CA GLY A 168 33.90 1.77 -5.58
C GLY A 168 32.41 1.85 -5.87
N MET A 169 32.05 2.42 -7.02
CA MET A 169 30.66 2.46 -7.40
C MET A 169 30.10 1.07 -7.53
N ARG A 170 30.88 0.13 -8.07
CA ARG A 170 30.39 -1.22 -8.22
C ARG A 170 30.13 -1.86 -6.87
N LYS A 171 31.04 -1.69 -5.93
CA LYS A 171 30.83 -2.28 -4.61
C LYS A 171 29.61 -1.68 -3.93
N PHE A 172 29.49 -0.36 -3.99
CA PHE A 172 28.35 0.32 -3.38
C PHE A 172 27.05 -0.15 -4.00
N ALA A 173 27.02 -0.25 -5.33
CA ALA A 173 25.81 -0.69 -5.98
C ALA A 173 25.51 -2.14 -5.71
N GLU A 174 26.53 -2.94 -5.46
CA GLU A 174 26.29 -4.33 -5.12
C GLU A 174 25.61 -4.42 -3.76
N ARG A 175 26.18 -3.77 -2.76
CA ARG A 175 25.62 -3.85 -1.42
C ARG A 175 24.21 -3.30 -1.39
N ILE A 176 23.99 -2.13 -1.99
CA ILE A 176 22.66 -1.56 -1.98
C ILE A 176 21.65 -2.45 -2.71
N GLY A 177 22.09 -3.18 -3.72
CA GLY A 177 21.20 -4.09 -4.43
C GLY A 177 20.86 -3.73 -5.87
N ILE A 178 21.74 -3.03 -6.55
CA ILE A 178 21.57 -2.69 -7.96
C ILE A 178 22.00 -3.88 -8.78
N LYS A 179 21.35 -4.11 -9.93
CA LYS A 179 21.90 -5.09 -10.84
C LYS A 179 23.27 -4.64 -11.28
N LEU A 180 23.99 -5.52 -11.96
CA LEU A 180 25.30 -5.13 -12.43
C LEU A 180 25.68 -5.98 -13.63
N VAL A 181 26.46 -5.40 -14.53
CA VAL A 181 27.20 -6.17 -15.52
C VAL A 181 28.57 -5.55 -15.65
N ASN A 182 29.58 -6.38 -15.80
CA ASN A 182 30.93 -5.89 -15.92
C ASN A 182 31.03 -5.04 -17.19
N PRO A 183 31.50 -3.80 -17.09
CA PRO A 183 31.71 -3.00 -18.30
C PRO A 183 32.73 -3.61 -19.23
N ARG A 184 33.64 -4.43 -18.71
CA ARG A 184 34.58 -5.12 -19.58
C ARG A 184 33.85 -5.95 -20.63
N TYR A 185 32.67 -6.44 -20.30
CA TYR A 185 31.89 -7.24 -21.24
C TYR A 185 30.86 -6.42 -21.97
N LEU A 186 30.83 -5.10 -21.77
CA LEU A 186 29.69 -4.32 -22.22
C LEU A 186 29.42 -4.52 -23.69
N ARG A 187 30.47 -4.43 -24.53
CA ARG A 187 30.27 -4.62 -25.95
C ARG A 187 29.57 -5.94 -26.23
N GLY A 188 30.10 -7.03 -25.69
CA GLY A 188 29.48 -8.31 -25.92
C GLY A 188 28.05 -8.33 -25.46
N VAL A 189 27.74 -7.63 -24.38
CA VAL A 189 26.38 -7.66 -23.85
C VAL A 189 25.44 -6.97 -24.81
N MET A 190 25.89 -5.96 -25.54
CA MET A 190 24.98 -5.31 -26.48
C MET A 190 24.74 -6.19 -27.70
N GLN A 191 25.79 -6.81 -28.23
CA GLN A 191 25.58 -7.97 -29.07
C GLN A 191 24.99 -9.09 -28.22
N ASN A 192 24.69 -10.22 -28.85
CA ASN A 192 24.03 -11.29 -28.13
C ASN A 192 22.68 -10.82 -27.60
N LEU A 193 22.34 -9.58 -27.91
CA LEU A 193 21.15 -8.92 -27.41
C LEU A 193 20.38 -8.25 -28.53
N ALA A 194 20.98 -8.14 -29.70
CA ALA A 194 20.34 -7.61 -30.88
C ALA A 194 19.06 -8.37 -31.21
N SER B 6 6.99 -12.52 -15.06
CA SER B 6 7.55 -13.74 -15.61
C SER B 6 7.91 -14.72 -14.50
N ARG B 7 8.24 -15.95 -14.87
CA ARG B 7 8.86 -16.86 -13.94
C ARG B 7 10.29 -16.38 -13.63
N ARG B 8 10.71 -16.51 -12.38
CA ARG B 8 12.03 -16.05 -11.98
C ARG B 8 12.75 -17.14 -11.19
N PHE B 9 13.96 -17.45 -11.61
CA PHE B 9 14.78 -18.46 -10.96
C PHE B 9 15.95 -17.79 -10.28
N VAL B 10 16.34 -18.33 -9.14
CA VAL B 10 17.54 -17.86 -8.44
C VAL B 10 18.53 -18.99 -8.45
N LEU B 11 19.59 -18.84 -9.21
CA LEU B 11 20.57 -19.89 -9.29
C LEU B 11 21.41 -19.92 -8.03
N ASP B 12 22.16 -20.98 -7.88
CA ASP B 12 23.18 -21.10 -6.87
C ASP B 12 24.37 -21.72 -7.54
N THR B 13 25.56 -21.40 -7.06
CA THR B 13 26.76 -21.89 -7.73
C THR B 13 26.82 -23.40 -7.78
N SER B 14 26.11 -24.09 -6.89
CA SER B 14 26.13 -25.55 -6.92
C SER B 14 25.66 -26.07 -8.27
N VAL B 15 24.67 -25.39 -8.86
CA VAL B 15 24.16 -25.79 -10.17
C VAL B 15 25.30 -25.88 -11.19
N PHE B 16 26.29 -25.01 -11.08
CA PHE B 16 27.45 -25.03 -11.97
C PHE B 16 28.70 -25.60 -11.34
N THR B 17 28.59 -26.28 -10.23
CA THR B 17 29.76 -26.98 -9.74
C THR B 17 29.46 -28.43 -9.38
N ASN B 18 28.30 -28.68 -8.80
CA ASN B 18 27.97 -30.03 -8.35
C ASN B 18 27.54 -30.88 -9.53
N PRO B 19 28.18 -32.02 -9.77
CA PRO B 19 27.70 -32.93 -10.80
C PRO B 19 26.29 -33.44 -10.51
N ASP B 20 25.75 -34.15 -11.49
CA ASP B 20 24.38 -34.66 -11.51
C ASP B 20 23.38 -33.52 -11.65
N VAL B 21 23.86 -32.29 -11.68
CA VAL B 21 23.15 -31.19 -12.30
C VAL B 21 24.15 -30.51 -13.23
N TYR B 22 25.44 -30.70 -12.93
CA TYR B 22 26.48 -30.22 -13.82
C TYR B 22 26.47 -31.02 -15.10
N LEU B 23 26.44 -32.34 -14.97
CA LEU B 23 26.07 -33.22 -16.07
C LEU B 23 24.57 -33.06 -16.27
N ARG B 24 24.00 -33.89 -17.15
CA ARG B 24 22.59 -33.76 -17.52
C ARG B 24 22.39 -32.47 -18.30
N PHE B 25 23.43 -31.64 -18.41
CA PHE B 25 23.46 -30.57 -19.39
C PHE B 25 24.41 -30.90 -20.52
N ASP B 26 25.68 -31.13 -20.21
CA ASP B 26 26.71 -31.73 -21.06
C ASP B 26 27.88 -32.18 -20.21
N GLU B 27 28.81 -32.87 -20.87
CA GLU B 27 29.98 -33.41 -20.19
C GLU B 27 30.95 -32.30 -19.83
N GLU B 28 31.43 -31.57 -20.84
CA GLU B 28 32.50 -30.60 -20.62
C GLU B 28 32.03 -29.52 -19.67
N PRO B 29 32.85 -29.13 -18.71
CA PRO B 29 32.43 -28.14 -17.72
C PRO B 29 31.94 -26.80 -18.28
N MET B 30 32.85 -26.07 -18.92
CA MET B 30 32.47 -24.79 -19.50
C MET B 30 31.40 -24.97 -20.56
N GLN B 31 31.48 -26.07 -21.31
CA GLN B 31 30.47 -26.26 -22.34
C GLN B 31 29.14 -26.66 -21.71
N ALA B 32 29.17 -27.20 -20.49
CA ALA B 32 27.93 -27.36 -19.73
C ALA B 32 27.34 -26.01 -19.39
N ILE B 33 28.18 -25.06 -18.97
CA ILE B 33 27.68 -23.72 -18.75
C ILE B 33 27.06 -23.16 -20.04
N SER B 34 27.73 -23.38 -21.17
CA SER B 34 27.27 -22.84 -22.43
C SER B 34 25.92 -23.42 -22.83
N VAL B 35 25.74 -24.73 -22.66
CA VAL B 35 24.45 -25.30 -23.02
C VAL B 35 23.37 -24.83 -22.06
N PHE B 36 23.71 -24.62 -20.78
CA PHE B 36 22.74 -24.01 -19.88
C PHE B 36 22.31 -22.65 -20.40
N LEU B 37 23.27 -21.84 -20.83
CA LEU B 37 22.93 -20.52 -21.36
C LEU B 37 22.05 -20.64 -22.60
N GLY B 38 22.37 -21.60 -23.47
CA GLY B 38 21.56 -21.78 -24.66
C GLY B 38 20.13 -22.14 -24.34
N LEU B 39 19.94 -22.98 -23.32
CA LEU B 39 18.58 -23.24 -22.86
C LEU B 39 17.95 -21.98 -22.31
N ALA B 40 18.74 -21.17 -21.60
CA ALA B 40 18.31 -19.81 -21.30
C ALA B 40 18.33 -19.01 -22.59
N ARG B 41 18.03 -17.71 -22.49
CA ARG B 41 18.01 -16.85 -23.68
C ARG B 41 16.94 -17.30 -24.66
N ARG B 42 16.22 -18.36 -24.32
CA ARG B 42 15.09 -18.82 -25.12
C ARG B 42 13.93 -19.06 -24.19
N ALA B 43 14.24 -19.39 -22.94
CA ALA B 43 13.21 -19.66 -21.96
C ALA B 43 12.52 -18.38 -21.54
N ASP B 44 11.29 -18.52 -21.09
CA ASP B 44 10.46 -17.42 -20.63
C ASP B 44 10.90 -16.86 -19.28
N ALA B 45 11.82 -17.53 -18.61
CA ALA B 45 12.19 -17.18 -17.24
C ALA B 45 13.28 -16.12 -17.22
N GLU B 46 13.48 -15.54 -16.04
CA GLU B 46 14.58 -14.63 -15.78
C GLU B 46 15.47 -15.23 -14.70
N PHE B 47 16.77 -15.22 -14.93
CA PHE B 47 17.71 -15.91 -14.07
C PHE B 47 18.51 -14.90 -13.27
N TYR B 48 18.47 -15.03 -11.95
CA TYR B 48 19.18 -14.19 -11.01
C TYR B 48 20.29 -14.98 -10.36
N MET B 49 21.38 -14.32 -10.09
CA MET B 49 22.44 -15.06 -9.42
C MET B 49 23.33 -14.05 -8.72
N PRO B 50 23.33 -13.99 -7.39
CA PRO B 50 23.88 -12.84 -6.68
C PRO B 50 25.35 -12.57 -6.98
N GLY B 51 25.82 -11.45 -6.45
CA GLY B 51 27.11 -10.92 -6.81
C GLY B 51 28.29 -11.76 -6.39
N PRO B 52 28.48 -11.93 -5.08
CA PRO B 52 29.61 -12.73 -4.61
C PRO B 52 29.60 -14.15 -5.14
N VAL B 53 28.42 -14.73 -5.32
CA VAL B 53 28.34 -16.03 -5.97
C VAL B 53 28.98 -15.95 -7.36
N TYR B 54 28.69 -14.88 -8.09
CA TYR B 54 29.30 -14.73 -9.40
C TYR B 54 30.81 -14.59 -9.30
N GLN B 55 31.29 -13.79 -8.35
CA GLN B 55 32.73 -13.62 -8.21
C GLN B 55 33.40 -14.96 -8.00
N GLU B 56 32.90 -15.75 -7.06
CA GLU B 56 33.56 -17.02 -6.78
C GLU B 56 33.43 -17.96 -7.97
N LEU B 57 32.28 -17.98 -8.63
CA LEU B 57 32.14 -18.87 -9.78
C LEU B 57 33.13 -18.50 -10.86
N CYS B 58 33.32 -17.21 -11.10
CA CYS B 58 34.34 -16.77 -12.03
C CYS B 58 35.71 -17.28 -11.59
N ASN B 59 35.97 -17.25 -10.28
CA ASN B 59 37.26 -17.73 -9.81
C ASN B 59 37.40 -19.24 -9.93
N LEU B 60 36.29 -19.98 -10.01
CA LEU B 60 36.39 -21.42 -10.20
C LEU B 60 36.56 -21.80 -11.66
N ARG B 61 35.57 -21.55 -12.48
CA ARG B 61 35.68 -22.13 -13.81
C ARG B 61 35.43 -21.15 -14.95
N SER B 62 34.50 -20.22 -14.79
CA SER B 62 34.11 -19.37 -15.91
C SER B 62 35.19 -18.34 -16.23
N MET B 63 35.52 -18.20 -17.51
CA MET B 63 36.39 -17.13 -17.95
C MET B 63 35.71 -16.24 -18.98
N ASP B 64 36.47 -15.28 -19.51
CA ASP B 64 35.88 -14.17 -20.24
C ASP B 64 35.15 -14.60 -21.49
N LEU B 65 35.45 -15.78 -22.01
CA LEU B 65 34.88 -16.16 -23.30
C LEU B 65 33.38 -16.46 -23.19
N ILE B 66 32.90 -16.80 -21.99
CA ILE B 66 31.47 -16.93 -21.79
C ILE B 66 30.87 -15.70 -21.13
N GLY B 67 31.70 -14.84 -20.54
CA GLY B 67 31.18 -13.82 -19.64
C GLY B 67 30.14 -12.92 -20.28
N ALA B 68 30.35 -12.55 -21.54
CA ALA B 68 29.38 -11.70 -22.21
C ALA B 68 28.00 -12.36 -22.22
N GLU B 69 27.92 -13.59 -22.69
CA GLU B 69 26.64 -14.27 -22.71
C GLU B 69 26.10 -14.42 -21.30
N PHE B 70 26.97 -14.81 -20.37
CA PHE B 70 26.50 -15.08 -19.03
C PHE B 70 25.81 -13.86 -18.43
N GLU B 71 26.48 -12.72 -18.48
CA GLU B 71 25.86 -11.50 -17.97
C GLU B 71 24.76 -11.00 -18.89
N THR B 72 24.65 -11.51 -20.11
CA THR B 72 23.55 -11.12 -20.97
C THR B 72 22.23 -11.70 -20.47
N GLU B 73 22.21 -12.98 -20.13
CA GLU B 73 20.95 -13.56 -19.66
C GLU B 73 21.00 -14.09 -18.23
N VAL B 74 21.86 -13.57 -17.38
CA VAL B 74 21.82 -13.86 -15.95
C VAL B 74 21.96 -12.54 -15.23
N TYR B 75 20.88 -12.06 -14.63
CA TYR B 75 20.89 -10.78 -13.94
C TYR B 75 21.72 -10.91 -12.67
N ILE B 76 22.95 -10.42 -12.70
CA ILE B 76 23.80 -10.51 -11.52
C ILE B 76 23.39 -9.44 -10.52
N ARG B 77 22.51 -9.78 -9.61
CA ARG B 77 21.94 -8.82 -8.67
C ARG B 77 22.07 -9.33 -7.26
N SER B 78 22.53 -8.49 -6.36
CA SER B 78 22.64 -8.85 -4.95
C SER B 78 21.32 -8.61 -4.24
N PRO B 79 21.01 -9.34 -3.16
CA PRO B 79 19.72 -9.13 -2.51
C PRO B 79 19.64 -7.73 -1.95
N ARG B 80 18.45 -7.15 -2.02
CA ARG B 80 18.24 -5.81 -1.48
C ARG B 80 18.25 -5.95 0.03
N ARG B 81 19.45 -6.06 0.59
CA ARG B 81 19.59 -6.36 2.01
C ARG B 81 18.83 -5.36 2.85
N PHE B 82 19.11 -4.09 2.64
CA PHE B 82 18.39 -3.05 3.35
C PHE B 82 16.93 -3.06 2.89
N SER B 83 16.05 -2.55 3.75
CA SER B 83 14.64 -2.47 3.45
C SER B 83 14.00 -3.83 3.18
N MET B 84 14.57 -4.89 3.73
CA MET B 84 13.92 -6.19 3.72
C MET B 84 13.88 -6.73 5.14
N THR B 85 12.72 -7.25 5.53
CA THR B 85 12.48 -7.66 6.91
C THR B 85 12.26 -9.16 6.96
N ILE B 86 13.28 -9.89 7.39
CA ILE B 86 13.07 -11.33 7.56
C ILE B 86 12.31 -11.57 8.86
N PRO B 87 11.32 -12.44 8.90
CA PRO B 87 10.66 -12.75 10.17
C PRO B 87 11.63 -13.33 11.17
N SER B 88 11.36 -13.08 12.45
CA SER B 88 12.38 -13.26 13.47
C SER B 88 12.89 -14.68 13.54
N GLU B 89 11.99 -15.65 13.58
CA GLU B 89 12.40 -17.02 13.84
C GLU B 89 13.44 -17.52 12.85
N VAL B 90 13.47 -16.95 11.65
CA VAL B 90 14.48 -17.28 10.66
C VAL B 90 15.86 -17.30 11.30
N LEU B 91 16.17 -16.26 12.06
CA LEU B 91 17.50 -16.15 12.65
C LEU B 91 17.80 -17.35 13.54
N TYR B 92 16.80 -17.79 14.31
CA TYR B 92 16.99 -19.00 15.09
C TYR B 92 17.10 -20.20 14.17
N GLU B 93 16.21 -20.31 13.19
CA GLU B 93 16.26 -21.43 12.24
C GLU B 93 17.62 -21.47 11.57
N PHE B 94 18.08 -20.31 11.13
CA PHE B 94 19.41 -20.17 10.58
C PHE B 94 20.44 -20.84 11.47
N ILE B 95 20.33 -20.62 12.78
CA ILE B 95 21.21 -21.28 13.75
C ILE B 95 21.37 -22.75 13.44
N GLU B 96 20.24 -23.48 13.43
CA GLU B 96 20.36 -24.91 13.28
C GLU B 96 21.00 -25.29 11.96
N GLU B 97 20.75 -24.51 10.90
CA GLU B 97 21.43 -24.81 9.65
C GLU B 97 22.93 -24.62 9.82
N VAL B 98 23.32 -23.49 10.42
CA VAL B 98 24.71 -23.27 10.82
C VAL B 98 25.14 -24.34 11.81
N ARG B 99 24.20 -24.84 12.61
CA ARG B 99 24.52 -25.93 13.52
C ARG B 99 24.94 -27.18 12.75
N THR B 100 24.28 -27.45 11.62
CA THR B 100 24.59 -28.68 10.89
C THR B 100 25.92 -28.58 10.16
N ARG B 101 26.19 -27.44 9.53
CA ARG B 101 27.35 -27.34 8.65
C ARG B 101 28.65 -27.51 9.39
N ILE B 102 28.72 -27.09 10.66
CA ILE B 102 29.94 -27.31 11.42
C ILE B 102 30.13 -28.79 11.70
N GLN B 103 29.04 -29.56 11.78
CA GLN B 103 29.16 -30.99 12.00
C GLN B 103 29.65 -31.70 10.74
N ARG B 104 29.16 -31.29 9.56
CA ARG B 104 29.67 -31.87 8.33
C ARG B 104 31.06 -31.35 7.98
N GLY B 105 31.46 -30.22 8.58
CA GLY B 105 32.84 -29.80 8.45
C GLY B 105 33.78 -30.75 9.17
N LEU B 106 33.39 -31.22 10.36
CA LEU B 106 34.18 -32.21 11.08
C LEU B 106 33.88 -33.61 10.59
N ARG B 107 32.63 -34.04 10.69
CA ARG B 107 32.26 -35.41 10.38
C ARG B 107 32.23 -35.68 8.88
N LEU B 130 46.29 -32.63 11.23
CA LEU B 130 44.86 -32.82 11.37
C LEU B 130 44.20 -31.62 12.05
N ARG B 131 45.02 -30.81 12.72
CA ARG B 131 44.49 -29.63 13.39
C ARG B 131 43.85 -28.67 12.39
N GLU B 132 44.67 -28.11 11.49
CA GLU B 132 44.16 -27.21 10.47
C GLU B 132 43.31 -27.94 9.43
N ARG B 133 43.39 -29.28 9.39
CA ARG B 133 42.62 -30.03 8.41
C ARG B 133 41.12 -29.94 8.70
N TYR B 134 40.71 -30.18 9.94
CA TYR B 134 39.32 -29.93 10.31
C TYR B 134 39.05 -28.45 10.54
N ARG B 135 40.09 -27.66 10.82
CA ARG B 135 39.90 -26.22 11.00
C ARG B 135 39.46 -25.55 9.70
N GLU B 136 40.05 -25.95 8.57
CA GLU B 136 39.76 -25.29 7.31
C GLU B 136 38.31 -25.52 6.89
N ALA B 137 37.78 -26.72 7.15
CA ALA B 137 36.41 -27.02 6.74
C ALA B 137 35.41 -26.12 7.46
N MET B 138 35.70 -25.78 8.71
CA MET B 138 34.87 -24.83 9.44
C MET B 138 34.88 -23.45 8.78
N ARG B 139 36.05 -23.00 8.34
CA ARG B 139 36.14 -21.71 7.65
C ARG B 139 35.26 -21.71 6.39
N ARG B 140 35.38 -22.75 5.59
CA ARG B 140 34.58 -22.84 4.37
C ARG B 140 33.10 -22.94 4.70
N GLY B 141 32.75 -23.68 5.75
CA GLY B 141 31.36 -23.76 6.13
C GLY B 141 30.80 -22.41 6.52
N ILE B 142 31.58 -21.63 7.28
CA ILE B 142 31.04 -20.36 7.76
C ILE B 142 31.09 -19.29 6.67
N LEU B 143 31.85 -19.49 5.59
CA LEU B 143 31.74 -18.58 4.45
C LEU B 143 30.60 -18.98 3.50
N ASP B 144 30.42 -20.29 3.32
CA ASP B 144 29.20 -20.78 2.69
C ASP B 144 28.00 -20.22 3.40
N SER B 145 28.10 -20.07 4.72
CA SER B 145 26.99 -19.52 5.48
C SER B 145 26.67 -18.09 5.11
N ARG B 146 27.58 -17.39 4.42
CA ARG B 146 27.27 -16.05 3.93
C ARG B 146 26.78 -16.06 2.49
N GLU B 147 27.46 -16.80 1.61
CA GLU B 147 27.00 -16.86 0.24
C GLU B 147 25.59 -17.45 0.17
N ASP B 148 25.36 -18.50 0.93
CA ASP B 148 24.06 -19.13 0.98
C ASP B 148 23.00 -18.16 1.48
N ILE B 149 23.35 -17.31 2.43
CA ILE B 149 22.31 -16.40 2.90
C ILE B 149 22.01 -15.34 1.86
N ASP B 150 23.02 -14.87 1.11
CA ASP B 150 22.68 -13.97 -0.01
C ASP B 150 21.69 -14.64 -0.94
N VAL B 151 21.98 -15.88 -1.36
CA VAL B 151 21.11 -16.54 -2.34
C VAL B 151 19.71 -16.68 -1.77
N VAL B 152 19.61 -17.15 -0.54
CA VAL B 152 18.29 -17.42 0.02
C VAL B 152 17.51 -16.13 0.21
N LEU B 153 18.18 -15.05 0.59
CA LEU B 153 17.46 -13.80 0.76
C LEU B 153 17.01 -13.22 -0.57
N LEU B 154 17.83 -13.36 -1.62
CA LEU B 154 17.37 -12.90 -2.92
C LEU B 154 16.11 -13.64 -3.32
N ALA B 155 16.13 -14.97 -3.16
CA ALA B 155 14.96 -15.75 -3.50
C ALA B 155 13.77 -15.37 -2.62
N TYR B 156 14.03 -14.99 -1.38
CA TYR B 156 12.96 -14.55 -0.51
C TYR B 156 12.35 -13.25 -1.01
N GLU B 157 13.20 -12.30 -1.39
CA GLU B 157 12.72 -10.98 -1.73
C GLU B 157 11.94 -11.00 -3.05
N LEU B 158 12.50 -11.65 -4.06
CA LEU B 158 11.87 -11.63 -5.37
C LEU B 158 10.65 -12.53 -5.47
N ASP B 159 10.37 -13.33 -4.44
CA ASP B 159 9.38 -14.39 -4.53
C ASP B 159 9.75 -15.36 -5.65
N ALA B 160 11.03 -15.44 -5.96
CA ALA B 160 11.49 -16.24 -7.07
C ALA B 160 11.67 -17.69 -6.65
N THR B 161 12.06 -18.52 -7.60
CA THR B 161 12.27 -19.94 -7.37
C THR B 161 13.74 -20.18 -7.15
N LEU B 162 14.08 -20.95 -6.14
CA LEU B 162 15.46 -21.19 -5.77
C LEU B 162 15.86 -22.58 -6.25
N VAL B 163 16.93 -22.66 -7.03
CA VAL B 163 17.48 -23.93 -7.45
C VAL B 163 18.87 -24.04 -6.85
N SER B 164 19.15 -25.17 -6.21
CA SER B 164 20.46 -25.39 -5.63
C SER B 164 20.56 -26.85 -5.21
N ALA B 165 21.79 -27.33 -5.17
CA ALA B 165 22.01 -28.74 -4.84
C ALA B 165 22.22 -28.96 -3.35
N ASP B 166 22.68 -27.94 -2.61
CA ASP B 166 22.87 -28.08 -1.17
C ASP B 166 21.58 -28.47 -0.48
N GLU B 167 21.50 -29.71 -0.02
CA GLU B 167 20.28 -30.13 0.67
C GLU B 167 20.06 -29.30 1.93
N GLY B 168 21.14 -28.80 2.54
CA GLY B 168 20.99 -27.91 3.66
C GLY B 168 20.26 -26.63 3.28
N MET B 169 20.69 -26.00 2.19
CA MET B 169 19.99 -24.82 1.70
C MET B 169 18.56 -25.15 1.36
N ARG B 170 18.33 -26.31 0.71
CA ARG B 170 16.99 -26.66 0.29
C ARG B 170 16.07 -26.84 1.48
N LYS B 171 16.54 -27.47 2.55
CA LYS B 171 15.71 -27.64 3.73
C LYS B 171 15.47 -26.31 4.43
N PHE B 172 16.50 -25.48 4.51
CA PHE B 172 16.33 -24.13 5.06
C PHE B 172 15.27 -23.35 4.29
N ALA B 173 15.33 -23.39 2.97
CA ALA B 173 14.35 -22.67 2.17
C ALA B 173 12.98 -23.32 2.26
N GLU B 174 12.94 -24.64 2.43
CA GLU B 174 11.67 -25.31 2.64
C GLU B 174 10.99 -24.77 3.89
N ARG B 175 11.75 -24.61 4.97
CA ARG B 175 11.16 -24.09 6.19
C ARG B 175 10.77 -22.63 6.05
N ILE B 176 11.68 -21.79 5.55
CA ILE B 176 11.35 -20.37 5.45
C ILE B 176 10.24 -20.12 4.45
N GLY B 177 10.10 -20.96 3.43
CA GLY B 177 9.00 -20.80 2.50
C GLY B 177 9.34 -20.28 1.11
N ILE B 178 10.46 -20.71 0.56
CA ILE B 178 10.90 -20.28 -0.76
C ILE B 178 10.39 -21.27 -1.81
N LYS B 179 9.96 -20.73 -2.94
CA LYS B 179 9.67 -21.51 -4.12
C LYS B 179 10.86 -22.40 -4.45
N LEU B 180 10.64 -23.69 -4.54
CA LEU B 180 11.73 -24.63 -4.76
C LEU B 180 11.56 -25.43 -6.04
N VAL B 181 12.69 -25.83 -6.61
CA VAL B 181 12.73 -26.70 -7.77
C VAL B 181 13.95 -27.59 -7.65
N ASN B 182 13.77 -28.87 -7.86
CA ASN B 182 14.88 -29.81 -7.79
C ASN B 182 15.86 -29.50 -8.90
N PRO B 183 17.14 -29.27 -8.59
CA PRO B 183 18.11 -29.00 -9.67
C PRO B 183 18.33 -30.19 -10.58
N ARG B 184 17.90 -31.39 -10.18
CA ARG B 184 17.95 -32.52 -11.09
C ARG B 184 17.13 -32.26 -12.35
N TYR B 185 16.05 -31.50 -12.24
CA TYR B 185 15.14 -31.25 -13.35
C TYR B 185 15.43 -29.94 -14.07
N LEU B 186 16.50 -29.23 -13.70
CA LEU B 186 16.65 -27.86 -14.16
C LEU B 186 16.65 -27.77 -15.68
N ARG B 187 17.37 -28.68 -16.36
CA ARG B 187 17.32 -28.66 -17.82
C ARG B 187 15.89 -28.84 -18.30
N GLY B 188 15.22 -29.89 -17.83
CA GLY B 188 13.84 -30.09 -18.21
C GLY B 188 12.92 -28.97 -17.80
N VAL B 189 13.41 -27.99 -17.05
CA VAL B 189 12.63 -26.84 -16.64
C VAL B 189 12.82 -25.67 -17.61
N MET B 190 13.99 -25.58 -18.25
CA MET B 190 14.18 -24.53 -19.24
C MET B 190 13.77 -25.00 -20.62
N GLN B 191 14.06 -26.27 -20.95
CA GLN B 191 13.17 -26.96 -21.86
C GLN B 191 11.81 -27.05 -21.18
N ASN B 192 10.77 -27.16 -21.99
CA ASN B 192 9.39 -27.09 -21.53
C ASN B 192 9.07 -25.70 -21.04
N LEU B 193 9.98 -24.74 -21.20
CA LEU B 193 9.73 -23.33 -20.92
C LEU B 193 10.03 -22.49 -22.15
N ALA B 194 9.69 -22.99 -23.34
CA ALA B 194 9.96 -22.33 -24.61
C ALA B 194 11.46 -22.08 -24.78
N SER C 6 6.20 4.06 -27.99
CA SER C 6 7.26 4.58 -28.85
C SER C 6 8.17 5.50 -28.05
N ARG C 7 8.62 6.56 -28.68
CA ARG C 7 9.37 7.63 -28.02
C ARG C 7 8.58 8.91 -28.19
N ARG C 8 8.32 9.60 -27.09
CA ARG C 8 7.39 10.72 -27.09
C ARG C 8 8.13 11.99 -26.73
N PHE C 9 8.04 12.99 -27.57
CA PHE C 9 8.62 14.30 -27.30
C PHE C 9 7.51 15.26 -26.89
N VAL C 10 7.87 16.24 -26.07
CA VAL C 10 6.98 17.30 -25.65
C VAL C 10 7.64 18.62 -26.01
N LEU C 11 6.93 19.42 -26.77
CA LEU C 11 7.48 20.61 -27.37
C LEU C 11 6.97 21.84 -26.64
N ASP C 12 7.89 22.71 -26.26
CA ASP C 12 7.55 24.05 -25.82
C ASP C 12 7.50 24.97 -27.03
N THR C 13 6.73 26.05 -26.92
CA THR C 13 6.62 26.95 -28.05
C THR C 13 7.95 27.53 -28.47
N SER C 14 8.94 27.53 -27.57
CA SER C 14 10.21 28.15 -27.89
C SER C 14 10.86 27.51 -29.10
N VAL C 15 10.60 26.21 -29.32
CA VAL C 15 11.27 25.53 -30.42
C VAL C 15 10.82 26.08 -31.76
N PHE C 16 9.70 26.80 -31.80
CA PHE C 16 9.25 27.45 -33.01
C PHE C 16 9.45 28.96 -32.97
N THR C 17 10.01 29.48 -31.90
CA THR C 17 10.22 30.91 -31.78
C THR C 17 11.68 31.28 -31.64
N ASN C 18 12.40 30.63 -30.74
CA ASN C 18 13.77 31.01 -30.46
C ASN C 18 14.69 30.52 -31.58
N PRO C 19 15.39 31.41 -32.29
CA PRO C 19 16.37 30.95 -33.27
C PRO C 19 17.43 30.07 -32.63
N ASP C 20 18.17 29.38 -33.51
CA ASP C 20 19.15 28.33 -33.25
C ASP C 20 18.50 27.02 -32.86
N VAL C 21 17.19 26.97 -32.65
CA VAL C 21 16.45 25.72 -32.57
C VAL C 21 15.27 25.91 -33.49
N TYR C 22 15.35 27.01 -34.23
CA TYR C 22 14.36 27.54 -35.16
C TYR C 22 14.90 27.66 -36.57
N LEU C 23 16.00 28.40 -36.72
CA LEU C 23 16.60 28.60 -38.03
C LEU C 23 17.27 27.33 -38.53
N ARG C 24 17.63 26.43 -37.62
CA ARG C 24 18.35 25.23 -38.02
C ARG C 24 17.53 24.39 -38.98
N PHE C 25 16.21 24.39 -38.80
CA PHE C 25 15.32 23.78 -39.80
C PHE C 25 15.33 24.60 -41.08
N ASP C 26 14.97 25.87 -40.98
CA ASP C 26 14.90 26.77 -42.13
C ASP C 26 14.79 28.18 -41.58
N GLU C 27 15.42 29.14 -42.27
CA GLU C 27 15.50 30.48 -41.69
C GLU C 27 14.13 31.16 -41.63
N GLU C 28 13.27 30.93 -42.60
CA GLU C 28 11.96 31.55 -42.58
C GLU C 28 11.08 30.81 -41.58
N PRO C 29 10.26 31.51 -40.80
CA PRO C 29 9.42 30.85 -39.79
C PRO C 29 8.59 29.70 -40.34
N MET C 30 7.75 30.00 -41.32
CA MET C 30 6.75 29.04 -41.76
C MET C 30 7.38 27.85 -42.47
N GLN C 31 8.35 28.08 -43.35
CA GLN C 31 9.02 26.91 -43.91
C GLN C 31 9.79 26.14 -42.85
N ALA C 32 10.23 26.79 -41.78
CA ALA C 32 10.84 26.04 -40.68
C ALA C 32 9.82 25.10 -40.06
N ILE C 33 8.63 25.60 -39.76
CA ILE C 33 7.59 24.74 -39.20
C ILE C 33 7.23 23.64 -40.17
N SER C 34 7.14 23.97 -41.45
CA SER C 34 6.74 22.97 -42.43
C SER C 34 7.77 21.86 -42.56
N VAL C 35 9.05 22.21 -42.53
CA VAL C 35 10.06 21.16 -42.64
C VAL C 35 10.13 20.38 -41.33
N PHE C 36 9.81 21.00 -40.20
CA PHE C 36 9.70 20.23 -38.97
C PHE C 36 8.58 19.20 -39.10
N LEU C 37 7.44 19.61 -39.66
CA LEU C 37 6.34 18.68 -39.83
C LEU C 37 6.66 17.62 -40.86
N GLY C 38 7.51 17.94 -41.83
CA GLY C 38 7.98 16.92 -42.75
C GLY C 38 8.87 15.90 -42.06
N LEU C 39 9.76 16.37 -41.18
CA LEU C 39 10.61 15.45 -40.45
C LEU C 39 9.78 14.56 -39.54
N ALA C 40 8.91 15.16 -38.73
CA ALA C 40 7.93 14.38 -38.02
C ALA C 40 6.96 13.75 -39.02
N ARG C 41 6.17 12.80 -38.54
CA ARG C 41 5.31 11.94 -39.36
C ARG C 41 6.14 11.05 -40.26
N ARG C 42 7.46 11.23 -40.29
CA ARG C 42 8.38 10.22 -40.76
C ARG C 42 9.23 9.67 -39.63
N ALA C 43 9.41 10.44 -38.57
CA ALA C 43 10.06 9.94 -37.38
C ALA C 43 9.15 8.96 -36.66
N ASP C 44 9.75 8.13 -35.83
CA ASP C 44 9.00 7.13 -35.07
C ASP C 44 8.74 7.62 -33.66
N ALA C 45 8.42 8.89 -33.53
CA ALA C 45 8.11 9.50 -32.24
C ALA C 45 6.76 10.20 -32.31
N GLU C 46 6.13 10.32 -31.14
CA GLU C 46 4.90 11.09 -31.02
C GLU C 46 5.21 12.44 -30.39
N PHE C 47 4.74 13.52 -31.00
CA PHE C 47 5.05 14.86 -30.53
C PHE C 47 3.83 15.46 -29.86
N TYR C 48 4.04 16.06 -28.69
CA TYR C 48 2.97 16.59 -27.86
C TYR C 48 3.14 18.08 -27.65
N MET C 49 2.04 18.77 -27.46
CA MET C 49 2.14 20.18 -27.13
C MET C 49 0.97 20.58 -26.23
N PRO C 50 1.24 21.20 -25.07
CA PRO C 50 0.15 21.64 -24.21
C PRO C 50 -0.72 22.67 -24.91
N GLY C 51 -2.01 22.61 -24.62
CA GLY C 51 -2.99 23.44 -25.30
C GLY C 51 -2.69 24.92 -25.25
N PRO C 52 -2.43 25.46 -24.05
CA PRO C 52 -2.07 26.89 -23.97
C PRO C 52 -0.87 27.26 -24.83
N VAL C 53 0.10 26.37 -24.93
CA VAL C 53 1.25 26.63 -25.80
C VAL C 53 0.78 26.77 -27.24
N TYR C 54 -0.10 25.89 -27.69
CA TYR C 54 -0.58 25.99 -29.06
C TYR C 54 -1.37 27.26 -29.27
N GLN C 55 -2.17 27.66 -28.28
CA GLN C 55 -2.88 28.93 -28.39
C GLN C 55 -1.90 30.07 -28.54
N GLU C 56 -0.85 30.07 -27.72
CA GLU C 56 0.11 31.16 -27.75
C GLU C 56 0.78 31.23 -29.11
N LEU C 57 1.13 30.08 -29.67
CA LEU C 57 1.78 30.06 -30.97
C LEU C 57 0.81 30.49 -32.07
N CYS C 58 -0.38 29.91 -32.09
CA CYS C 58 -1.34 30.24 -33.13
C CYS C 58 -1.71 31.71 -33.09
N ASN C 59 -1.57 32.34 -31.93
CA ASN C 59 -1.73 33.78 -31.86
C ASN C 59 -0.52 34.52 -32.40
N LEU C 60 0.63 33.84 -32.47
CA LEU C 60 1.82 34.48 -33.04
C LEU C 60 1.87 34.36 -34.55
N ARG C 61 1.93 33.14 -35.06
CA ARG C 61 2.23 33.01 -36.47
C ARG C 61 1.28 32.09 -37.23
N SER C 62 0.85 31.00 -36.64
CA SER C 62 0.20 29.94 -37.40
C SER C 62 -1.06 30.44 -38.08
N MET C 63 -1.29 29.92 -39.28
CA MET C 63 -2.47 30.24 -40.06
C MET C 63 -3.08 28.94 -40.56
N ASP C 64 -4.34 29.01 -40.97
CA ASP C 64 -5.09 27.79 -41.30
C ASP C 64 -4.42 26.95 -42.38
N LEU C 65 -3.36 27.45 -43.00
CA LEU C 65 -2.63 26.63 -43.97
C LEU C 65 -1.84 25.54 -43.28
N ILE C 66 -0.90 25.93 -42.41
CA ILE C 66 -0.07 24.95 -41.71
C ILE C 66 -0.90 24.12 -40.75
N GLY C 67 -1.95 24.72 -40.19
CA GLY C 67 -2.62 24.12 -39.05
C GLY C 67 -3.08 22.69 -39.29
N ALA C 68 -3.42 22.36 -40.53
CA ALA C 68 -3.84 21.00 -40.83
C ALA C 68 -2.78 20.00 -40.41
N GLU C 69 -1.61 20.04 -41.05
CA GLU C 69 -0.60 19.06 -40.71
C GLU C 69 -0.11 19.21 -39.28
N PHE C 70 0.00 20.44 -38.78
CA PHE C 70 0.45 20.61 -37.42
C PHE C 70 -0.44 19.87 -36.45
N GLU C 71 -1.74 19.92 -36.65
CA GLU C 71 -2.60 19.15 -35.76
C GLU C 71 -2.71 17.70 -36.18
N THR C 72 -2.21 17.33 -37.36
CA THR C 72 -2.14 15.90 -37.69
C THR C 72 -1.07 15.21 -36.88
N GLU C 73 0.14 15.77 -36.84
CA GLU C 73 1.25 15.09 -36.17
C GLU C 73 1.75 15.83 -34.94
N VAL C 74 0.89 16.53 -34.22
CA VAL C 74 1.22 17.10 -32.93
C VAL C 74 -0.03 16.92 -32.07
N TYR C 75 -0.02 15.93 -31.19
CA TYR C 75 -1.11 15.81 -30.25
C TYR C 75 -1.15 17.05 -29.37
N ILE C 76 -2.17 17.89 -29.53
CA ILE C 76 -2.29 19.07 -28.69
C ILE C 76 -2.97 18.63 -27.40
N ARG C 77 -2.20 18.47 -26.35
CA ARG C 77 -2.71 17.90 -25.11
C ARG C 77 -2.19 18.66 -23.91
N SER C 78 -3.09 19.13 -23.07
CA SER C 78 -2.76 19.72 -21.80
C SER C 78 -2.59 18.63 -20.74
N PRO C 79 -1.85 18.89 -19.68
CA PRO C 79 -1.61 17.85 -18.69
C PRO C 79 -2.89 17.46 -17.99
N ARG C 80 -2.96 16.21 -17.53
CA ARG C 80 -4.05 15.82 -16.65
C ARG C 80 -3.70 16.40 -15.28
N ARG C 81 -4.06 17.67 -15.09
CA ARG C 81 -3.79 18.32 -13.81
C ARG C 81 -4.31 17.49 -12.66
N PHE C 82 -5.53 17.02 -12.78
CA PHE C 82 -6.09 16.18 -11.73
C PHE C 82 -5.55 14.77 -11.89
N SER C 83 -5.67 13.97 -10.83
CA SER C 83 -5.19 12.60 -10.86
C SER C 83 -3.71 12.53 -11.16
N MET C 84 -2.97 13.59 -10.84
CA MET C 84 -1.53 13.61 -10.92
C MET C 84 -0.99 14.26 -9.65
N THR C 85 -0.06 13.60 -9.00
CA THR C 85 0.37 13.99 -7.66
C THR C 85 1.84 14.36 -7.71
N ILE C 86 2.14 15.64 -7.89
CA ILE C 86 3.53 16.07 -7.94
C ILE C 86 4.10 15.92 -6.53
N PRO C 87 5.41 15.80 -6.37
CA PRO C 87 5.98 15.78 -5.03
C PRO C 87 6.12 17.18 -4.50
N SER C 88 6.01 17.29 -3.17
CA SER C 88 5.79 18.60 -2.56
C SER C 88 6.90 19.57 -2.89
N GLU C 89 8.15 19.14 -2.82
CA GLU C 89 9.20 20.14 -2.81
C GLU C 89 9.24 20.86 -4.15
N VAL C 90 8.70 20.23 -5.20
CA VAL C 90 8.57 20.87 -6.50
C VAL C 90 8.02 22.28 -6.35
N LEU C 91 6.99 22.43 -5.54
CA LEU C 91 6.31 23.72 -5.46
C LEU C 91 7.29 24.79 -5.03
N TYR C 92 8.12 24.50 -4.02
CA TYR C 92 9.14 25.46 -3.62
C TYR C 92 10.10 25.74 -4.77
N GLU C 93 10.57 24.67 -5.42
CA GLU C 93 11.30 24.78 -6.68
C GLU C 93 10.61 25.80 -7.56
N PHE C 94 9.32 25.57 -7.80
CA PHE C 94 8.54 26.43 -8.68
C PHE C 94 8.66 27.87 -8.25
N ILE C 95 8.50 28.13 -6.96
CA ILE C 95 8.53 29.51 -6.48
C ILE C 95 9.84 30.17 -6.86
N GLU C 96 10.95 29.45 -6.69
CA GLU C 96 12.24 30.03 -7.03
C GLU C 96 12.26 30.51 -8.47
N GLU C 97 11.71 29.71 -9.39
CA GLU C 97 11.62 30.13 -10.78
C GLU C 97 10.80 31.41 -10.90
N VAL C 98 9.61 31.43 -10.31
CA VAL C 98 8.82 32.67 -10.31
C VAL C 98 9.58 33.75 -9.58
N ARG C 99 10.35 33.37 -8.55
CA ARG C 99 11.24 34.31 -7.89
C ARG C 99 12.13 35.00 -8.91
N THR C 100 12.80 34.22 -9.76
CA THR C 100 13.70 34.79 -10.75
C THR C 100 12.98 35.72 -11.71
N ARG C 101 11.65 35.60 -11.82
CA ARG C 101 10.87 36.45 -12.70
C ARG C 101 10.30 37.67 -11.98
N ILE C 102 10.97 38.14 -10.93
CA ILE C 102 10.59 39.41 -10.33
C ILE C 102 10.93 40.57 -11.27
N GLN C 103 12.01 40.44 -12.04
CA GLN C 103 12.41 41.46 -13.02
C GLN C 103 12.39 42.89 -12.50
N GLU C 136 1.64 44.72 -16.46
CA GLU C 136 2.49 44.50 -17.64
C GLU C 136 3.35 43.24 -17.49
N ALA C 137 4.63 43.42 -17.16
CA ALA C 137 5.56 42.28 -17.14
C ALA C 137 5.17 41.26 -16.08
N MET C 138 4.69 41.71 -14.93
CA MET C 138 4.34 40.78 -13.85
C MET C 138 3.23 39.83 -14.27
N ARG C 139 2.14 40.37 -14.79
CA ARG C 139 1.03 39.52 -15.24
C ARG C 139 1.45 38.63 -16.39
N ARG C 140 2.22 39.16 -17.33
CA ARG C 140 2.81 38.34 -18.38
C ARG C 140 3.74 37.28 -17.80
N GLY C 141 4.52 37.64 -16.78
CA GLY C 141 5.38 36.65 -16.15
C GLY C 141 4.60 35.50 -15.53
N ILE C 142 3.48 35.82 -14.88
CA ILE C 142 2.66 34.78 -14.28
C ILE C 142 2.03 33.90 -15.35
N LEU C 143 1.54 34.50 -16.44
CA LEU C 143 0.95 33.69 -17.50
C LEU C 143 1.99 32.79 -18.16
N ASP C 144 3.20 33.31 -18.37
CA ASP C 144 4.29 32.47 -18.84
C ASP C 144 4.56 31.34 -17.86
N SER C 145 4.49 31.62 -16.56
CA SER C 145 4.69 30.57 -15.58
C SER C 145 3.64 29.48 -15.70
N ARG C 146 2.39 29.86 -15.93
CA ARG C 146 1.35 28.83 -16.08
C ARG C 146 1.60 27.98 -17.33
N GLU C 147 1.95 28.62 -18.45
CA GLU C 147 2.23 27.85 -19.65
C GLU C 147 3.41 26.90 -19.43
N ASP C 148 4.47 27.40 -18.81
CA ASP C 148 5.64 26.58 -18.56
C ASP C 148 5.31 25.42 -17.65
N ILE C 149 4.48 25.64 -16.64
CA ILE C 149 4.16 24.54 -15.75
C ILE C 149 3.28 23.54 -16.45
N ASP C 150 2.46 23.95 -17.42
CA ASP C 150 1.75 22.96 -18.22
C ASP C 150 2.72 22.08 -19.00
N VAL C 151 3.73 22.69 -19.63
CA VAL C 151 4.70 21.89 -20.37
C VAL C 151 5.38 20.89 -19.45
N VAL C 152 5.87 21.37 -18.32
CA VAL C 152 6.66 20.50 -17.46
C VAL C 152 5.79 19.40 -16.85
N LEU C 153 4.57 19.72 -16.45
CA LEU C 153 3.74 18.66 -15.89
C LEU C 153 3.33 17.65 -16.94
N LEU C 154 3.16 18.07 -18.19
CA LEU C 154 2.86 17.09 -19.22
C LEU C 154 4.03 16.13 -19.40
N ALA C 155 5.24 16.67 -19.45
CA ALA C 155 6.40 15.81 -19.60
C ALA C 155 6.54 14.88 -18.40
N TYR C 156 6.25 15.37 -17.20
CA TYR C 156 6.29 14.51 -16.03
C TYR C 156 5.24 13.42 -16.11
N GLU C 157 4.06 13.72 -16.60
CA GLU C 157 3.00 12.74 -16.57
C GLU C 157 3.22 11.65 -17.59
N LEU C 158 3.57 12.02 -18.82
CA LEU C 158 3.83 11.00 -19.84
C LEU C 158 5.19 10.33 -19.67
N ASP C 159 6.05 10.90 -18.83
CA ASP C 159 7.47 10.58 -18.80
C ASP C 159 8.05 10.67 -20.20
N ALA C 160 7.58 11.65 -20.94
CA ALA C 160 8.08 11.90 -22.28
C ALA C 160 9.40 12.64 -22.20
N THR C 161 9.82 13.20 -23.30
CA THR C 161 11.09 13.88 -23.42
C THR C 161 10.83 15.35 -23.65
N LEU C 162 11.23 16.19 -22.72
CA LEU C 162 10.94 17.61 -22.79
C LEU C 162 12.00 18.32 -23.62
N VAL C 163 11.60 18.84 -24.78
CA VAL C 163 12.50 19.65 -25.58
C VAL C 163 12.01 21.09 -25.54
N SER C 164 12.88 22.00 -25.15
CA SER C 164 12.52 23.40 -24.98
C SER C 164 13.78 24.21 -24.81
N ALA C 165 13.76 25.44 -25.32
CA ALA C 165 14.94 26.29 -25.25
C ALA C 165 15.06 27.07 -23.95
N ASP C 166 14.00 27.12 -23.15
CA ASP C 166 14.00 27.93 -21.92
C ASP C 166 14.93 27.32 -20.91
N GLU C 167 16.14 27.86 -20.79
CA GLU C 167 17.15 27.25 -19.95
C GLU C 167 16.65 27.05 -18.53
N GLY C 168 15.87 28.00 -18.02
CA GLY C 168 15.26 27.80 -16.72
C GLY C 168 14.35 26.59 -16.68
N MET C 169 13.57 26.40 -17.74
CA MET C 169 12.73 25.22 -17.81
C MET C 169 13.56 23.95 -17.89
N ARG C 170 14.67 24.00 -18.64
CA ARG C 170 15.50 22.81 -18.77
C ARG C 170 16.12 22.45 -17.43
N LYS C 171 16.60 23.43 -16.67
CA LYS C 171 17.13 23.14 -15.35
C LYS C 171 16.05 22.59 -14.43
N PHE C 172 14.87 23.21 -14.46
CA PHE C 172 13.82 22.75 -13.57
C PHE C 172 13.43 21.31 -13.89
N ALA C 173 13.32 20.99 -15.18
CA ALA C 173 12.93 19.63 -15.53
C ALA C 173 14.04 18.64 -15.25
N GLU C 174 15.30 19.04 -15.41
CA GLU C 174 16.39 18.14 -15.05
C GLU C 174 16.33 17.83 -13.57
N ARG C 175 16.07 18.83 -12.73
CA ARG C 175 16.02 18.56 -11.30
C ARG C 175 14.84 17.68 -10.94
N ILE C 176 13.65 18.00 -11.45
CA ILE C 176 12.51 17.17 -11.13
C ILE C 176 12.63 15.78 -11.73
N GLY C 177 13.49 15.59 -12.72
CA GLY C 177 13.64 14.28 -13.34
C GLY C 177 12.89 14.02 -14.63
N ILE C 178 13.09 14.87 -15.64
CA ILE C 178 12.42 14.73 -16.94
C ILE C 178 13.46 14.52 -18.01
N LYS C 179 13.14 13.69 -19.00
CA LYS C 179 14.06 13.48 -20.10
C LYS C 179 14.26 14.77 -20.87
N LEU C 180 15.44 14.96 -21.42
CA LEU C 180 15.81 16.22 -22.03
C LEU C 180 16.55 16.00 -23.35
N VAL C 181 16.30 16.88 -24.30
CA VAL C 181 17.05 16.94 -25.54
C VAL C 181 17.47 18.36 -25.77
N ASN C 182 18.76 18.60 -25.88
CA ASN C 182 19.21 19.92 -26.28
C ASN C 182 18.53 20.22 -27.60
N PRO C 183 17.63 21.20 -27.65
CA PRO C 183 16.85 21.41 -28.87
C PRO C 183 17.70 21.77 -30.06
N ARG C 184 18.94 22.20 -29.82
CA ARG C 184 19.88 22.40 -30.92
C ARG C 184 20.04 21.14 -31.75
N TYR C 185 19.88 19.97 -31.13
CA TYR C 185 19.97 18.70 -31.83
C TYR C 185 18.62 18.19 -32.31
N LEU C 186 17.55 18.93 -32.09
CA LEU C 186 16.23 18.37 -32.38
C LEU C 186 16.13 17.90 -33.81
N ARG C 187 16.61 18.71 -34.77
CA ARG C 187 16.57 18.29 -36.17
C ARG C 187 17.21 16.92 -36.33
N GLY C 188 18.42 16.74 -35.81
CA GLY C 188 19.07 15.46 -35.96
C GLY C 188 18.22 14.32 -35.45
N VAL C 189 17.53 14.55 -34.33
CA VAL C 189 16.75 13.50 -33.70
C VAL C 189 15.56 13.07 -34.53
N MET C 190 15.11 13.86 -35.51
CA MET C 190 14.14 13.28 -36.41
C MET C 190 14.73 12.76 -37.71
N GLN C 191 15.95 13.14 -38.07
CA GLN C 191 16.55 12.46 -39.21
C GLN C 191 16.86 11.01 -38.85
N ASN C 192 17.27 10.78 -37.60
CA ASN C 192 17.15 9.46 -37.02
C ASN C 192 15.71 9.24 -36.60
N LEU C 193 15.43 8.10 -35.98
CA LEU C 193 14.09 7.73 -35.57
C LEU C 193 13.18 7.60 -36.78
N ALA C 194 13.70 7.68 -37.99
CA ALA C 194 12.87 7.65 -39.19
C ALA C 194 13.30 6.54 -40.13
N SER D 6 -9.42 -6.33 -39.65
CA SER D 6 -9.27 -7.22 -38.52
C SER D 6 -10.37 -6.94 -37.52
N ARG D 7 -11.43 -6.29 -37.99
CA ARG D 7 -12.53 -5.92 -37.11
C ARG D 7 -13.17 -7.18 -36.54
N ARG D 8 -13.45 -7.14 -35.23
CA ARG D 8 -13.98 -8.29 -34.52
C ARG D 8 -15.48 -8.10 -34.28
N PHE D 9 -16.24 -9.15 -34.52
CA PHE D 9 -17.69 -9.11 -34.39
C PHE D 9 -18.15 -10.27 -33.52
N VAL D 10 -19.18 -10.03 -32.70
CA VAL D 10 -19.79 -11.07 -31.89
C VAL D 10 -21.25 -11.17 -32.28
N LEU D 11 -21.66 -12.35 -32.72
CA LEU D 11 -22.99 -12.56 -33.29
C LEU D 11 -24.00 -12.81 -32.18
N ASP D 12 -25.23 -13.11 -32.59
CA ASP D 12 -26.31 -13.37 -31.65
C ASP D 12 -27.31 -14.33 -32.28
N THR D 13 -28.15 -14.92 -31.43
CA THR D 13 -29.26 -15.71 -31.93
C THR D 13 -30.23 -14.86 -32.76
N SER D 14 -30.50 -13.64 -32.30
CA SER D 14 -31.46 -12.78 -32.98
C SER D 14 -31.00 -12.36 -34.36
N VAL D 15 -29.70 -12.44 -34.64
CA VAL D 15 -29.18 -12.09 -35.96
C VAL D 15 -29.76 -13.02 -37.02
N PHE D 16 -29.72 -14.32 -36.75
CA PHE D 16 -30.21 -15.31 -37.70
C PHE D 16 -31.68 -15.66 -37.51
N THR D 17 -32.09 -15.96 -36.28
CA THR D 17 -33.42 -16.49 -36.01
C THR D 17 -34.50 -15.42 -36.08
N ASN D 18 -34.38 -14.37 -35.29
CA ASN D 18 -35.35 -13.27 -35.34
C ASN D 18 -35.32 -12.65 -36.71
N PRO D 19 -36.46 -12.54 -37.40
CA PRO D 19 -36.50 -11.74 -38.62
C PRO D 19 -36.27 -10.26 -38.32
N ASP D 20 -36.43 -9.40 -39.33
CA ASP D 20 -36.23 -7.97 -39.23
C ASP D 20 -34.73 -7.64 -39.13
N VAL D 21 -33.91 -8.65 -38.89
CA VAL D 21 -32.46 -8.54 -39.06
C VAL D 21 -32.01 -9.73 -39.90
N TYR D 22 -32.79 -10.81 -39.83
CA TYR D 22 -32.55 -11.96 -40.71
C TYR D 22 -32.80 -11.58 -42.16
N LEU D 23 -33.86 -10.83 -42.42
CA LEU D 23 -34.16 -10.38 -43.76
C LEU D 23 -33.03 -9.47 -44.25
N ARG D 24 -33.04 -9.20 -45.55
CA ARG D 24 -31.99 -8.52 -46.32
C ARG D 24 -30.79 -9.43 -46.53
N PHE D 25 -30.82 -10.67 -46.04
CA PHE D 25 -29.90 -11.72 -46.46
C PHE D 25 -30.54 -12.63 -47.50
N ASP D 26 -31.62 -13.32 -47.13
CA ASP D 26 -32.41 -14.13 -48.05
C ASP D 26 -33.64 -14.64 -47.32
N GLU D 27 -34.55 -15.25 -48.09
CA GLU D 27 -35.84 -15.68 -47.57
C GLU D 27 -35.86 -17.16 -47.20
N GLU D 28 -35.08 -17.99 -47.90
CA GLU D 28 -34.99 -19.40 -47.56
C GLU D 28 -33.84 -19.57 -46.57
N PRO D 29 -34.10 -20.04 -45.34
CA PRO D 29 -33.11 -19.85 -44.27
C PRO D 29 -31.74 -20.38 -44.59
N MET D 30 -31.67 -21.55 -45.24
CA MET D 30 -30.38 -22.09 -45.63
C MET D 30 -29.68 -21.17 -46.62
N GLN D 31 -30.43 -20.60 -47.56
CA GLN D 31 -29.83 -19.67 -48.52
C GLN D 31 -29.29 -18.44 -47.82
N ALA D 32 -30.00 -17.90 -46.84
CA ALA D 32 -29.52 -16.72 -46.14
C ALA D 32 -28.28 -17.04 -45.31
N ILE D 33 -28.27 -18.18 -44.62
CA ILE D 33 -27.08 -18.54 -43.85
C ILE D 33 -25.90 -18.75 -44.77
N SER D 34 -26.13 -19.35 -45.94
CA SER D 34 -25.03 -19.62 -46.87
C SER D 34 -24.51 -18.32 -47.49
N VAL D 35 -25.40 -17.37 -47.80
CA VAL D 35 -24.92 -16.09 -48.32
C VAL D 35 -24.23 -15.31 -47.21
N PHE D 36 -24.63 -15.51 -45.96
CA PHE D 36 -23.87 -14.93 -44.86
C PHE D 36 -22.46 -15.52 -44.80
N LEU D 37 -22.36 -16.83 -45.00
CA LEU D 37 -21.05 -17.48 -45.09
C LEU D 37 -20.23 -16.85 -46.20
N GLY D 38 -20.85 -16.62 -47.35
CA GLY D 38 -20.13 -16.01 -48.47
C GLY D 38 -19.71 -14.59 -48.18
N LEU D 39 -20.58 -13.80 -47.57
CA LEU D 39 -20.26 -12.42 -47.23
C LEU D 39 -19.10 -12.36 -46.25
N ALA D 40 -19.09 -13.25 -45.27
CA ALA D 40 -17.94 -13.33 -44.38
C ALA D 40 -16.78 -14.03 -45.09
N ARG D 41 -15.58 -13.82 -44.56
CA ARG D 41 -14.34 -14.43 -45.04
C ARG D 41 -13.94 -13.83 -46.39
N ARG D 42 -14.82 -13.05 -46.99
CA ARG D 42 -14.41 -12.09 -48.00
C ARG D 42 -14.07 -10.75 -47.39
N ALA D 43 -14.74 -10.38 -46.31
CA ALA D 43 -14.40 -9.21 -45.54
C ALA D 43 -13.27 -9.51 -44.57
N ASP D 44 -12.70 -8.45 -44.00
CA ASP D 44 -11.56 -8.58 -43.11
C ASP D 44 -12.04 -8.69 -41.65
N ALA D 45 -13.15 -9.38 -41.43
CA ALA D 45 -13.74 -9.49 -40.11
C ALA D 45 -13.49 -10.87 -39.50
N GLU D 46 -13.51 -10.91 -38.17
CA GLU D 46 -13.45 -12.16 -37.42
C GLU D 46 -14.71 -12.28 -36.59
N PHE D 47 -15.47 -13.34 -36.81
CA PHE D 47 -16.77 -13.53 -36.16
C PHE D 47 -16.65 -14.54 -35.02
N TYR D 48 -17.24 -14.21 -33.89
CA TYR D 48 -17.29 -15.07 -32.72
C TYR D 48 -18.73 -15.33 -32.35
N MET D 49 -18.97 -16.48 -31.71
CA MET D 49 -20.32 -16.87 -31.42
C MET D 49 -20.20 -17.81 -30.24
N PRO D 50 -20.91 -17.59 -29.14
CA PRO D 50 -20.77 -18.47 -27.98
C PRO D 50 -21.14 -19.91 -28.34
N GLY D 51 -20.42 -20.85 -27.73
CA GLY D 51 -20.55 -22.25 -28.06
C GLY D 51 -21.95 -22.81 -27.87
N PRO D 52 -22.47 -22.71 -26.64
CA PRO D 52 -23.85 -23.17 -26.40
C PRO D 52 -24.85 -22.50 -27.31
N VAL D 53 -24.60 -21.24 -27.69
CA VAL D 53 -25.49 -20.55 -28.60
C VAL D 53 -25.48 -21.22 -29.97
N TYR D 54 -24.31 -21.61 -30.45
CA TYR D 54 -24.26 -22.37 -31.70
C TYR D 54 -24.99 -23.68 -31.55
N GLN D 55 -24.83 -24.35 -30.42
CA GLN D 55 -25.50 -25.63 -30.23
C GLN D 55 -27.03 -25.47 -30.27
N GLU D 56 -27.54 -24.44 -29.61
CA GLU D 56 -28.99 -24.24 -29.63
C GLU D 56 -29.45 -23.85 -31.04
N LEU D 57 -28.63 -23.08 -31.77
CA LEU D 57 -28.98 -22.76 -33.15
C LEU D 57 -29.07 -24.02 -34.00
N CYS D 58 -28.12 -24.94 -33.80
CA CYS D 58 -28.19 -26.23 -34.47
C CYS D 58 -29.43 -27.01 -34.05
N ASN D 59 -29.89 -26.81 -32.82
CA ASN D 59 -31.16 -27.39 -32.38
C ASN D 59 -32.36 -26.75 -33.06
N LEU D 60 -32.26 -25.46 -33.40
CA LEU D 60 -33.37 -24.77 -34.05
C LEU D 60 -33.42 -25.05 -35.54
N ARG D 61 -32.43 -24.57 -36.28
CA ARG D 61 -32.51 -24.61 -37.74
C ARG D 61 -31.33 -25.28 -38.40
N SER D 62 -30.13 -25.13 -37.87
CA SER D 62 -28.92 -25.53 -38.59
C SER D 62 -28.86 -27.04 -38.73
N MET D 63 -28.24 -27.47 -39.83
CA MET D 63 -27.99 -28.87 -40.12
C MET D 63 -26.52 -29.07 -40.41
N ASP D 64 -26.06 -30.31 -40.22
CA ASP D 64 -24.65 -30.65 -40.26
C ASP D 64 -24.04 -30.53 -41.65
N LEU D 65 -24.88 -30.35 -42.67
CA LEU D 65 -24.39 -30.20 -44.05
C LEU D 65 -23.53 -28.95 -44.18
N ILE D 66 -23.93 -27.86 -43.52
CA ILE D 66 -23.31 -26.55 -43.72
C ILE D 66 -22.37 -26.16 -42.58
N GLY D 67 -22.53 -26.74 -41.39
CA GLY D 67 -21.81 -26.25 -40.22
C GLY D 67 -20.31 -26.25 -40.39
N ALA D 68 -19.79 -27.17 -41.21
CA ALA D 68 -18.34 -27.28 -41.38
C ALA D 68 -17.74 -25.94 -41.82
N GLU D 69 -18.28 -25.35 -42.88
CA GLU D 69 -17.81 -24.03 -43.27
C GLU D 69 -18.22 -22.98 -42.26
N PHE D 70 -19.36 -23.16 -41.58
CA PHE D 70 -19.75 -22.23 -40.53
C PHE D 70 -18.77 -22.29 -39.37
N GLU D 71 -18.19 -23.45 -39.12
CA GLU D 71 -17.15 -23.51 -38.11
C GLU D 71 -15.77 -23.14 -38.66
N THR D 72 -15.63 -23.03 -39.98
CA THR D 72 -14.40 -22.45 -40.54
C THR D 72 -14.38 -20.94 -40.40
N GLU D 73 -15.51 -20.27 -40.65
CA GLU D 73 -15.47 -18.82 -40.65
C GLU D 73 -15.84 -18.21 -39.31
N VAL D 74 -16.71 -18.85 -38.54
CA VAL D 74 -17.18 -18.33 -37.25
C VAL D 74 -16.54 -19.15 -36.15
N TYR D 75 -15.99 -18.48 -35.15
CA TYR D 75 -15.35 -19.16 -34.03
C TYR D 75 -16.40 -19.48 -32.98
N ILE D 76 -16.64 -20.77 -32.76
CA ILE D 76 -17.62 -21.22 -31.76
C ILE D 76 -16.86 -21.32 -30.44
N ARG D 77 -16.73 -20.18 -29.77
CA ARG D 77 -15.92 -20.08 -28.57
C ARG D 77 -16.79 -19.67 -27.39
N SER D 78 -16.58 -20.32 -26.26
CA SER D 78 -17.19 -19.93 -25.00
C SER D 78 -16.39 -18.80 -24.36
N PRO D 79 -17.05 -17.94 -23.58
CA PRO D 79 -16.33 -16.82 -22.94
C PRO D 79 -15.35 -17.32 -21.89
N ARG D 80 -14.36 -16.48 -21.60
CA ARG D 80 -13.42 -16.76 -20.52
C ARG D 80 -14.15 -16.47 -19.21
N ARG D 81 -15.07 -17.37 -18.87
CA ARG D 81 -16.01 -17.07 -17.79
C ARG D 81 -15.38 -17.27 -16.42
N PHE D 82 -14.24 -17.94 -16.37
CA PHE D 82 -13.44 -17.96 -15.16
C PHE D 82 -12.30 -16.95 -15.30
N SER D 83 -11.93 -16.34 -14.19
CA SER D 83 -10.87 -15.35 -14.07
C SER D 83 -11.19 -14.03 -14.75
N MET D 84 -12.40 -13.87 -15.30
CA MET D 84 -12.81 -12.60 -15.90
C MET D 84 -13.42 -11.73 -14.81
N THR D 85 -12.90 -10.52 -14.66
CA THR D 85 -13.26 -9.66 -13.53
C THR D 85 -14.04 -8.47 -14.05
N ILE D 86 -15.35 -8.65 -14.16
CA ILE D 86 -16.25 -7.61 -14.65
C ILE D 86 -16.62 -6.71 -13.49
N PRO D 87 -17.08 -5.48 -13.73
CA PRO D 87 -17.52 -4.64 -12.61
C PRO D 87 -18.70 -5.28 -11.90
N SER D 88 -18.67 -5.20 -10.57
CA SER D 88 -19.67 -5.92 -9.77
C SER D 88 -21.07 -5.43 -10.09
N GLU D 89 -21.24 -4.12 -10.13
CA GLU D 89 -22.54 -3.51 -10.33
C GLU D 89 -23.29 -4.07 -11.53
N VAL D 90 -22.59 -4.70 -12.48
CA VAL D 90 -23.22 -5.29 -13.64
C VAL D 90 -24.40 -6.14 -13.19
N LEU D 91 -24.17 -7.00 -12.19
CA LEU D 91 -25.22 -7.92 -11.79
C LEU D 91 -26.48 -7.16 -11.40
N TYR D 92 -26.29 -6.02 -10.75
CA TYR D 92 -27.42 -5.16 -10.41
C TYR D 92 -28.35 -4.96 -11.60
N GLU D 93 -27.84 -4.42 -12.70
CA GLU D 93 -28.75 -4.22 -13.83
C GLU D 93 -29.16 -5.53 -14.47
N PHE D 94 -28.36 -6.59 -14.31
CA PHE D 94 -28.86 -7.94 -14.55
C PHE D 94 -30.25 -8.10 -13.96
N ILE D 95 -30.36 -7.90 -12.64
CA ILE D 95 -31.65 -7.98 -11.97
C ILE D 95 -32.63 -7.00 -12.62
N GLU D 96 -32.17 -5.78 -12.89
CA GLU D 96 -32.99 -4.84 -13.63
C GLU D 96 -33.47 -5.49 -14.92
N GLU D 97 -32.52 -6.01 -15.70
CA GLU D 97 -32.85 -6.74 -16.93
C GLU D 97 -33.74 -7.93 -16.64
N VAL D 98 -33.48 -8.64 -15.53
CA VAL D 98 -34.32 -9.79 -15.19
C VAL D 98 -35.77 -9.35 -15.13
N ARG D 99 -36.04 -8.20 -14.51
CA ARG D 99 -37.40 -7.69 -14.48
C ARG D 99 -37.95 -7.54 -15.88
N THR D 100 -37.21 -6.85 -16.74
CA THR D 100 -37.67 -6.62 -18.11
C THR D 100 -37.74 -7.91 -18.93
N ARG D 101 -37.49 -9.07 -18.31
CA ARG D 101 -37.61 -10.35 -18.99
C ARG D 101 -38.54 -11.33 -18.27
N ILE D 102 -39.35 -10.87 -17.31
CA ILE D 102 -40.15 -11.82 -16.54
C ILE D 102 -41.35 -12.30 -17.35
N GLN D 103 -42.24 -11.38 -17.73
CA GLN D 103 -43.47 -11.69 -18.47
C GLN D 103 -44.32 -12.74 -17.77
N GLU D 136 -45.10 -21.07 -15.74
CA GLU D 136 -43.89 -21.84 -16.00
C GLU D 136 -43.03 -21.22 -17.09
N ALA D 137 -43.48 -20.09 -17.66
CA ALA D 137 -42.70 -19.38 -18.67
C ALA D 137 -41.48 -18.68 -18.08
N MET D 138 -41.42 -18.54 -16.76
CA MET D 138 -40.28 -17.90 -16.13
C MET D 138 -38.99 -18.67 -16.38
N ARG D 139 -39.05 -19.99 -16.50
CA ARG D 139 -37.85 -20.77 -16.82
C ARG D 139 -37.33 -20.41 -18.21
N ARG D 140 -38.23 -20.24 -19.18
CA ARG D 140 -37.81 -19.77 -20.49
C ARG D 140 -37.17 -18.39 -20.40
N GLY D 141 -37.77 -17.49 -19.61
CA GLY D 141 -37.17 -16.18 -19.41
C GLY D 141 -35.77 -16.26 -18.81
N ILE D 142 -35.56 -17.20 -17.88
CA ILE D 142 -34.25 -17.35 -17.26
C ILE D 142 -33.24 -17.91 -18.24
N LEU D 143 -33.66 -18.86 -19.08
CA LEU D 143 -32.75 -19.34 -20.12
C LEU D 143 -32.36 -18.21 -21.06
N ASP D 144 -33.33 -17.38 -21.44
CA ASP D 144 -33.03 -16.22 -22.28
C ASP D 144 -32.01 -15.31 -21.61
N SER D 145 -32.19 -15.04 -20.31
CA SER D 145 -31.25 -14.20 -19.59
C SER D 145 -29.86 -14.81 -19.58
N ARG D 146 -29.78 -16.13 -19.36
CA ARG D 146 -28.49 -16.80 -19.31
C ARG D 146 -27.76 -16.67 -20.64
N GLU D 147 -28.46 -16.93 -21.75
CA GLU D 147 -27.81 -16.87 -23.05
C GLU D 147 -27.43 -15.43 -23.43
N ASP D 148 -28.29 -14.46 -23.08
CA ASP D 148 -27.95 -13.06 -23.34
C ASP D 148 -26.68 -12.68 -22.59
N ILE D 149 -26.55 -13.13 -21.34
CA ILE D 149 -25.33 -12.84 -20.59
C ILE D 149 -24.13 -13.53 -21.23
N ASP D 150 -24.31 -14.74 -21.75
CA ASP D 150 -23.23 -15.39 -22.48
C ASP D 150 -22.70 -14.48 -23.59
N VAL D 151 -23.61 -14.00 -24.44
CA VAL D 151 -23.19 -13.20 -25.59
C VAL D 151 -22.53 -11.91 -25.13
N VAL D 152 -23.16 -11.21 -24.19
CA VAL D 152 -22.66 -9.91 -23.76
C VAL D 152 -21.29 -10.05 -23.10
N LEU D 153 -21.10 -11.11 -22.31
CA LEU D 153 -19.80 -11.27 -21.66
C LEU D 153 -18.72 -11.66 -22.66
N LEU D 154 -19.06 -12.44 -23.69
CA LEU D 154 -18.04 -12.71 -24.69
C LEU D 154 -17.61 -11.41 -25.37
N ALA D 155 -18.58 -10.56 -25.71
CA ALA D 155 -18.24 -9.29 -26.35
C ALA D 155 -17.38 -8.43 -25.43
N TYR D 156 -17.73 -8.37 -24.15
CA TYR D 156 -16.94 -7.58 -23.20
C TYR D 156 -15.53 -8.13 -23.07
N GLU D 157 -15.40 -9.45 -23.11
CA GLU D 157 -14.07 -10.06 -23.06
C GLU D 157 -13.23 -9.63 -24.25
N LEU D 158 -13.76 -9.79 -25.45
CA LEU D 158 -12.98 -9.55 -26.66
C LEU D 158 -13.03 -8.10 -27.13
N ASP D 159 -13.88 -7.26 -26.54
CA ASP D 159 -14.04 -5.87 -26.96
C ASP D 159 -14.46 -5.79 -28.43
N ALA D 160 -15.30 -6.70 -28.88
CA ALA D 160 -15.70 -6.73 -30.27
C ALA D 160 -16.98 -5.95 -30.48
N THR D 161 -17.37 -5.80 -31.73
CA THR D 161 -18.62 -5.14 -32.09
C THR D 161 -19.74 -6.15 -31.92
N LEU D 162 -20.62 -5.89 -30.97
CA LEU D 162 -21.76 -6.76 -30.76
C LEU D 162 -22.80 -6.52 -31.84
N VAL D 163 -23.44 -7.60 -32.30
CA VAL D 163 -24.58 -7.47 -33.20
C VAL D 163 -25.73 -8.32 -32.65
N SER D 164 -26.89 -7.69 -32.46
CA SER D 164 -28.04 -8.38 -31.91
C SER D 164 -29.27 -7.51 -32.08
N ALA D 165 -30.38 -8.13 -32.49
CA ALA D 165 -31.61 -7.39 -32.74
C ALA D 165 -32.32 -6.96 -31.46
N ASP D 166 -31.97 -7.56 -30.33
CA ASP D 166 -32.68 -7.30 -29.07
C ASP D 166 -32.39 -5.89 -28.59
N GLU D 167 -33.38 -5.00 -28.66
CA GLU D 167 -33.25 -3.70 -28.02
C GLU D 167 -33.00 -3.84 -26.52
N GLY D 168 -33.48 -4.93 -25.91
CA GLY D 168 -33.15 -5.19 -24.53
C GLY D 168 -31.67 -5.43 -24.34
N MET D 169 -31.06 -6.25 -25.19
CA MET D 169 -29.64 -6.52 -25.08
C MET D 169 -28.81 -5.35 -25.60
N ARG D 170 -29.31 -4.64 -26.61
CA ARG D 170 -28.59 -3.47 -27.12
C ARG D 170 -28.48 -2.37 -26.07
N LYS D 171 -29.57 -2.13 -25.34
CA LYS D 171 -29.50 -1.15 -24.26
C LYS D 171 -28.48 -1.56 -23.21
N PHE D 172 -28.49 -2.84 -22.84
CA PHE D 172 -27.56 -3.34 -21.84
C PHE D 172 -26.11 -3.17 -22.31
N ALA D 173 -25.86 -3.49 -23.59
CA ALA D 173 -24.52 -3.38 -24.12
C ALA D 173 -24.07 -1.92 -24.19
N GLU D 174 -25.00 -1.02 -24.53
CA GLU D 174 -24.65 0.40 -24.52
C GLU D 174 -24.26 0.85 -23.12
N ARG D 175 -25.03 0.43 -22.11
CA ARG D 175 -24.73 0.84 -20.74
C ARG D 175 -23.39 0.29 -20.29
N ILE D 176 -23.18 -1.02 -20.44
CA ILE D 176 -21.93 -1.59 -19.95
C ILE D 176 -20.74 -1.07 -20.74
N GLY D 177 -20.93 -0.71 -22.01
CA GLY D 177 -19.81 -0.24 -22.81
C GLY D 177 -19.31 -1.19 -23.89
N ILE D 178 -20.24 -1.78 -24.64
CA ILE D 178 -19.90 -2.62 -25.78
C ILE D 178 -20.12 -1.84 -27.06
N LYS D 179 -19.24 -2.01 -28.03
CA LYS D 179 -19.48 -1.46 -29.35
C LYS D 179 -20.74 -2.07 -29.95
N LEU D 180 -21.48 -1.27 -30.70
CA LEU D 180 -22.78 -1.70 -31.20
C LEU D 180 -22.84 -1.55 -32.71
N VAL D 181 -23.83 -2.22 -33.29
CA VAL D 181 -24.19 -2.02 -34.69
C VAL D 181 -25.69 -2.21 -34.81
N ASN D 182 -26.34 -1.32 -35.53
CA ASN D 182 -27.75 -1.53 -35.83
C ASN D 182 -27.83 -2.71 -36.78
N PRO D 183 -28.26 -3.89 -36.32
CA PRO D 183 -28.08 -5.10 -37.14
C PRO D 183 -28.85 -5.07 -38.44
N ARG D 184 -29.84 -4.18 -38.58
CA ARG D 184 -30.49 -4.01 -39.87
C ARG D 184 -29.49 -3.64 -40.95
N TYR D 185 -28.38 -3.03 -40.58
CA TYR D 185 -27.31 -2.73 -41.52
C TYR D 185 -26.22 -3.78 -41.52
N LEU D 186 -26.47 -4.97 -40.97
CA LEU D 186 -25.41 -5.97 -40.84
C LEU D 186 -24.85 -6.35 -42.20
N ARG D 187 -25.71 -6.61 -43.19
CA ARG D 187 -25.19 -6.83 -44.54
C ARG D 187 -24.54 -5.57 -45.07
N GLY D 188 -25.15 -4.41 -44.81
CA GLY D 188 -24.53 -3.16 -45.16
C GLY D 188 -23.20 -2.96 -44.47
N VAL D 189 -22.98 -3.68 -43.37
CA VAL D 189 -21.64 -3.71 -42.75
C VAL D 189 -20.75 -4.70 -43.48
N MET D 190 -21.31 -5.84 -43.91
CA MET D 190 -20.50 -6.87 -44.56
C MET D 190 -19.87 -6.35 -45.85
N GLN D 191 -20.67 -5.75 -46.72
CA GLN D 191 -20.08 -4.93 -47.76
C GLN D 191 -19.56 -3.65 -47.12
N ASN D 192 -18.62 -3.00 -47.80
CA ASN D 192 -17.75 -1.95 -47.29
C ASN D 192 -16.68 -2.52 -46.38
N LEU D 193 -16.78 -3.79 -46.00
CA LEU D 193 -15.71 -4.49 -45.32
C LEU D 193 -14.87 -5.31 -46.30
N ALA D 194 -15.20 -5.24 -47.59
CA ALA D 194 -14.41 -5.80 -48.68
C ALA D 194 -13.86 -7.19 -48.41
N SER E 6 -2.56 3.73 -33.06
CA SER E 6 -2.58 4.45 -34.32
C SER E 6 -3.04 5.89 -34.14
N ARG E 7 -4.35 6.11 -34.22
CA ARG E 7 -4.95 7.42 -34.06
C ARG E 7 -6.44 7.25 -33.90
N ARG E 8 -6.98 7.79 -32.81
CA ARG E 8 -8.39 7.60 -32.46
C ARG E 8 -9.07 8.95 -32.36
N PHE E 9 -10.27 9.06 -32.92
CA PHE E 9 -11.03 10.29 -32.91
C PHE E 9 -12.39 10.06 -32.27
N VAL E 10 -12.80 10.98 -31.42
CA VAL E 10 -14.12 10.99 -30.81
C VAL E 10 -14.86 12.20 -31.34
N LEU E 11 -15.91 11.94 -32.10
CA LEU E 11 -16.69 12.96 -32.74
C LEU E 11 -17.71 13.57 -31.79
N ASP E 12 -18.34 14.62 -32.29
CA ASP E 12 -19.54 15.19 -31.71
C ASP E 12 -20.54 15.38 -32.83
N THR E 13 -21.82 15.19 -32.51
CA THR E 13 -22.84 15.47 -33.51
C THR E 13 -22.85 16.93 -33.90
N SER E 14 -22.27 17.81 -33.07
CA SER E 14 -22.08 19.18 -33.49
C SER E 14 -21.20 19.26 -34.72
N VAL E 15 -20.25 18.34 -34.87
CA VAL E 15 -19.35 18.37 -36.02
C VAL E 15 -20.13 18.25 -37.31
N PHE E 16 -21.07 17.31 -37.36
CA PHE E 16 -21.91 17.18 -38.54
C PHE E 16 -23.09 18.15 -38.54
N THR E 17 -23.36 18.83 -37.43
CA THR E 17 -24.53 19.68 -37.30
C THR E 17 -24.19 21.16 -37.31
N ASN E 18 -23.12 21.57 -36.65
CA ASN E 18 -22.75 22.98 -36.62
C ASN E 18 -22.52 23.46 -38.06
N PRO E 19 -23.14 24.57 -38.47
CA PRO E 19 -23.06 24.97 -39.87
C PRO E 19 -21.65 25.19 -40.38
N ASP E 20 -20.74 25.67 -39.52
CA ASP E 20 -19.48 26.21 -40.03
C ASP E 20 -18.53 25.13 -40.47
N VAL E 21 -18.59 23.95 -39.85
CA VAL E 21 -17.49 23.00 -40.02
C VAL E 21 -17.84 21.91 -41.02
N TYR E 22 -19.13 21.62 -41.23
CA TYR E 22 -19.42 20.53 -42.17
C TYR E 22 -19.22 21.01 -43.60
N LEU E 23 -19.52 22.28 -43.87
CA LEU E 23 -19.45 22.81 -45.23
C LEU E 23 -18.05 22.64 -45.79
N ARG E 24 -17.04 22.63 -44.92
CA ARG E 24 -15.67 22.38 -45.37
C ARG E 24 -15.53 20.97 -45.93
N PHE E 25 -16.41 20.06 -45.52
CA PHE E 25 -16.45 18.74 -46.14
C PHE E 25 -17.10 18.80 -47.51
N ASP E 26 -18.27 19.42 -47.58
CA ASP E 26 -18.96 19.71 -48.85
C ASP E 26 -20.17 20.56 -48.52
N GLU E 27 -20.74 21.17 -49.56
CA GLU E 27 -21.84 22.11 -49.35
C GLU E 27 -23.11 21.41 -48.88
N GLU E 28 -23.41 20.25 -49.45
CA GLU E 28 -24.59 19.50 -49.03
C GLU E 28 -24.29 18.75 -47.73
N PRO E 29 -25.06 18.99 -46.66
CA PRO E 29 -24.81 18.27 -45.40
C PRO E 29 -24.81 16.75 -45.54
N MET E 30 -25.74 16.19 -46.32
CA MET E 30 -25.70 14.75 -46.55
C MET E 30 -24.44 14.38 -47.34
N GLN E 31 -24.13 15.14 -48.39
CA GLN E 31 -22.87 14.91 -49.08
C GLN E 31 -21.70 15.26 -48.17
N ALA E 32 -21.89 16.14 -47.20
CA ALA E 32 -20.83 16.38 -46.23
C ALA E 32 -20.53 15.12 -45.44
N ILE E 33 -21.58 14.44 -44.96
CA ILE E 33 -21.35 13.18 -44.27
C ILE E 33 -20.71 12.17 -45.21
N SER E 34 -21.18 12.12 -46.46
CA SER E 34 -20.66 11.12 -47.39
C SER E 34 -19.18 11.34 -47.68
N VAL E 35 -18.77 12.60 -47.87
CA VAL E 35 -17.37 12.86 -48.14
C VAL E 35 -16.54 12.69 -46.88
N PHE E 36 -17.12 12.91 -45.71
CA PHE E 36 -16.39 12.59 -44.48
C PHE E 36 -16.11 11.10 -44.42
N LEU E 37 -17.11 10.28 -44.74
CA LEU E 37 -16.88 8.84 -44.81
C LEU E 37 -15.84 8.50 -45.87
N GLY E 38 -15.84 9.22 -46.98
CA GLY E 38 -14.84 8.97 -48.00
C GLY E 38 -13.44 9.26 -47.52
N LEU E 39 -13.25 10.38 -46.82
CA LEU E 39 -11.95 10.66 -46.23
C LEU E 39 -11.59 9.62 -45.18
N ALA E 40 -12.55 9.25 -44.34
CA ALA E 40 -12.38 8.09 -43.49
C ALA E 40 -12.36 6.83 -44.35
N ARG E 41 -12.11 5.69 -43.70
CA ARG E 41 -11.99 4.39 -44.39
C ARG E 41 -10.70 4.36 -45.19
N ARG E 42 -10.07 5.52 -45.36
CA ARG E 42 -8.79 5.63 -46.03
C ARG E 42 -7.70 6.13 -45.10
N ALA E 43 -8.06 6.80 -44.01
CA ALA E 43 -7.10 7.23 -43.03
C ALA E 43 -6.75 6.09 -42.10
N ASP E 44 -5.61 6.22 -41.44
CA ASP E 44 -5.15 5.23 -40.47
C ASP E 44 -5.78 5.44 -39.11
N ALA E 45 -6.92 6.10 -39.06
CA ALA E 45 -7.53 6.50 -37.80
C ALA E 45 -8.79 5.68 -37.55
N GLU E 46 -9.18 5.67 -36.28
CA GLU E 46 -10.38 5.00 -35.82
C GLU E 46 -11.33 6.05 -35.28
N PHE E 47 -12.60 5.93 -35.61
CA PHE E 47 -13.59 6.93 -35.23
C PHE E 47 -14.60 6.32 -34.28
N TYR E 48 -14.74 6.91 -33.11
CA TYR E 48 -15.69 6.48 -32.11
C TYR E 48 -16.74 7.56 -31.92
N MET E 49 -17.94 7.14 -31.53
CA MET E 49 -18.99 8.10 -31.31
C MET E 49 -19.91 7.53 -30.25
N PRO E 50 -20.29 8.30 -29.25
CA PRO E 50 -21.20 7.78 -28.22
C PRO E 50 -22.57 7.47 -28.81
N GLY E 51 -23.24 6.52 -28.18
CA GLY E 51 -24.58 6.15 -28.60
C GLY E 51 -25.57 7.29 -28.55
N PRO E 52 -25.63 8.03 -27.43
CA PRO E 52 -26.55 9.18 -27.38
C PRO E 52 -26.28 10.22 -28.44
N VAL E 53 -25.02 10.55 -28.68
CA VAL E 53 -24.69 11.52 -29.73
C VAL E 53 -25.08 10.96 -31.09
N TYR E 54 -24.82 9.66 -31.30
CA TYR E 54 -25.23 9.02 -32.54
C TYR E 54 -26.73 9.18 -32.77
N GLN E 55 -27.54 8.92 -31.75
CA GLN E 55 -28.98 8.92 -31.97
C GLN E 55 -29.52 10.33 -32.05
N GLU E 56 -28.89 11.30 -31.39
CA GLU E 56 -29.26 12.69 -31.60
C GLU E 56 -28.95 13.11 -33.03
N LEU E 57 -27.82 12.64 -33.58
CA LEU E 57 -27.55 12.90 -34.99
C LEU E 57 -28.60 12.23 -35.87
N CYS E 58 -28.94 10.98 -35.56
CA CYS E 58 -29.94 10.26 -36.34
C CYS E 58 -31.27 11.01 -36.31
N ASN E 59 -31.54 11.73 -35.21
CA ASN E 59 -32.69 12.62 -35.16
C ASN E 59 -32.53 13.82 -36.09
N LEU E 60 -31.33 14.02 -36.65
CA LEU E 60 -31.16 15.14 -37.57
C LEU E 60 -31.34 14.72 -39.03
N ARG E 61 -30.48 13.82 -39.52
CA ARG E 61 -30.43 13.59 -40.96
C ARG E 61 -30.28 12.14 -41.39
N SER E 62 -29.78 11.23 -40.55
CA SER E 62 -29.26 9.96 -41.03
C SER E 62 -30.35 9.06 -41.59
N MET E 63 -30.03 8.42 -42.71
CA MET E 63 -30.87 7.41 -43.35
C MET E 63 -30.02 6.20 -43.72
N ASP E 64 -30.66 5.21 -44.33
CA ASP E 64 -30.01 3.92 -44.56
C ASP E 64 -28.81 4.06 -45.50
N LEU E 65 -28.95 4.87 -46.55
CA LEU E 65 -27.93 4.96 -47.59
C LEU E 65 -26.59 5.36 -46.99
N ILE E 66 -26.56 6.45 -46.23
CA ILE E 66 -25.35 6.79 -45.49
C ILE E 66 -25.15 5.81 -44.35
N GLY E 67 -26.25 5.44 -43.68
CA GLY E 67 -26.15 4.78 -42.39
C GLY E 67 -25.32 3.52 -42.42
N ALA E 68 -25.43 2.75 -43.50
CA ALA E 68 -24.63 1.52 -43.59
C ALA E 68 -23.15 1.81 -43.39
N GLU E 69 -22.54 2.59 -44.29
CA GLU E 69 -21.10 2.82 -44.18
C GLU E 69 -20.78 3.69 -42.98
N PHE E 70 -21.62 4.69 -42.67
CA PHE E 70 -21.37 5.52 -41.52
C PHE E 70 -21.35 4.73 -40.24
N GLU E 71 -21.93 3.54 -40.24
CA GLU E 71 -21.83 2.70 -39.06
C GLU E 71 -20.74 1.65 -39.21
N THR E 72 -20.34 1.36 -40.45
CA THR E 72 -19.20 0.47 -40.64
C THR E 72 -17.90 1.11 -40.17
N GLU E 73 -17.61 2.33 -40.62
CA GLU E 73 -16.36 2.99 -40.26
C GLU E 73 -16.48 3.98 -39.12
N VAL E 74 -17.56 3.92 -38.35
CA VAL E 74 -17.64 4.66 -37.09
C VAL E 74 -18.19 3.71 -36.03
N TYR E 75 -17.41 3.47 -34.99
CA TYR E 75 -17.83 2.61 -33.88
C TYR E 75 -18.76 3.41 -32.99
N ILE E 76 -20.04 3.06 -33.00
CA ILE E 76 -20.95 3.74 -32.09
C ILE E 76 -20.78 3.10 -30.73
N ARG E 77 -19.86 3.62 -29.93
CA ARG E 77 -19.56 3.06 -28.63
C ARG E 77 -19.73 4.12 -27.55
N SER E 78 -20.35 3.75 -26.49
CA SER E 78 -20.55 4.52 -25.28
C SER E 78 -19.32 4.44 -24.39
N PRO E 79 -19.06 5.43 -23.53
CA PRO E 79 -17.95 5.32 -22.60
C PRO E 79 -18.20 4.18 -21.65
N ARG E 80 -17.13 3.62 -21.10
CA ARG E 80 -17.31 2.59 -20.08
C ARG E 80 -17.70 3.27 -18.78
N ARG E 81 -18.86 3.94 -18.79
CA ARG E 81 -19.38 4.64 -17.62
C ARG E 81 -19.23 3.79 -16.37
N PHE E 82 -19.54 2.51 -16.48
CA PHE E 82 -19.36 1.58 -15.38
C PHE E 82 -17.88 1.27 -15.24
N SER E 83 -17.37 1.36 -14.02
CA SER E 83 -15.97 1.07 -13.69
C SER E 83 -14.98 1.98 -14.39
N MET E 84 -15.11 3.30 -14.24
CA MET E 84 -14.06 4.24 -14.57
C MET E 84 -13.99 5.27 -13.45
N THR E 85 -12.81 5.84 -13.22
CA THR E 85 -12.58 6.70 -12.07
C THR E 85 -12.19 8.09 -12.53
N ILE E 86 -13.16 8.99 -12.62
CA ILE E 86 -12.87 10.38 -12.93
C ILE E 86 -12.32 11.03 -11.67
N PRO E 87 -11.59 12.14 -11.78
CA PRO E 87 -11.14 12.82 -10.57
C PRO E 87 -12.18 13.81 -10.09
N SER E 88 -12.18 14.04 -8.77
CA SER E 88 -13.32 14.68 -8.12
C SER E 88 -13.58 16.07 -8.68
N GLU E 89 -12.52 16.85 -8.88
CA GLU E 89 -12.71 18.24 -9.28
C GLU E 89 -13.50 18.34 -10.57
N VAL E 90 -13.39 17.34 -11.45
CA VAL E 90 -14.20 17.31 -12.66
C VAL E 90 -15.65 17.62 -12.34
N LEU E 91 -16.21 16.89 -11.38
CA LEU E 91 -17.61 17.10 -11.00
C LEU E 91 -17.85 18.55 -10.65
N TYR E 92 -17.00 19.12 -9.79
CA TYR E 92 -17.14 20.53 -9.44
C TYR E 92 -17.10 21.39 -10.69
N GLU E 93 -16.14 21.12 -11.58
CA GLU E 93 -16.05 21.90 -12.81
C GLU E 93 -17.34 21.83 -13.58
N PHE E 94 -17.95 20.63 -13.65
CA PHE E 94 -19.18 20.48 -14.39
C PHE E 94 -20.23 21.47 -13.92
N ILE E 95 -20.25 21.76 -12.61
CA ILE E 95 -21.20 22.70 -12.05
C ILE E 95 -21.11 24.04 -12.76
N GLU E 96 -19.89 24.57 -12.91
CA GLU E 96 -19.76 25.86 -13.55
C GLU E 96 -20.17 25.81 -15.02
N GLU E 97 -20.09 24.64 -15.64
CA GLU E 97 -20.62 24.50 -17.00
C GLU E 97 -22.13 24.71 -17.01
N VAL E 98 -22.82 24.18 -15.99
CA VAL E 98 -24.24 24.47 -15.85
C VAL E 98 -24.45 25.97 -15.64
N ARG E 99 -23.45 26.66 -15.09
CA ARG E 99 -23.49 28.11 -15.03
C ARG E 99 -23.46 28.73 -16.42
N THR E 100 -22.64 28.18 -17.32
CA THR E 100 -22.64 28.66 -18.70
C THR E 100 -23.86 28.16 -19.45
N ARG E 101 -24.36 26.98 -19.10
CA ARG E 101 -25.50 26.37 -19.78
C ARG E 101 -26.83 26.78 -19.15
N ILE E 102 -26.89 28.00 -18.63
CA ILE E 102 -28.16 28.53 -18.11
C ILE E 102 -29.21 28.55 -19.22
N GLN E 103 -28.84 29.04 -20.39
CA GLN E 103 -29.68 29.09 -21.59
C GLN E 103 -31.15 29.39 -21.32
N GLU E 136 -37.36 27.77 -19.73
CA GLU E 136 -37.85 26.92 -20.81
C GLU E 136 -36.81 25.89 -21.25
N ALA E 137 -35.64 26.35 -21.69
CA ALA E 137 -34.62 25.50 -22.30
C ALA E 137 -33.80 24.73 -21.27
N MET E 138 -33.96 25.05 -19.98
CA MET E 138 -33.13 24.41 -18.96
C MET E 138 -33.19 22.90 -19.03
N ARG E 139 -34.38 22.33 -19.26
CA ARG E 139 -34.50 20.88 -19.41
C ARG E 139 -33.55 20.36 -20.48
N ARG E 140 -33.61 20.93 -21.68
CA ARG E 140 -32.68 20.54 -22.73
C ARG E 140 -31.25 20.65 -22.24
N GLY E 141 -30.92 21.77 -21.58
CA GLY E 141 -29.57 21.94 -21.07
C GLY E 141 -29.13 20.78 -20.20
N ILE E 142 -30.01 20.35 -19.29
CA ILE E 142 -29.67 19.22 -18.45
C ILE E 142 -29.41 17.98 -19.30
N LEU E 143 -30.29 17.70 -20.26
CA LEU E 143 -30.02 16.58 -21.15
C LEU E 143 -28.72 16.80 -21.91
N ASP E 144 -28.48 18.05 -22.34
CA ASP E 144 -27.17 18.40 -22.89
C ASP E 144 -26.07 17.72 -22.10
N SER E 145 -25.99 18.03 -20.80
CA SER E 145 -24.96 17.46 -19.96
C SER E 145 -24.76 15.98 -20.25
N ARG E 146 -25.83 15.18 -20.09
CA ARG E 146 -25.66 13.74 -20.28
C ARG E 146 -24.99 13.45 -21.61
N GLU E 147 -25.62 13.85 -22.71
CA GLU E 147 -25.02 13.51 -23.99
C GLU E 147 -23.62 14.08 -24.07
N ASP E 148 -23.47 15.35 -23.73
CA ASP E 148 -22.15 15.96 -23.79
C ASP E 148 -21.15 15.17 -22.97
N ILE E 149 -21.53 14.80 -21.75
CA ILE E 149 -20.52 14.23 -20.86
C ILE E 149 -20.02 12.92 -21.45
N ASP E 150 -20.91 12.16 -22.11
CA ASP E 150 -20.45 10.90 -22.70
C ASP E 150 -19.24 11.14 -23.59
N VAL E 151 -19.36 12.11 -24.50
CA VAL E 151 -18.23 12.42 -25.38
C VAL E 151 -16.95 12.55 -24.56
N VAL E 152 -16.95 13.46 -23.59
CA VAL E 152 -15.72 13.68 -22.84
C VAL E 152 -15.28 12.38 -22.18
N LEU E 153 -16.21 11.71 -21.49
CA LEU E 153 -15.81 10.48 -20.83
C LEU E 153 -15.22 9.50 -21.82
N LEU E 154 -15.87 9.35 -22.97
CA LEU E 154 -15.35 8.43 -23.97
C LEU E 154 -13.92 8.76 -24.28
N ALA E 155 -13.64 10.04 -24.56
CA ALA E 155 -12.27 10.44 -24.83
C ALA E 155 -11.36 10.08 -23.67
N TYR E 156 -11.76 10.47 -22.45
CA TYR E 156 -10.93 10.20 -21.28
C TYR E 156 -10.62 8.72 -21.17
N GLU E 157 -11.55 7.87 -21.60
CA GLU E 157 -11.31 6.44 -21.48
C GLU E 157 -10.29 5.97 -22.50
N LEU E 158 -10.42 6.44 -23.73
CA LEU E 158 -9.58 5.95 -24.81
C LEU E 158 -8.28 6.74 -24.92
N ASP E 159 -8.16 7.84 -24.20
CA ASP E 159 -7.13 8.83 -24.45
C ASP E 159 -7.18 9.26 -25.91
N ALA E 160 -8.39 9.42 -26.43
CA ALA E 160 -8.60 9.65 -27.84
C ALA E 160 -8.37 11.12 -28.16
N THR E 161 -8.68 11.51 -29.38
CA THR E 161 -8.59 12.90 -29.81
C THR E 161 -10.00 13.43 -29.98
N LEU E 162 -10.35 14.45 -29.22
CA LEU E 162 -11.70 14.99 -29.23
C LEU E 162 -11.86 16.00 -30.34
N VAL E 163 -12.97 15.92 -31.07
CA VAL E 163 -13.31 16.97 -32.03
C VAL E 163 -14.70 17.48 -31.75
N SER E 164 -14.82 18.80 -31.57
CA SER E 164 -16.09 19.44 -31.28
C SER E 164 -16.00 20.95 -31.45
N ALA E 165 -16.92 21.53 -32.22
CA ALA E 165 -16.93 22.96 -32.40
C ALA E 165 -17.39 23.71 -31.16
N ASP E 166 -17.94 23.01 -30.17
CA ASP E 166 -18.46 23.64 -28.97
C ASP E 166 -17.32 24.24 -28.17
N GLU E 167 -17.33 25.55 -28.01
CA GLU E 167 -16.28 26.22 -27.25
C GLU E 167 -16.28 25.75 -25.80
N GLY E 168 -17.46 25.61 -25.21
CA GLY E 168 -17.51 25.14 -23.83
C GLY E 168 -16.94 23.74 -23.68
N MET E 169 -17.28 22.84 -24.59
CA MET E 169 -16.75 21.50 -24.54
C MET E 169 -15.24 21.50 -24.67
N ARG E 170 -14.70 22.30 -25.59
CA ARG E 170 -13.26 22.31 -25.77
C ARG E 170 -12.55 22.91 -24.57
N LYS E 171 -13.14 23.94 -23.94
CA LYS E 171 -12.55 24.46 -22.72
C LYS E 171 -12.55 23.42 -21.62
N PHE E 172 -13.66 22.71 -21.45
CA PHE E 172 -13.73 21.69 -20.42
C PHE E 172 -12.71 20.59 -20.67
N ALA E 173 -12.59 20.16 -21.93
CA ALA E 173 -11.61 19.13 -22.25
C ALA E 173 -10.20 19.61 -22.02
N GLU E 174 -9.91 20.87 -22.39
CA GLU E 174 -8.56 21.39 -22.18
C GLU E 174 -8.20 21.40 -20.71
N ARG E 175 -9.17 21.74 -19.85
CA ARG E 175 -8.89 21.68 -18.43
C ARG E 175 -8.68 20.24 -17.96
N ILE E 176 -9.55 19.33 -18.38
CA ILE E 176 -9.52 17.98 -17.84
C ILE E 176 -8.36 17.14 -18.37
N GLY E 177 -7.77 17.50 -19.50
CA GLY E 177 -6.64 16.75 -20.02
C GLY E 177 -6.93 15.83 -21.19
N ILE E 178 -7.65 16.33 -22.19
CA ILE E 178 -8.05 15.56 -23.36
C ILE E 178 -7.33 16.10 -24.58
N LYS E 179 -6.84 15.19 -25.43
CA LYS E 179 -6.26 15.62 -26.69
C LYS E 179 -7.32 16.32 -27.53
N LEU E 180 -6.94 17.45 -28.12
CA LEU E 180 -7.88 18.31 -28.81
C LEU E 180 -7.43 18.59 -30.23
N VAL E 181 -8.39 18.80 -31.11
CA VAL E 181 -8.13 19.23 -32.48
C VAL E 181 -9.27 20.14 -32.90
N ASN E 182 -8.93 21.33 -33.38
CA ASN E 182 -9.96 22.25 -33.85
C ASN E 182 -10.70 21.62 -35.02
N PRO E 183 -12.03 21.51 -34.97
CA PRO E 183 -12.75 20.87 -36.07
C PRO E 183 -12.67 21.64 -37.37
N ARG E 184 -12.35 22.93 -37.34
CA ARG E 184 -12.20 23.67 -38.58
C ARG E 184 -11.10 23.09 -39.44
N TYR E 185 -10.15 22.39 -38.83
CA TYR E 185 -9.08 21.72 -39.56
C TYR E 185 -9.36 20.24 -39.79
N LEU E 186 -10.53 19.75 -39.36
CA LEU E 186 -10.76 18.31 -39.34
C LEU E 186 -10.48 17.69 -40.70
N ARG E 187 -11.03 18.28 -41.77
CA ARG E 187 -10.80 17.73 -43.10
C ARG E 187 -9.32 17.54 -43.37
N GLY E 188 -8.53 18.59 -43.17
CA GLY E 188 -7.10 18.46 -43.42
C GLY E 188 -6.48 17.36 -42.60
N VAL E 189 -6.90 17.23 -41.34
CA VAL E 189 -6.36 16.17 -40.50
C VAL E 189 -6.72 14.81 -41.06
N MET E 190 -7.94 14.68 -41.58
CA MET E 190 -8.30 13.47 -42.31
C MET E 190 -7.52 13.36 -43.61
N GLN E 191 -7.29 14.48 -44.30
CA GLN E 191 -6.60 14.46 -45.58
C GLN E 191 -5.19 13.95 -45.41
N ASN E 192 -4.48 14.40 -44.38
CA ASN E 192 -3.08 14.07 -44.27
C ASN E 192 -2.87 12.64 -43.84
N LEU E 193 -3.82 12.07 -43.11
CA LEU E 193 -3.72 10.65 -42.79
C LEU E 193 -3.96 9.83 -44.05
N ALA E 194 -2.87 9.36 -44.66
CA ALA E 194 -2.96 8.56 -45.87
C ALA E 194 -1.68 7.74 -46.08
N ARG F 7 -5.27 -15.28 -10.69
CA ARG F 7 -5.96 -16.46 -10.22
C ARG F 7 -4.96 -17.53 -9.78
N ARG F 8 -4.98 -17.86 -8.49
CA ARG F 8 -4.00 -18.76 -7.91
C ARG F 8 -4.70 -19.93 -7.23
N PHE F 9 -4.17 -21.13 -7.43
CA PHE F 9 -4.74 -22.35 -6.90
C PHE F 9 -3.73 -23.07 -6.04
N VAL F 10 -4.22 -23.79 -5.03
CA VAL F 10 -3.36 -24.47 -4.06
C VAL F 10 -3.73 -25.94 -4.11
N LEU F 11 -2.88 -26.75 -4.71
CA LEU F 11 -3.22 -28.15 -4.87
C LEU F 11 -3.02 -28.92 -3.58
N ASP F 12 -3.43 -30.17 -3.60
CA ASP F 12 -3.29 -31.09 -2.47
C ASP F 12 -3.13 -32.50 -3.02
N THR F 13 -2.52 -33.37 -2.22
CA THR F 13 -2.22 -34.72 -2.70
C THR F 13 -3.48 -35.47 -3.12
N SER F 14 -4.61 -35.20 -2.45
CA SER F 14 -5.85 -35.90 -2.79
C SER F 14 -6.22 -35.70 -4.25
N VAL F 15 -5.81 -34.57 -4.84
CA VAL F 15 -6.11 -34.30 -6.23
C VAL F 15 -5.65 -35.46 -7.11
N PHE F 16 -4.49 -36.02 -6.80
CA PHE F 16 -3.95 -37.13 -7.57
C PHE F 16 -4.02 -38.44 -6.81
N THR F 17 -4.89 -38.54 -5.83
CA THR F 17 -5.05 -39.81 -5.14
C THR F 17 -6.50 -40.25 -5.01
N ASN F 18 -7.42 -39.33 -4.78
CA ASN F 18 -8.79 -39.71 -4.46
C ASN F 18 -9.54 -40.17 -5.71
N PRO F 19 -10.19 -41.33 -5.67
CA PRO F 19 -11.02 -41.75 -6.81
C PRO F 19 -12.21 -40.80 -7.00
N ASP F 20 -12.67 -40.75 -8.25
CA ASP F 20 -13.67 -39.80 -8.75
C ASP F 20 -13.12 -38.38 -8.75
N VAL F 21 -11.93 -38.17 -8.20
CA VAL F 21 -11.17 -36.93 -8.37
C VAL F 21 -9.93 -37.18 -9.23
N TYR F 22 -9.13 -38.17 -8.85
CA TYR F 22 -8.21 -38.78 -9.81
C TYR F 22 -8.97 -39.26 -11.04
N LEU F 23 -10.04 -40.01 -10.85
CA LEU F 23 -10.97 -40.21 -11.95
C LEU F 23 -11.64 -38.89 -12.28
N ARG F 24 -12.24 -38.82 -13.47
CA ARG F 24 -12.71 -37.59 -14.10
C ARG F 24 -11.54 -36.71 -14.51
N PHE F 25 -10.31 -37.10 -14.19
CA PHE F 25 -9.11 -36.55 -14.83
C PHE F 25 -8.61 -37.49 -15.91
N ASP F 26 -8.37 -38.75 -15.57
CA ASP F 26 -8.03 -39.78 -16.54
C ASP F 26 -8.09 -41.14 -15.84
N GLU F 27 -7.89 -42.20 -16.63
CA GLU F 27 -8.02 -43.55 -16.11
C GLU F 27 -6.73 -44.03 -15.45
N GLU F 28 -5.58 -43.59 -15.96
CA GLU F 28 -4.26 -44.00 -15.46
C GLU F 28 -3.67 -42.91 -14.55
N PRO F 29 -2.97 -43.30 -13.47
CA PRO F 29 -2.41 -42.29 -12.56
C PRO F 29 -1.48 -41.28 -13.23
N MET F 30 -0.35 -41.75 -13.75
CA MET F 30 0.60 -40.82 -14.37
C MET F 30 0.00 -40.17 -15.60
N GLN F 31 -0.86 -40.87 -16.33
CA GLN F 31 -1.58 -40.19 -17.40
C GLN F 31 -2.57 -39.17 -16.85
N ALA F 32 -3.08 -39.37 -15.64
CA ALA F 32 -3.92 -38.34 -15.03
C ALA F 32 -3.12 -37.09 -14.69
N ILE F 33 -1.93 -37.26 -14.09
CA ILE F 33 -1.08 -36.09 -13.87
C ILE F 33 -0.71 -35.45 -15.20
N SER F 34 -0.45 -36.25 -16.23
CA SER F 34 -0.07 -35.69 -17.51
C SER F 34 -1.21 -34.87 -18.12
N VAL F 35 -2.45 -35.35 -17.99
CA VAL F 35 -3.55 -34.56 -18.52
C VAL F 35 -3.75 -33.29 -17.70
N PHE F 36 -3.50 -33.35 -16.39
CA PHE F 36 -3.52 -32.13 -15.61
C PHE F 36 -2.45 -31.17 -16.11
N LEU F 37 -1.28 -31.70 -16.45
CA LEU F 37 -0.21 -30.87 -16.97
C LEU F 37 -0.61 -30.23 -18.29
N GLY F 38 -1.28 -31.00 -19.13
CA GLY F 38 -1.74 -30.48 -20.41
C GLY F 38 -2.76 -29.36 -20.23
N LEU F 39 -3.66 -29.51 -19.27
CA LEU F 39 -4.54 -28.40 -18.93
C LEU F 39 -3.74 -27.21 -18.43
N ALA F 40 -2.74 -27.45 -17.60
CA ALA F 40 -1.77 -26.42 -17.26
C ALA F 40 -0.89 -26.16 -18.48
N ARG F 41 0.10 -25.29 -18.32
CA ARG F 41 0.97 -24.83 -19.39
C ARG F 41 0.18 -24.07 -20.44
N ARG F 42 -1.14 -24.02 -20.30
CA ARG F 42 -2.04 -23.26 -21.14
C ARG F 42 -2.98 -22.37 -20.32
N ALA F 43 -3.30 -22.80 -19.10
CA ALA F 43 -4.18 -22.02 -18.25
C ALA F 43 -3.49 -20.75 -17.78
N ASP F 44 -4.28 -19.69 -17.64
CA ASP F 44 -3.81 -18.40 -17.14
C ASP F 44 -3.46 -18.44 -15.66
N ALA F 45 -3.88 -19.48 -14.94
CA ALA F 45 -3.69 -19.57 -13.50
C ALA F 45 -2.38 -20.28 -13.18
N GLU F 46 -1.98 -20.17 -11.92
CA GLU F 46 -0.75 -20.76 -11.43
C GLU F 46 -1.06 -21.61 -10.21
N PHE F 47 -0.46 -22.80 -10.16
CA PHE F 47 -0.81 -23.82 -9.18
C PHE F 47 0.34 -24.03 -8.21
N TYR F 48 0.07 -23.89 -6.92
CA TYR F 48 1.05 -24.06 -5.87
C TYR F 48 0.84 -25.39 -5.17
N MET F 49 1.92 -25.98 -4.69
CA MET F 49 1.78 -27.20 -3.93
C MET F 49 2.83 -27.25 -2.84
N PRO F 50 2.43 -27.38 -1.58
CA PRO F 50 3.41 -27.37 -0.49
C PRO F 50 4.40 -28.52 -0.62
N GLY F 51 5.64 -28.24 -0.24
CA GLY F 51 6.74 -29.15 -0.45
C GLY F 51 6.54 -30.53 0.13
N PRO F 52 6.07 -30.61 1.38
CA PRO F 52 5.79 -31.94 1.94
C PRO F 52 4.80 -32.74 1.11
N VAL F 53 3.78 -32.10 0.56
CA VAL F 53 2.84 -32.80 -0.31
C VAL F 53 3.57 -33.30 -1.55
N TYR F 54 4.49 -32.51 -2.09
CA TYR F 54 5.26 -32.95 -3.24
C TYR F 54 6.10 -34.17 -2.92
N GLN F 55 6.74 -34.17 -1.74
CA GLN F 55 7.54 -35.34 -1.36
C GLN F 55 6.66 -36.56 -1.16
N GLU F 56 5.49 -36.37 -0.56
CA GLU F 56 4.55 -37.47 -0.41
C GLU F 56 4.17 -38.06 -1.76
N LEU F 57 3.78 -37.20 -2.69
CA LEU F 57 3.36 -37.68 -4.00
C LEU F 57 4.50 -38.36 -4.74
N CYS F 58 5.68 -37.74 -4.75
CA CYS F 58 6.84 -38.30 -5.42
C CYS F 58 7.26 -39.62 -4.82
N ASN F 59 6.97 -39.84 -3.53
CA ASN F 59 7.22 -41.16 -2.96
C ASN F 59 6.33 -42.23 -3.60
N LEU F 60 5.17 -41.84 -4.11
CA LEU F 60 4.26 -42.83 -4.69
C LEU F 60 4.62 -43.17 -6.13
N ARG F 61 4.51 -42.20 -7.04
CA ARG F 61 4.47 -42.54 -8.46
C ARG F 61 5.35 -41.65 -9.33
N SER F 62 5.61 -40.42 -8.89
CA SER F 62 6.27 -39.44 -9.74
C SER F 62 7.68 -39.89 -10.10
N MET F 63 8.09 -39.55 -11.32
CA MET F 63 9.41 -39.90 -11.83
C MET F 63 9.96 -38.70 -12.59
N ASP F 64 11.19 -38.81 -13.07
CA ASP F 64 11.89 -37.67 -13.65
C ASP F 64 11.17 -37.07 -14.85
N LEU F 65 10.71 -37.90 -15.79
CA LEU F 65 10.06 -37.35 -16.97
C LEU F 65 8.82 -36.55 -16.62
N ILE F 66 7.91 -37.15 -15.85
CA ILE F 66 6.72 -36.40 -15.44
C ILE F 66 7.09 -35.30 -14.44
N GLY F 67 8.15 -35.51 -13.67
CA GLY F 67 8.56 -34.51 -12.71
C GLY F 67 9.02 -33.22 -13.34
N ALA F 68 9.68 -33.29 -14.48
CA ALA F 68 10.12 -32.07 -15.15
C ALA F 68 8.94 -31.17 -15.48
N GLU F 69 7.94 -31.73 -16.16
CA GLU F 69 6.72 -30.98 -16.44
C GLU F 69 6.07 -30.48 -15.16
N PHE F 70 5.96 -31.37 -14.17
CA PHE F 70 5.24 -31.01 -12.96
C PHE F 70 5.89 -29.83 -12.25
N GLU F 71 7.22 -29.82 -12.20
CA GLU F 71 7.92 -28.73 -11.54
C GLU F 71 7.93 -27.47 -12.39
N THR F 72 7.84 -27.60 -13.72
CA THR F 72 7.67 -26.40 -14.53
C THR F 72 6.30 -25.76 -14.29
N GLU F 73 5.27 -26.56 -14.07
CA GLU F 73 3.92 -26.01 -14.03
C GLU F 73 3.37 -25.80 -12.63
N VAL F 74 3.83 -26.57 -11.65
CA VAL F 74 3.38 -26.45 -10.27
C VAL F 74 4.51 -25.91 -9.44
N TYR F 75 4.29 -24.75 -8.82
CA TYR F 75 5.28 -24.15 -7.94
C TYR F 75 5.36 -24.95 -6.64
N ILE F 76 6.52 -25.53 -6.37
CA ILE F 76 6.75 -26.25 -5.13
C ILE F 76 7.16 -25.22 -4.09
N ARG F 77 6.26 -24.93 -3.16
CA ARG F 77 6.48 -23.85 -2.19
C ARG F 77 5.81 -24.19 -0.89
N SER F 78 6.55 -24.11 0.19
CA SER F 78 5.98 -24.12 1.53
C SER F 78 5.59 -22.70 1.93
N PRO F 79 4.65 -22.53 2.85
CA PRO F 79 4.09 -21.20 3.08
C PRO F 79 5.14 -20.25 3.61
N ARG F 80 4.90 -18.95 3.45
CA ARG F 80 5.74 -17.99 4.16
C ARG F 80 5.41 -18.21 5.63
N ARG F 81 6.23 -19.08 6.21
CA ARG F 81 5.95 -19.72 7.49
C ARG F 81 5.43 -18.70 8.48
N PHE F 82 6.01 -17.51 8.47
CA PHE F 82 5.80 -16.50 9.48
C PHE F 82 5.17 -15.27 8.86
N SER F 83 5.08 -14.20 9.64
CA SER F 83 4.48 -12.94 9.22
C SER F 83 3.08 -13.19 8.68
N MET F 84 2.55 -14.39 8.90
CA MET F 84 1.18 -14.76 8.62
C MET F 84 0.50 -14.99 9.94
N THR F 85 -0.65 -14.37 10.15
CA THR F 85 -1.27 -14.35 11.46
C THR F 85 -2.69 -14.86 11.36
N ILE F 86 -2.97 -15.95 12.09
CA ILE F 86 -4.26 -16.60 12.00
C ILE F 86 -5.10 -16.16 13.20
N PRO F 87 -6.42 -16.07 13.06
CA PRO F 87 -7.25 -15.84 14.24
C PRO F 87 -7.21 -17.04 15.17
N SER F 88 -7.43 -16.78 16.45
CA SER F 88 -7.40 -17.85 17.44
C SER F 88 -8.38 -18.95 17.09
N GLU F 89 -9.47 -18.59 16.39
CA GLU F 89 -10.47 -19.55 15.96
C GLU F 89 -9.81 -20.85 15.51
N VAL F 90 -8.93 -20.70 14.52
CA VAL F 90 -8.28 -21.82 13.85
C VAL F 90 -7.84 -22.83 14.88
N LEU F 91 -7.05 -22.38 15.85
CA LEU F 91 -6.43 -23.33 16.77
C LEU F 91 -7.50 -24.19 17.43
N TYR F 92 -8.49 -23.54 18.04
CA TYR F 92 -9.56 -24.30 18.67
C TYR F 92 -10.27 -25.15 17.63
N GLU F 93 -10.65 -24.53 16.52
CA GLU F 93 -11.25 -25.28 15.42
C GLU F 93 -10.35 -26.44 15.02
N PHE F 94 -9.05 -26.16 14.87
CA PHE F 94 -8.17 -27.19 14.37
C PHE F 94 -8.13 -28.37 15.33
N ILE F 95 -8.35 -28.12 16.63
CA ILE F 95 -8.35 -29.20 17.59
C ILE F 95 -9.34 -30.27 17.18
N GLU F 96 -10.55 -29.83 16.82
CA GLU F 96 -11.58 -30.78 16.44
C GLU F 96 -11.13 -31.62 15.27
N GLU F 97 -10.47 -31.00 14.28
CA GLU F 97 -9.95 -31.75 13.15
C GLU F 97 -9.08 -32.90 13.63
N VAL F 98 -8.17 -32.62 14.56
CA VAL F 98 -7.29 -33.65 15.07
C VAL F 98 -8.10 -34.79 15.67
N ARG F 99 -9.14 -34.42 16.44
CA ARG F 99 -10.05 -35.43 16.98
C ARG F 99 -10.58 -36.33 15.86
N THR F 100 -11.12 -35.70 14.80
CA THR F 100 -11.72 -36.47 13.73
C THR F 100 -10.71 -37.33 13.00
N ARG F 101 -9.42 -37.11 13.24
CA ARG F 101 -8.39 -37.88 12.56
C ARG F 101 -7.72 -38.92 13.43
N ILE F 102 -8.22 -39.17 14.65
CA ILE F 102 -7.84 -40.42 15.31
C ILE F 102 -8.48 -41.61 14.62
N GLN F 103 -9.73 -41.46 14.19
CA GLN F 103 -10.49 -42.54 13.56
C GLN F 103 -10.73 -43.68 14.54
N GLU F 136 -0.07 -47.06 15.41
CA GLU F 136 0.00 -47.10 13.96
C GLU F 136 -0.89 -46.05 13.32
N ALA F 137 -1.98 -45.71 14.01
CA ALA F 137 -2.85 -44.64 13.53
C ALA F 137 -2.24 -43.27 13.79
N MET F 138 -1.59 -43.12 14.95
CA MET F 138 -1.21 -41.80 15.43
C MET F 138 -0.27 -41.09 14.47
N ARG F 139 0.73 -41.80 13.96
CA ARG F 139 1.73 -41.17 13.09
C ARG F 139 1.08 -40.60 11.85
N ARG F 140 0.34 -41.44 11.13
CA ARG F 140 -0.28 -41.00 9.88
C ARG F 140 -1.33 -39.93 10.13
N GLY F 141 -2.11 -40.07 11.20
CA GLY F 141 -3.13 -39.08 11.48
C GLY F 141 -2.55 -37.71 11.79
N ILE F 142 -1.52 -37.68 12.64
CA ILE F 142 -0.94 -36.40 13.03
C ILE F 142 -0.19 -35.78 11.85
N LEU F 143 0.55 -36.57 11.09
CA LEU F 143 1.22 -36.03 9.91
C LEU F 143 0.21 -35.54 8.88
N ASP F 144 -0.91 -36.24 8.75
CA ASP F 144 -1.94 -35.79 7.82
C ASP F 144 -2.54 -34.46 8.28
N SER F 145 -2.75 -34.30 9.59
CA SER F 145 -3.27 -33.04 10.09
C SER F 145 -2.27 -31.91 9.88
N ARG F 146 -0.99 -32.18 10.11
CA ARG F 146 0.03 -31.16 9.85
C ARG F 146 0.07 -30.80 8.38
N GLU F 147 -0.05 -31.80 7.51
CA GLU F 147 -0.12 -31.53 6.07
C GLU F 147 -1.31 -30.66 5.74
N ASP F 148 -2.46 -30.98 6.33
CA ASP F 148 -3.67 -30.19 6.12
C ASP F 148 -3.44 -28.74 6.50
N ILE F 149 -2.88 -28.51 7.70
CA ILE F 149 -2.68 -27.14 8.14
C ILE F 149 -1.64 -26.45 7.27
N ASP F 150 -0.63 -27.18 6.82
CA ASP F 150 0.38 -26.60 5.96
C ASP F 150 -0.26 -26.07 4.68
N VAL F 151 -1.10 -26.89 4.05
CA VAL F 151 -1.73 -26.50 2.80
C VAL F 151 -2.69 -25.33 3.02
N VAL F 152 -3.52 -25.40 4.07
CA VAL F 152 -4.51 -24.36 4.25
C VAL F 152 -3.84 -23.05 4.65
N LEU F 153 -2.73 -23.12 5.38
CA LEU F 153 -1.96 -21.93 5.66
C LEU F 153 -1.41 -21.32 4.38
N LEU F 154 -0.92 -22.16 3.47
CA LEU F 154 -0.41 -21.63 2.22
C LEU F 154 -1.51 -20.90 1.47
N ALA F 155 -2.69 -21.52 1.41
CA ALA F 155 -3.80 -20.88 0.71
C ALA F 155 -4.18 -19.56 1.37
N TYR F 156 -4.21 -19.53 2.71
CA TYR F 156 -4.55 -18.31 3.41
C TYR F 156 -3.55 -17.22 3.11
N GLU F 157 -2.26 -17.57 3.13
CA GLU F 157 -1.21 -16.61 2.86
C GLU F 157 -1.34 -16.02 1.46
N LEU F 158 -1.46 -16.88 0.45
CA LEU F 158 -1.47 -16.40 -0.92
C LEU F 158 -2.81 -15.84 -1.36
N ASP F 159 -3.83 -15.94 -0.53
CA ASP F 159 -5.20 -15.62 -0.93
C ASP F 159 -5.52 -16.34 -2.24
N ALA F 160 -5.23 -17.63 -2.23
CA ALA F 160 -5.48 -18.51 -3.36
C ALA F 160 -6.61 -19.46 -3.02
N THR F 161 -7.02 -20.25 -4.01
CA THR F 161 -8.13 -21.17 -3.87
C THR F 161 -7.59 -22.55 -3.58
N LEU F 162 -7.79 -23.02 -2.36
CA LEU F 162 -7.40 -24.37 -2.01
C LEU F 162 -8.27 -25.37 -2.75
N VAL F 163 -7.67 -26.43 -3.25
CA VAL F 163 -8.42 -27.54 -3.81
C VAL F 163 -7.96 -28.82 -3.15
N SER F 164 -8.91 -29.61 -2.66
CA SER F 164 -8.60 -30.86 -1.98
C SER F 164 -9.87 -31.66 -1.84
N ALA F 165 -9.75 -32.98 -1.99
CA ALA F 165 -10.91 -33.85 -1.92
C ALA F 165 -11.41 -34.02 -0.50
N ASP F 166 -10.51 -34.05 0.48
CA ASP F 166 -10.91 -34.34 1.85
C ASP F 166 -11.82 -33.26 2.38
N GLU F 167 -12.89 -33.66 3.05
CA GLU F 167 -13.98 -32.72 3.35
C GLU F 167 -13.80 -32.01 4.69
N GLY F 168 -13.22 -32.69 5.68
CA GLY F 168 -12.87 -31.99 6.90
C GLY F 168 -11.94 -30.84 6.62
N MET F 169 -11.01 -31.04 5.69
CA MET F 169 -10.17 -29.95 5.21
C MET F 169 -11.04 -28.82 4.69
N ARG F 170 -12.10 -29.15 3.97
CA ARG F 170 -12.99 -28.12 3.42
C ARG F 170 -13.67 -27.34 4.54
N LYS F 171 -14.19 -28.03 5.55
CA LYS F 171 -14.87 -27.33 6.63
C LYS F 171 -13.92 -26.40 7.37
N PHE F 172 -12.73 -26.90 7.69
CA PHE F 172 -11.72 -26.06 8.30
C PHE F 172 -11.41 -24.85 7.42
N ALA F 173 -11.19 -25.07 6.13
CA ALA F 173 -10.75 -24.00 5.25
C ALA F 173 -11.84 -22.97 5.02
N GLU F 174 -13.11 -23.37 5.06
CA GLU F 174 -14.16 -22.38 4.95
C GLU F 174 -14.32 -21.59 6.24
N ARG F 175 -14.09 -22.23 7.40
CA ARG F 175 -14.19 -21.45 8.62
C ARG F 175 -13.00 -20.53 8.83
N ILE F 176 -11.84 -20.85 8.26
CA ILE F 176 -10.72 -19.90 8.33
C ILE F 176 -10.84 -18.83 7.26
N GLY F 177 -11.59 -19.07 6.18
CA GLY F 177 -11.85 -18.05 5.19
C GLY F 177 -11.12 -18.18 3.88
N ILE F 178 -11.15 -19.36 3.27
CA ILE F 178 -10.47 -19.63 2.01
C ILE F 178 -11.45 -20.20 1.01
N LYS F 179 -11.35 -19.75 -0.24
CA LYS F 179 -12.18 -20.29 -1.29
C LYS F 179 -11.83 -21.74 -1.56
N LEU F 180 -12.84 -22.54 -1.89
CA LEU F 180 -12.67 -23.95 -2.21
C LEU F 180 -13.25 -24.27 -3.58
N VAL F 181 -12.58 -25.16 -4.30
CA VAL F 181 -13.08 -25.73 -5.54
C VAL F 181 -13.01 -27.23 -5.44
N ASN F 182 -14.13 -27.89 -5.69
CA ASN F 182 -14.17 -29.35 -5.73
C ASN F 182 -13.21 -29.84 -6.80
N PRO F 183 -12.26 -30.71 -6.47
CA PRO F 183 -11.30 -31.16 -7.48
C PRO F 183 -11.93 -31.95 -8.60
N ARG F 184 -13.14 -32.49 -8.41
CA ARG F 184 -13.87 -33.08 -9.53
C ARG F 184 -14.15 -32.03 -10.58
N TYR F 185 -14.51 -30.83 -10.15
CA TYR F 185 -14.79 -29.72 -11.04
C TYR F 185 -13.56 -28.88 -11.34
N LEU F 186 -12.42 -29.21 -10.74
CA LEU F 186 -11.22 -28.46 -11.05
C LEU F 186 -10.82 -28.65 -12.51
N ARG F 187 -10.94 -29.87 -13.03
CA ARG F 187 -10.66 -30.08 -14.44
C ARG F 187 -11.62 -29.30 -15.31
N GLY F 188 -12.87 -29.18 -14.88
CA GLY F 188 -13.79 -28.30 -15.56
C GLY F 188 -13.37 -26.86 -15.48
N VAL F 189 -12.64 -26.49 -14.43
CA VAL F 189 -12.17 -25.11 -14.28
C VAL F 189 -10.98 -24.84 -15.20
N MET F 190 -10.04 -25.78 -15.29
CA MET F 190 -8.92 -25.59 -16.22
C MET F 190 -9.42 -25.51 -17.65
N GLN F 191 -10.33 -26.41 -18.03
CA GLN F 191 -11.09 -26.19 -19.24
C GLN F 191 -11.88 -24.91 -19.06
N ASN F 192 -12.07 -24.15 -20.14
CA ASN F 192 -12.81 -22.90 -20.14
C ASN F 192 -11.95 -21.82 -19.48
N LEU F 193 -10.77 -22.16 -18.97
CA LEU F 193 -9.83 -21.15 -18.50
C LEU F 193 -8.59 -21.08 -19.39
N ALA F 194 -8.35 -22.12 -20.18
CA ALA F 194 -7.28 -22.10 -21.17
C ALA F 194 -7.53 -20.98 -22.18
N SER G 6 -5.20 13.89 20.04
CA SER G 6 -6.00 14.97 20.60
C SER G 6 -6.47 15.91 19.50
N ARG G 7 -6.11 17.19 19.61
CA ARG G 7 -6.42 18.18 18.61
C ARG G 7 -5.19 19.02 18.32
N ARG G 8 -4.97 19.37 17.05
CA ARG G 8 -3.76 20.06 16.65
C ARG G 8 -4.08 21.34 15.90
N PHE G 9 -3.46 22.44 16.29
CA PHE G 9 -3.63 23.73 15.66
C PHE G 9 -2.36 24.14 14.98
N VAL G 10 -2.46 24.82 13.86
CA VAL G 10 -1.30 25.36 13.18
C VAL G 10 -1.45 26.87 13.18
N LEU G 11 -0.70 27.53 14.02
CA LEU G 11 -0.84 28.96 14.09
C LEU G 11 -0.20 29.60 12.87
N ASP G 12 -0.20 30.92 12.88
CA ASP G 12 0.30 31.73 11.78
C ASP G 12 0.67 33.09 12.34
N THR G 13 1.65 33.73 11.72
CA THR G 13 2.14 34.99 12.25
C THR G 13 1.05 36.05 12.33
N SER G 14 0.00 35.92 11.52
CA SER G 14 -1.09 36.88 11.60
C SER G 14 -1.83 36.79 12.93
N VAL G 15 -1.85 35.62 13.55
CA VAL G 15 -2.59 35.46 14.81
C VAL G 15 -2.04 36.37 15.88
N PHE G 16 -0.74 36.70 15.81
CA PHE G 16 -0.16 37.61 16.78
C PHE G 16 0.16 38.98 16.20
N THR G 17 0.13 39.14 14.89
CA THR G 17 0.41 40.44 14.30
C THR G 17 -0.83 41.18 13.81
N ASN G 18 -1.97 40.52 13.71
CA ASN G 18 -3.19 41.23 13.28
C ASN G 18 -3.89 41.86 14.48
N PRO G 19 -4.08 43.19 14.49
CA PRO G 19 -4.89 43.81 15.53
C PRO G 19 -6.21 43.12 15.80
N ASP G 20 -6.80 42.49 14.80
CA ASP G 20 -8.11 41.86 14.99
C ASP G 20 -7.98 40.65 15.90
N VAL G 21 -6.87 39.94 15.83
CA VAL G 21 -6.83 38.59 16.39
C VAL G 21 -6.15 38.57 17.75
N TYR G 22 -5.17 39.45 17.99
CA TYR G 22 -4.57 39.46 19.33
C TYR G 22 -5.41 40.31 20.27
N LEU G 23 -6.23 41.19 19.73
CA LEU G 23 -7.43 41.55 20.47
C LEU G 23 -8.31 40.32 20.56
N ARG G 24 -9.25 40.35 21.50
CA ARG G 24 -9.90 39.21 22.12
C ARG G 24 -8.92 38.53 23.06
N PHE G 25 -7.66 38.92 23.04
CA PHE G 25 -6.76 38.80 24.18
C PHE G 25 -6.49 40.24 24.62
N ASP G 26 -5.68 40.42 25.66
CA ASP G 26 -5.54 41.76 26.20
C ASP G 26 -4.83 42.69 25.21
N GLU G 27 -5.02 44.00 25.41
CA GLU G 27 -4.57 44.98 24.42
C GLU G 27 -3.06 44.97 24.26
N GLU G 28 -2.31 44.88 25.35
CA GLU G 28 -0.86 44.87 25.25
C GLU G 28 -0.43 43.68 24.41
N PRO G 29 0.11 43.91 23.21
CA PRO G 29 0.23 42.80 22.26
C PRO G 29 1.17 41.70 22.71
N MET G 30 2.34 42.05 23.25
CA MET G 30 3.20 41.02 23.80
C MET G 30 2.52 40.31 24.95
N GLN G 31 1.87 41.06 25.83
CA GLN G 31 1.15 40.40 26.91
C GLN G 31 -0.05 39.66 26.36
N ALA G 32 -0.52 40.02 25.17
CA ALA G 32 -1.50 39.19 24.49
C ALA G 32 -0.90 37.85 24.10
N ILE G 33 0.32 37.84 23.60
CA ILE G 33 1.01 36.57 23.37
C ILE G 33 1.05 35.77 24.66
N SER G 34 1.39 36.44 25.75
CA SER G 34 1.57 35.75 27.02
C SER G 34 0.26 35.12 27.48
N VAL G 35 -0.85 35.85 27.35
CA VAL G 35 -2.11 35.27 27.78
C VAL G 35 -2.55 34.18 26.82
N PHE G 36 -2.17 34.27 25.55
CA PHE G 36 -2.40 33.14 24.66
C PHE G 36 -1.69 31.90 25.15
N LEU G 37 -0.44 32.07 25.57
CA LEU G 37 0.31 30.94 26.11
C LEU G 37 -0.38 30.39 27.35
N GLY G 38 -0.89 31.28 28.19
CA GLY G 38 -1.61 30.83 29.38
C GLY G 38 -2.84 30.02 29.03
N LEU G 39 -3.57 30.44 27.99
CA LEU G 39 -4.72 29.65 27.55
C LEU G 39 -4.28 28.30 27.02
N ALA G 40 -3.17 28.25 26.31
CA ALA G 40 -2.59 26.95 26.07
C ALA G 40 -1.96 26.44 27.36
N ARG G 41 -1.42 25.23 27.32
CA ARG G 41 -0.83 24.59 28.50
C ARG G 41 -1.93 24.19 29.47
N ARG G 42 -3.11 24.72 29.24
CA ARG G 42 -4.32 24.28 29.91
C ARG G 42 -5.34 23.77 28.94
N ALA G 43 -5.18 24.07 27.66
CA ALA G 43 -5.98 23.48 26.60
C ALA G 43 -5.45 22.11 26.26
N ASP G 44 -6.32 21.27 25.73
CA ASP G 44 -5.99 19.90 25.40
C ASP G 44 -5.49 19.79 23.95
N ALA G 45 -4.86 20.84 23.44
CA ALA G 45 -4.46 20.91 22.05
C ALA G 45 -2.95 20.90 21.94
N GLU G 46 -2.47 20.86 20.69
CA GLU G 46 -1.06 21.00 20.39
C GLU G 46 -0.90 22.07 19.32
N PHE G 47 -0.04 23.03 19.55
CA PHE G 47 0.03 24.23 18.73
C PHE G 47 1.33 24.28 17.97
N TYR G 48 1.28 24.09 16.66
CA TYR G 48 2.44 24.14 15.80
C TYR G 48 2.63 25.52 15.21
N MET G 49 3.82 25.78 14.76
CA MET G 49 4.12 26.98 13.99
C MET G 49 5.35 26.74 13.16
N PRO G 50 5.25 26.75 11.84
CA PRO G 50 6.42 26.44 11.01
C PRO G 50 7.57 27.38 11.30
N GLY G 51 8.78 26.84 11.21
CA GLY G 51 9.96 27.49 11.72
C GLY G 51 10.23 28.87 11.16
N PRO G 52 10.16 29.00 9.84
CA PRO G 52 10.30 30.34 9.25
C PRO G 52 9.29 31.34 9.77
N VAL G 53 8.06 30.91 10.03
CA VAL G 53 7.07 31.80 10.62
C VAL G 53 7.54 32.27 11.99
N TYR G 54 8.11 31.36 12.77
CA TYR G 54 8.63 31.75 14.08
C TYR G 54 9.77 32.73 13.96
N GLN G 55 10.66 32.52 12.98
CA GLN G 55 11.74 33.47 12.77
C GLN G 55 11.21 34.83 12.39
N GLU G 56 10.18 34.85 11.55
CA GLU G 56 9.53 36.12 11.22
C GLU G 56 8.95 36.78 12.46
N LEU G 57 8.30 35.99 13.31
CA LEU G 57 7.69 36.55 14.51
C LEU G 57 8.75 37.13 15.43
N CYS G 58 9.89 36.47 15.54
CA CYS G 58 10.99 37.02 16.34
C CYS G 58 11.52 38.30 15.72
N ASN G 59 11.64 38.33 14.38
CA ASN G 59 12.15 39.53 13.73
C ASN G 59 11.24 40.71 13.97
N LEU G 60 9.93 40.52 13.83
CA LEU G 60 9.00 41.61 14.05
C LEU G 60 8.88 41.95 15.54
N ARG G 61 8.37 41.02 16.33
CA ARG G 61 7.78 41.48 17.58
C ARG G 61 8.27 40.75 18.82
N SER G 62 8.40 39.43 18.79
CA SER G 62 8.68 38.69 20.00
C SER G 62 10.16 38.79 20.39
N MET G 63 10.47 38.33 21.59
CA MET G 63 11.85 38.27 22.08
C MET G 63 11.94 37.25 23.21
N ASP G 64 13.07 37.28 23.92
CA ASP G 64 13.52 36.12 24.68
C ASP G 64 12.57 35.76 25.82
N LEU G 65 12.20 36.76 26.62
CA LEU G 65 11.58 36.49 27.92
C LEU G 65 10.32 35.66 27.75
N ILE G 66 9.50 36.00 26.77
CA ILE G 66 8.37 35.15 26.48
C ILE G 66 8.80 33.98 25.62
N GLY G 67 9.89 34.15 24.88
CA GLY G 67 10.27 33.16 23.89
C GLY G 67 10.50 31.78 24.49
N ALA G 68 11.08 31.74 25.69
CA ALA G 68 11.29 30.43 26.33
C ALA G 68 9.97 29.69 26.52
N GLU G 69 9.00 30.33 27.14
CA GLU G 69 7.71 29.69 27.35
C GLU G 69 7.04 29.34 26.03
N PHE G 70 7.18 30.24 25.05
CA PHE G 70 6.63 29.98 23.74
C PHE G 70 7.13 28.65 23.19
N GLU G 71 8.44 28.46 23.23
CA GLU G 71 8.98 27.22 22.71
C GLU G 71 8.60 26.05 23.57
N THR G 72 8.31 26.27 24.86
CA THR G 72 7.87 25.16 25.69
C THR G 72 6.57 24.58 25.17
N GLU G 73 5.62 25.43 24.79
CA GLU G 73 4.31 24.88 24.48
C GLU G 73 3.92 24.93 23.02
N VAL G 74 4.79 25.41 22.12
CA VAL G 74 4.46 25.55 20.71
C VAL G 74 5.52 24.79 19.92
N TYR G 75 5.15 23.65 19.36
CA TYR G 75 6.11 22.82 18.64
C TYR G 75 6.55 23.55 17.38
N ILE G 76 7.65 24.27 17.44
CA ILE G 76 8.09 24.97 16.25
C ILE G 76 8.64 23.97 15.26
N ARG G 77 7.83 23.58 14.29
CA ARG G 77 8.16 22.49 13.39
C ARG G 77 7.92 22.91 11.95
N SER G 78 8.85 22.64 11.08
CA SER G 78 8.67 22.96 9.68
C SER G 78 8.04 21.77 8.96
N PRO G 79 7.27 21.98 7.88
CA PRO G 79 6.57 20.86 7.27
C PRO G 79 7.54 19.85 6.72
N ARG G 80 7.16 18.59 6.81
CA ARG G 80 7.99 17.51 6.29
C ARG G 80 7.89 17.58 4.77
N ARG G 81 8.64 18.53 4.18
CA ARG G 81 8.51 18.81 2.76
C ARG G 81 8.70 17.55 1.94
N PHE G 82 9.89 16.98 1.98
CA PHE G 82 10.15 15.77 1.22
C PHE G 82 9.28 14.65 1.75
N SER G 83 8.90 13.74 0.87
CA SER G 83 7.98 12.64 1.16
C SER G 83 6.58 13.11 1.47
N MET G 84 6.12 14.20 0.86
CA MET G 84 4.73 14.62 0.93
C MET G 84 4.27 14.92 -0.48
N THR G 85 3.05 14.50 -0.82
CA THR G 85 2.58 14.55 -2.20
C THR G 85 1.36 15.44 -2.30
N ILE G 86 1.57 16.72 -2.56
CA ILE G 86 0.42 17.58 -2.86
C ILE G 86 -0.14 17.22 -4.23
N PRO G 87 -1.45 17.14 -4.40
CA PRO G 87 -1.99 16.94 -5.75
C PRO G 87 -1.70 18.13 -6.64
N SER G 88 -1.52 17.86 -7.93
CA SER G 88 -0.91 18.84 -8.81
C SER G 88 -1.76 20.08 -8.94
N GLU G 89 -3.08 19.92 -8.86
CA GLU G 89 -3.95 21.08 -9.02
C GLU G 89 -3.61 22.17 -8.03
N VAL G 90 -3.17 21.80 -6.83
CA VAL G 90 -2.73 22.77 -5.84
C VAL G 90 -1.82 23.80 -6.49
N LEU G 91 -0.86 23.34 -7.26
CA LEU G 91 0.09 24.23 -7.90
C LEU G 91 -0.62 25.29 -8.73
N TYR G 92 -1.53 24.86 -9.61
CA TYR G 92 -2.30 25.84 -10.36
C TYR G 92 -3.12 26.71 -9.43
N GLU G 93 -3.78 26.09 -8.44
CA GLU G 93 -4.46 26.85 -7.41
C GLU G 93 -3.52 27.87 -6.81
N PHE G 94 -2.31 27.43 -6.46
CA PHE G 94 -1.36 28.31 -5.82
C PHE G 94 -1.03 29.49 -6.72
N ILE G 95 -1.07 29.28 -8.04
CA ILE G 95 -0.81 30.37 -8.97
C ILE G 95 -1.74 31.53 -8.68
N GLU G 96 -3.04 31.22 -8.54
CA GLU G 96 -4.02 32.24 -8.19
C GLU G 96 -3.49 33.14 -7.08
N GLU G 97 -3.09 32.52 -5.96
CA GLU G 97 -2.63 33.32 -4.83
C GLU G 97 -1.52 34.25 -5.24
N VAL G 98 -0.47 33.70 -5.86
CA VAL G 98 0.68 34.54 -6.21
C VAL G 98 0.23 35.65 -7.14
N ARG G 99 -0.67 35.34 -8.06
CA ARG G 99 -1.26 36.39 -8.88
C ARG G 99 -1.82 37.50 -7.99
N THR G 100 -2.83 37.18 -7.18
CA THR G 100 -3.41 38.21 -6.34
C THR G 100 -2.50 38.62 -5.21
N ARG G 101 -1.25 38.16 -5.21
CA ARG G 101 -0.23 38.72 -4.34
C ARG G 101 0.78 39.57 -5.12
N ILE G 102 0.29 40.30 -6.13
CA ILE G 102 1.12 41.32 -6.77
C ILE G 102 1.53 42.39 -5.76
N GLN G 103 0.56 43.13 -5.22
CA GLN G 103 0.77 44.19 -4.25
C GLN G 103 1.95 45.11 -4.55
N GLU G 136 10.92 45.05 -1.86
CA GLU G 136 10.00 45.96 -1.19
C GLU G 136 8.56 45.62 -1.54
N ALA G 137 8.32 45.28 -2.81
CA ALA G 137 6.98 45.00 -3.29
C ALA G 137 6.85 43.54 -3.75
N MET G 138 7.70 43.13 -4.68
CA MET G 138 7.55 41.79 -5.27
C MET G 138 8.31 40.73 -4.48
N ARG G 139 9.52 41.06 -4.00
CA ARG G 139 10.28 40.11 -3.19
C ARG G 139 9.54 39.77 -1.90
N ARG G 140 8.91 40.77 -1.28
CA ARG G 140 8.10 40.52 -0.10
C ARG G 140 6.92 39.62 -0.44
N GLY G 141 6.33 39.81 -1.63
CA GLY G 141 5.25 38.92 -2.05
C GLY G 141 5.70 37.49 -2.18
N ILE G 142 6.85 37.27 -2.81
CA ILE G 142 7.38 35.91 -2.96
C ILE G 142 7.68 35.31 -1.59
N LEU G 143 8.30 36.09 -0.70
CA LEU G 143 8.64 35.57 0.62
C LEU G 143 7.39 35.20 1.42
N ASP G 144 6.39 36.08 1.40
CA ASP G 144 5.14 35.78 2.07
C ASP G 144 4.49 34.55 1.47
N SER G 145 4.59 34.38 0.16
CA SER G 145 4.04 33.18 -0.46
C SER G 145 4.74 31.93 0.03
N ARG G 146 6.05 32.00 0.23
CA ARG G 146 6.73 30.82 0.77
C ARG G 146 6.31 30.55 2.21
N GLU G 147 6.19 31.59 3.03
CA GLU G 147 5.76 31.35 4.40
C GLU G 147 4.37 30.75 4.45
N ASP G 148 3.47 31.27 3.63
CA ASP G 148 2.12 30.75 3.61
C ASP G 148 2.07 29.34 3.06
N ILE G 149 2.95 29.00 2.12
CA ILE G 149 2.92 27.62 1.67
C ILE G 149 3.46 26.70 2.76
N ASP G 150 4.44 27.15 3.56
CA ASP G 150 4.85 26.32 4.69
C ASP G 150 3.68 26.07 5.63
N VAL G 151 2.96 27.13 6.00
CA VAL G 151 1.88 26.95 6.97
C VAL G 151 0.82 26.02 6.41
N VAL G 152 0.42 26.23 5.16
CA VAL G 152 -0.63 25.41 4.60
C VAL G 152 -0.16 23.97 4.47
N LEU G 153 1.09 23.75 4.08
CA LEU G 153 1.55 22.38 3.93
C LEU G 153 1.66 21.69 5.28
N LEU G 154 2.04 22.41 6.33
CA LEU G 154 2.06 21.78 7.64
C LEU G 154 0.67 21.35 8.03
N ALA G 155 -0.30 22.26 7.92
CA ALA G 155 -1.65 21.92 8.31
C ALA G 155 -2.21 20.83 7.41
N TYR G 156 -1.67 20.71 6.20
CA TYR G 156 -2.11 19.66 5.30
C TYR G 156 -1.52 18.32 5.70
N GLU G 157 -0.27 18.33 6.13
CA GLU G 157 0.42 17.09 6.43
C GLU G 157 -0.06 16.49 7.74
N LEU G 158 -0.25 17.33 8.76
CA LEU G 158 -0.72 16.82 10.03
C LEU G 158 -2.22 16.54 10.04
N ASP G 159 -2.94 16.98 9.00
CA ASP G 159 -4.39 17.06 9.03
C ASP G 159 -4.84 17.87 10.23
N ALA G 160 -4.10 18.94 10.52
CA ALA G 160 -4.34 19.75 11.68
C ALA G 160 -5.45 20.74 11.38
N THR G 161 -5.64 21.69 12.28
CA THR G 161 -6.53 22.82 12.06
C THR G 161 -5.67 24.05 11.84
N LEU G 162 -5.98 24.82 10.81
CA LEU G 162 -5.24 26.02 10.52
C LEU G 162 -5.97 27.22 11.10
N VAL G 163 -5.22 28.17 11.63
CA VAL G 163 -5.81 29.45 12.00
C VAL G 163 -4.95 30.53 11.37
N SER G 164 -5.59 31.53 10.79
CA SER G 164 -4.84 32.64 10.23
C SER G 164 -5.80 33.77 9.95
N ALA G 165 -5.29 34.99 10.03
CA ALA G 165 -6.12 36.15 9.73
C ALA G 165 -6.18 36.45 8.24
N ASP G 166 -5.34 35.81 7.43
CA ASP G 166 -5.31 36.13 6.00
C ASP G 166 -6.52 35.55 5.29
N GLU G 167 -7.27 36.43 4.63
CA GLU G 167 -8.36 35.95 3.79
C GLU G 167 -7.82 35.05 2.70
N GLY G 168 -6.67 35.38 2.15
CA GLY G 168 -6.09 34.55 1.11
C GLY G 168 -5.73 33.16 1.62
N MET G 169 -5.08 33.10 2.78
CA MET G 169 -4.73 31.80 3.34
C MET G 169 -5.97 30.98 3.60
N ARG G 170 -7.00 31.60 4.16
CA ARG G 170 -8.19 30.84 4.50
C ARG G 170 -8.90 30.35 3.24
N LYS G 171 -8.95 31.17 2.19
CA LYS G 171 -9.56 30.71 0.95
C LYS G 171 -8.78 29.54 0.38
N PHE G 172 -7.46 29.64 0.35
CA PHE G 172 -6.64 28.57 -0.21
C PHE G 172 -6.82 27.29 0.60
N ALA G 173 -6.81 27.39 1.92
CA ALA G 173 -7.01 26.20 2.74
C ALA G 173 -8.41 25.64 2.55
N GLU G 174 -9.41 26.51 2.50
CA GLU G 174 -10.78 26.06 2.31
C GLU G 174 -10.93 25.29 1.03
N ARG G 175 -10.12 25.63 0.03
CA ARG G 175 -10.17 24.85 -1.21
C ARG G 175 -9.41 23.55 -1.04
N ILE G 176 -8.11 23.62 -0.71
CA ILE G 176 -7.28 22.43 -0.66
C ILE G 176 -7.77 21.39 0.35
N GLY G 177 -8.49 21.80 1.40
CA GLY G 177 -9.04 20.85 2.34
C GLY G 177 -8.44 20.84 3.75
N ILE G 178 -8.07 21.98 4.25
CA ILE G 178 -7.54 22.11 5.60
C ILE G 178 -8.69 22.47 6.51
N LYS G 179 -8.63 22.03 7.76
CA LYS G 179 -9.60 22.51 8.73
C LYS G 179 -9.38 24.00 8.97
N LEU G 180 -10.45 24.73 9.22
CA LEU G 180 -10.35 26.13 9.57
C LEU G 180 -11.06 26.42 10.88
N VAL G 181 -10.52 27.39 11.61
CA VAL G 181 -11.15 27.98 12.77
C VAL G 181 -10.94 29.47 12.67
N ASN G 182 -12.01 30.24 12.75
CA ASN G 182 -11.89 31.66 12.55
C ASN G 182 -11.03 32.23 13.66
N PRO G 183 -9.96 32.95 13.34
CA PRO G 183 -9.08 33.47 14.41
C PRO G 183 -9.74 34.49 15.30
N ARG G 184 -10.86 35.08 14.89
CA ARG G 184 -11.60 35.96 15.78
C ARG G 184 -12.15 35.19 16.97
N TYR G 185 -12.42 33.89 16.80
CA TYR G 185 -12.96 33.04 17.85
C TYR G 185 -11.92 32.16 18.47
N LEU G 186 -10.64 32.56 18.46
CA LEU G 186 -9.60 31.66 18.95
C LEU G 186 -9.63 31.55 20.47
N ARG G 187 -9.76 32.67 21.17
CA ARG G 187 -9.81 32.61 22.63
C ARG G 187 -10.89 31.66 23.10
N GLY G 188 -12.09 31.80 22.57
CA GLY G 188 -13.16 30.93 22.98
C GLY G 188 -12.89 29.47 22.62
N VAL G 189 -11.98 29.24 21.67
CA VAL G 189 -11.70 27.87 21.29
C VAL G 189 -10.69 27.24 22.25
N MET G 190 -9.77 28.04 22.78
CA MET G 190 -8.87 27.47 23.79
C MET G 190 -9.59 27.26 25.12
N GLN G 191 -10.37 28.23 25.56
CA GLN G 191 -11.39 27.90 26.54
C GLN G 191 -12.37 26.94 25.87
N ASN G 192 -13.17 26.26 26.67
CA ASN G 192 -14.00 25.15 26.24
C ASN G 192 -13.12 24.01 25.79
N LEU G 193 -11.80 24.14 25.90
CA LEU G 193 -10.87 23.11 25.48
C LEU G 193 -9.94 22.73 26.62
N ALA G 194 -10.27 23.10 27.85
CA ALA G 194 -9.44 22.82 29.00
C ALA G 194 -10.00 21.65 29.80
N SER H 6 -12.49 6.17 15.98
CA SER H 6 -13.81 6.27 16.58
C SER H 6 -14.88 6.42 15.51
N ARG H 7 -16.02 6.98 15.88
CA ARG H 7 -17.12 7.17 14.94
C ARG H 7 -17.17 8.63 14.51
N ARG H 8 -17.33 8.86 13.21
CA ARG H 8 -17.26 10.19 12.63
C ARG H 8 -18.60 10.58 12.05
N PHE H 9 -18.98 11.84 12.22
CA PHE H 9 -20.25 12.35 11.70
C PHE H 9 -19.99 13.56 10.82
N VAL H 10 -20.74 13.67 9.74
CA VAL H 10 -20.69 14.83 8.85
C VAL H 10 -22.06 15.48 8.84
N LEU H 11 -22.10 16.77 9.08
CA LEU H 11 -23.38 17.44 9.25
C LEU H 11 -23.76 18.24 8.02
N ASP H 12 -24.98 18.73 8.05
CA ASP H 12 -25.58 19.51 6.98
C ASP H 12 -26.33 20.66 7.60
N THR H 13 -26.51 21.72 6.81
CA THR H 13 -27.25 22.87 7.30
C THR H 13 -28.68 22.53 7.66
N SER H 14 -29.23 21.44 7.11
CA SER H 14 -30.59 21.07 7.47
C SER H 14 -30.68 20.64 8.92
N VAL H 15 -29.61 20.08 9.48
CA VAL H 15 -29.62 19.63 10.86
C VAL H 15 -29.86 20.80 11.81
N PHE H 16 -29.39 21.99 11.43
CA PHE H 16 -29.61 23.19 12.23
C PHE H 16 -30.54 24.19 11.57
N THR H 17 -31.26 23.81 10.51
CA THR H 17 -32.23 24.73 9.95
C THR H 17 -33.62 24.10 9.84
N ASN H 18 -33.67 22.81 9.57
CA ASN H 18 -34.95 22.16 9.30
C ASN H 18 -35.48 21.54 10.58
N PRO H 19 -36.63 21.99 11.09
CA PRO H 19 -37.24 21.30 12.23
C PRO H 19 -37.55 19.85 11.92
N ASP H 20 -38.01 19.15 12.96
CA ASP H 20 -38.27 17.72 12.97
C ASP H 20 -36.97 16.93 13.01
N VAL H 21 -35.83 17.63 12.91
CA VAL H 21 -34.57 17.17 13.45
C VAL H 21 -34.05 18.30 14.32
N TYR H 22 -34.47 19.51 13.99
CA TYR H 22 -34.07 20.69 14.73
C TYR H 22 -34.83 20.79 16.04
N LEU H 23 -36.10 20.41 16.01
CA LEU H 23 -36.79 20.02 17.23
C LEU H 23 -36.21 18.70 17.71
N ARG H 24 -36.80 18.18 18.79
CA ARG H 24 -36.27 17.04 19.52
C ARG H 24 -35.00 17.47 20.26
N PHE H 25 -34.50 18.66 19.92
CA PHE H 25 -33.43 19.30 20.66
C PHE H 25 -33.98 20.40 21.56
N ASP H 26 -34.70 21.37 20.99
CA ASP H 26 -35.41 22.35 21.80
C ASP H 26 -36.40 23.07 20.91
N GLU H 27 -37.39 23.69 21.54
CA GLU H 27 -38.35 24.52 20.81
C GLU H 27 -37.69 25.77 20.25
N GLU H 28 -36.96 26.51 21.07
CA GLU H 28 -36.36 27.76 20.61
C GLU H 28 -35.10 27.45 19.82
N PRO H 29 -34.96 27.96 18.62
CA PRO H 29 -33.92 27.49 17.70
C PRO H 29 -32.47 27.53 18.19
N MET H 30 -31.97 28.73 18.51
CA MET H 30 -30.57 28.83 18.89
C MET H 30 -30.28 28.01 20.13
N GLN H 31 -31.24 27.90 21.04
CA GLN H 31 -31.03 27.04 22.19
C GLN H 31 -30.96 25.58 21.78
N ALA H 32 -31.66 25.19 20.72
CA ALA H 32 -31.50 23.84 20.21
C ALA H 32 -30.10 23.64 19.66
N ILE H 33 -29.55 24.65 18.99
CA ILE H 33 -28.16 24.57 18.55
C ILE H 33 -27.26 24.36 19.77
N SER H 34 -27.47 25.15 20.81
CA SER H 34 -26.60 25.05 21.99
C SER H 34 -26.77 23.69 22.66
N VAL H 35 -27.97 23.14 22.65
CA VAL H 35 -28.17 21.83 23.24
C VAL H 35 -27.40 20.78 22.45
N PHE H 36 -27.40 20.87 21.12
CA PHE H 36 -26.60 19.93 20.35
C PHE H 36 -25.11 20.11 20.66
N LEU H 37 -24.68 21.37 20.81
CA LEU H 37 -23.32 21.63 21.27
C LEU H 37 -23.03 20.91 22.58
N GLY H 38 -23.98 20.93 23.49
CA GLY H 38 -23.78 20.23 24.75
C GLY H 38 -23.70 18.72 24.58
N LEU H 39 -24.56 18.17 23.73
CA LEU H 39 -24.56 16.72 23.55
C LEU H 39 -23.28 16.24 22.88
N ALA H 40 -22.81 16.96 21.88
CA ALA H 40 -21.45 16.70 21.42
C ALA H 40 -20.49 17.20 22.49
N ARG H 41 -19.23 16.77 22.39
CA ARG H 41 -18.20 17.06 23.37
C ARG H 41 -18.45 16.27 24.66
N ARG H 42 -19.60 15.62 24.74
CA ARG H 42 -19.84 14.58 25.72
C ARG H 42 -20.00 13.23 25.08
N ALA H 43 -19.95 13.16 23.76
CA ALA H 43 -20.03 11.92 23.03
C ALA H 43 -18.65 11.48 22.57
N ASP H 44 -18.56 10.24 22.13
CA ASP H 44 -17.31 9.66 21.65
C ASP H 44 -17.23 9.68 20.14
N ALA H 45 -17.67 10.79 19.53
CA ALA H 45 -17.62 10.93 18.09
C ALA H 45 -17.04 12.30 17.73
N GLU H 46 -16.51 12.39 16.52
CA GLU H 46 -16.05 13.64 15.94
C GLU H 46 -17.10 14.15 14.96
N PHE H 47 -17.19 15.47 14.83
CA PHE H 47 -18.20 16.09 13.97
C PHE H 47 -17.55 17.05 13.00
N TYR H 48 -17.74 16.80 11.70
CA TYR H 48 -17.24 17.65 10.63
C TYR H 48 -18.40 18.36 9.96
N MET H 49 -18.13 19.52 9.41
CA MET H 49 -19.20 20.22 8.73
C MET H 49 -18.60 21.20 7.74
N PRO H 50 -18.81 21.01 6.43
CA PRO H 50 -17.97 21.67 5.44
C PRO H 50 -18.05 23.19 5.46
N GLY H 51 -17.06 23.80 4.81
CA GLY H 51 -16.89 25.23 4.82
C GLY H 51 -18.10 26.00 4.36
N PRO H 52 -18.50 25.82 3.10
CA PRO H 52 -19.63 26.60 2.57
C PRO H 52 -20.89 26.44 3.39
N VAL H 53 -21.16 25.23 3.88
CA VAL H 53 -22.32 25.04 4.74
C VAL H 53 -22.20 25.92 5.98
N TYR H 54 -21.01 25.98 6.56
CA TYR H 54 -20.84 26.82 7.74
C TYR H 54 -21.03 28.28 7.40
N GLN H 55 -20.53 28.71 6.24
CA GLN H 55 -20.72 30.09 5.84
C GLN H 55 -22.21 30.41 5.74
N GLU H 56 -22.97 29.50 5.12
CA GLU H 56 -24.40 29.73 4.97
C GLU H 56 -25.11 29.76 6.33
N LEU H 57 -24.78 28.81 7.20
CA LEU H 57 -25.44 28.75 8.50
C LEU H 57 -25.07 29.93 9.37
N CYS H 58 -23.82 30.39 9.28
CA CYS H 58 -23.39 31.54 10.06
C CYS H 58 -24.02 32.83 9.52
N ASN H 59 -24.21 32.90 8.20
CA ASN H 59 -25.01 33.98 7.65
C ASN H 59 -26.41 33.95 8.23
N LEU H 60 -26.97 32.74 8.37
CA LEU H 60 -28.35 32.62 8.79
C LEU H 60 -28.56 32.91 10.27
N ARG H 61 -28.09 32.03 11.13
CA ARG H 61 -28.55 32.17 12.52
C ARG H 61 -27.44 32.20 13.55
N SER H 62 -26.37 31.43 13.36
CA SER H 62 -25.32 31.34 14.36
C SER H 62 -24.66 32.70 14.56
N MET H 63 -24.45 33.06 15.82
CA MET H 63 -23.89 34.35 16.18
C MET H 63 -22.54 34.15 16.87
N ASP H 64 -21.92 35.26 17.22
CA ASP H 64 -20.56 35.21 17.76
C ASP H 64 -20.48 34.45 19.08
N LEU H 65 -21.56 34.45 19.87
CA LEU H 65 -21.52 33.78 21.16
C LEU H 65 -21.38 32.28 20.99
N ILE H 66 -22.23 31.68 20.14
CA ILE H 66 -22.22 30.23 19.98
C ILE H 66 -21.08 29.75 19.11
N GLY H 67 -20.54 30.61 18.24
CA GLY H 67 -19.55 30.16 17.29
C GLY H 67 -18.32 29.57 17.95
N ALA H 68 -17.96 30.08 19.12
CA ALA H 68 -16.78 29.56 19.81
C ALA H 68 -16.91 28.08 20.08
N GLU H 69 -18.00 27.67 20.72
CA GLU H 69 -18.18 26.25 21.02
C GLU H 69 -18.31 25.44 19.75
N PHE H 70 -19.00 25.99 18.75
CA PHE H 70 -19.18 25.28 17.49
C PHE H 70 -17.85 24.94 16.86
N GLU H 71 -16.90 25.88 16.89
CA GLU H 71 -15.59 25.58 16.34
C GLU H 71 -14.75 24.77 17.31
N THR H 72 -15.11 24.75 18.59
CA THR H 72 -14.38 23.87 19.50
C THR H 72 -14.65 22.42 19.17
N GLU H 73 -15.92 22.06 18.92
CA GLU H 73 -16.21 20.65 18.81
C GLU H 73 -16.52 20.18 17.39
N VAL H 74 -16.78 21.07 16.45
CA VAL H 74 -17.13 20.68 15.10
C VAL H 74 -16.04 21.19 14.16
N TYR H 75 -15.28 20.27 13.59
CA TYR H 75 -14.20 20.62 12.67
C TYR H 75 -14.80 21.25 11.42
N ILE H 76 -14.63 22.54 11.23
CA ILE H 76 -15.10 23.13 9.99
C ILE H 76 -14.09 22.84 8.91
N ARG H 77 -14.30 21.75 8.17
CA ARG H 77 -13.37 21.32 7.14
C ARG H 77 -14.10 21.01 5.85
N SER H 78 -13.59 21.54 4.74
CA SER H 78 -14.09 21.26 3.41
C SER H 78 -13.40 20.02 2.86
N PRO H 79 -14.07 19.23 2.01
CA PRO H 79 -13.53 17.93 1.63
C PRO H 79 -12.20 18.07 0.92
N ARG H 80 -11.47 16.96 0.83
CA ARG H 80 -10.09 17.01 0.36
C ARG H 80 -10.02 17.43 -1.09
N ARG H 81 -11.17 17.54 -1.75
CA ARG H 81 -11.36 18.44 -2.88
C ARG H 81 -10.63 17.88 -4.10
N PHE H 82 -9.71 16.95 -3.85
CA PHE H 82 -8.70 16.50 -4.80
C PHE H 82 -8.17 15.18 -4.26
N SER H 83 -7.36 14.51 -5.06
CA SER H 83 -6.82 13.20 -4.71
C SER H 83 -7.91 12.24 -4.32
N MET H 84 -9.15 12.54 -4.69
CA MET H 84 -10.30 11.72 -4.40
C MET H 84 -10.89 11.28 -5.72
N THR H 85 -10.78 10.00 -6.02
CA THR H 85 -11.24 9.45 -7.28
C THR H 85 -12.61 8.85 -7.07
N ILE H 86 -13.65 9.59 -7.47
CA ILE H 86 -15.01 9.10 -7.36
C ILE H 86 -15.26 8.16 -8.52
N PRO H 87 -16.14 7.16 -8.37
CA PRO H 87 -16.54 6.36 -9.53
C PRO H 87 -17.23 7.23 -10.56
N SER H 88 -17.03 6.88 -11.83
CA SER H 88 -17.39 7.80 -12.91
C SER H 88 -18.87 8.13 -12.88
N GLU H 89 -19.70 7.10 -12.82
CA GLU H 89 -21.14 7.27 -12.92
C GLU H 89 -21.74 8.02 -11.75
N VAL H 90 -20.99 8.18 -10.66
CA VAL H 90 -21.41 9.12 -9.62
C VAL H 90 -21.80 10.44 -10.26
N LEU H 91 -20.95 10.91 -11.17
CA LEU H 91 -21.26 12.13 -11.90
C LEU H 91 -22.63 12.03 -12.54
N TYR H 92 -22.87 10.94 -13.29
CA TYR H 92 -24.18 10.72 -13.88
C TYR H 92 -25.29 10.80 -12.85
N GLU H 93 -25.10 10.12 -11.71
CA GLU H 93 -26.11 10.18 -10.67
C GLU H 93 -26.34 11.61 -10.23
N PHE H 94 -25.26 12.37 -10.06
CA PHE H 94 -25.40 13.73 -9.59
C PHE H 94 -26.19 14.53 -10.61
N ILE H 95 -26.02 14.22 -11.90
CA ILE H 95 -26.76 14.91 -12.94
C ILE H 95 -28.25 14.78 -12.67
N GLU H 96 -28.68 13.57 -12.31
CA GLU H 96 -30.08 13.32 -12.02
C GLU H 96 -30.60 14.27 -10.95
N GLU H 97 -29.79 14.54 -9.93
CA GLU H 97 -30.21 15.49 -8.91
C GLU H 97 -30.39 16.88 -9.50
N VAL H 98 -29.44 17.32 -10.33
CA VAL H 98 -29.64 18.59 -11.02
C VAL H 98 -30.83 18.49 -11.97
N ARG H 99 -31.12 17.29 -12.44
CA ARG H 99 -32.36 17.07 -13.19
C ARG H 99 -33.58 17.35 -12.31
N THR H 100 -33.56 16.89 -11.06
CA THR H 100 -34.72 17.01 -10.19
C THR H 100 -34.72 18.29 -9.36
N ARG H 101 -33.64 19.07 -9.37
CA ARG H 101 -33.56 20.29 -8.59
C ARG H 101 -34.07 21.51 -9.34
N ILE H 102 -35.00 21.32 -10.28
CA ILE H 102 -35.56 22.46 -10.99
C ILE H 102 -36.44 23.29 -10.06
N GLN H 103 -37.17 22.63 -9.17
CA GLN H 103 -38.18 23.28 -8.33
C GLN H 103 -39.23 24.00 -9.17
N GLU H 136 -35.30 32.16 -11.92
CA GLU H 136 -34.49 33.24 -11.35
C GLU H 136 -33.76 32.74 -10.12
N ALA H 137 -34.24 31.63 -9.56
CA ALA H 137 -33.59 30.99 -8.42
C ALA H 137 -32.53 29.96 -8.84
N MET H 138 -31.99 30.08 -10.06
CA MET H 138 -30.93 29.17 -10.46
C MET H 138 -29.64 29.44 -9.69
N ARG H 139 -29.36 30.69 -9.32
CA ARG H 139 -28.20 30.93 -8.47
C ARG H 139 -28.31 30.13 -7.18
N ARG H 140 -29.48 30.16 -6.56
CA ARG H 140 -29.72 29.36 -5.36
C ARG H 140 -29.60 27.88 -5.66
N GLY H 141 -30.13 27.44 -6.81
CA GLY H 141 -30.07 26.02 -7.14
C GLY H 141 -28.66 25.49 -7.29
N ILE H 142 -27.82 26.18 -8.07
CA ILE H 142 -26.44 25.74 -8.22
C ILE H 142 -25.64 25.90 -6.94
N LEU H 143 -25.88 26.95 -6.15
CA LEU H 143 -25.12 27.01 -4.91
C LEU H 143 -25.53 25.89 -3.96
N ASP H 144 -26.81 25.52 -3.95
CA ASP H 144 -27.24 24.38 -3.15
C ASP H 144 -26.61 23.09 -3.64
N SER H 145 -26.50 22.94 -4.95
CA SER H 145 -25.80 21.77 -5.49
C SER H 145 -24.35 21.75 -5.07
N ARG H 146 -23.70 22.92 -5.04
CA ARG H 146 -22.30 22.96 -4.63
C ARG H 146 -22.13 22.59 -3.17
N GLU H 147 -22.95 23.16 -2.29
CA GLU H 147 -22.82 22.80 -0.88
C GLU H 147 -23.13 21.33 -0.67
N ASP H 148 -24.15 20.81 -1.35
CA ASP H 148 -24.51 19.41 -1.20
C ASP H 148 -23.41 18.49 -1.69
N ILE H 149 -22.76 18.85 -2.80
CA ILE H 149 -21.69 17.98 -3.27
C ILE H 149 -20.48 18.07 -2.34
N ASP H 150 -20.22 19.25 -1.75
CA ASP H 150 -19.16 19.30 -0.75
C ASP H 150 -19.46 18.35 0.40
N VAL H 151 -20.68 18.40 0.92
CA VAL H 151 -21.00 17.56 2.08
C VAL H 151 -20.90 16.09 1.71
N VAL H 152 -21.46 15.70 0.57
CA VAL H 152 -21.46 14.28 0.23
C VAL H 152 -20.05 13.79 -0.03
N LEU H 153 -19.25 14.57 -0.75
CA LEU H 153 -17.88 14.13 -1.00
C LEU H 153 -17.07 14.06 0.28
N LEU H 154 -17.34 14.95 1.25
CA LEU H 154 -16.66 14.85 2.52
C LEU H 154 -17.00 13.55 3.21
N ALA H 155 -18.28 13.22 3.25
CA ALA H 155 -18.68 11.97 3.86
C ALA H 155 -18.13 10.78 3.08
N TYR H 156 -17.83 10.97 1.80
CA TYR H 156 -17.22 9.89 1.03
C TYR H 156 -15.76 9.73 1.39
N GLU H 157 -15.05 10.83 1.53
CA GLU H 157 -13.62 10.77 1.75
C GLU H 157 -13.31 10.27 3.16
N LEU H 158 -13.98 10.82 4.16
CA LEU H 158 -13.70 10.40 5.52
C LEU H 158 -14.29 9.04 5.84
N ASP H 159 -15.11 8.50 4.95
CA ASP H 159 -15.94 7.34 5.25
C ASP H 159 -16.73 7.59 6.52
N ALA H 160 -17.18 8.82 6.67
CA ALA H 160 -17.87 9.23 7.88
C ALA H 160 -19.35 8.92 7.74
N THR H 161 -20.16 9.45 8.63
CA THR H 161 -21.59 9.16 8.66
C THR H 161 -22.36 10.42 8.35
N LEU H 162 -22.97 10.47 7.18
CA LEU H 162 -23.75 11.63 6.77
C LEU H 162 -25.04 11.71 7.55
N VAL H 163 -25.33 12.87 8.11
CA VAL H 163 -26.63 13.15 8.71
C VAL H 163 -27.20 14.38 8.04
N SER H 164 -28.39 14.25 7.47
CA SER H 164 -28.99 15.40 6.80
C SER H 164 -30.46 15.13 6.60
N ALA H 165 -31.23 16.21 6.51
CA ALA H 165 -32.67 16.09 6.32
C ALA H 165 -33.08 16.14 4.85
N ASP H 166 -32.14 16.25 3.93
CA ASP H 166 -32.47 16.35 2.51
C ASP H 166 -32.71 14.95 1.95
N GLU H 167 -33.98 14.59 1.75
CA GLU H 167 -34.29 13.26 1.24
C GLU H 167 -33.62 13.01 -0.10
N GLY H 168 -33.49 14.07 -0.91
CA GLY H 168 -32.76 13.91 -2.16
C GLY H 168 -31.30 13.55 -1.93
N MET H 169 -30.65 14.26 -1.00
CA MET H 169 -29.26 13.96 -0.71
C MET H 169 -29.13 12.62 -0.02
N ARG H 170 -30.12 12.22 0.79
CA ARG H 170 -29.97 10.98 1.53
C ARG H 170 -30.02 9.78 0.60
N LYS H 171 -30.89 9.80 -0.42
CA LYS H 171 -30.90 8.68 -1.36
C LYS H 171 -29.62 8.63 -2.18
N PHE H 172 -29.11 9.80 -2.58
CA PHE H 172 -27.85 9.83 -3.30
C PHE H 172 -26.72 9.26 -2.44
N ALA H 173 -26.64 9.69 -1.19
CA ALA H 173 -25.58 9.19 -0.32
C ALA H 173 -25.74 7.70 -0.06
N GLU H 174 -26.97 7.24 0.07
CA GLU H 174 -27.21 5.82 0.24
C GLU H 174 -26.70 5.04 -0.96
N ARG H 175 -27.07 5.47 -2.16
CA ARG H 175 -26.73 4.70 -3.35
C ARG H 175 -25.24 4.73 -3.62
N ILE H 176 -24.58 5.85 -3.35
CA ILE H 176 -23.14 5.91 -3.57
C ILE H 176 -22.41 5.06 -2.54
N GLY H 177 -23.00 4.82 -1.38
CA GLY H 177 -22.32 4.05 -0.36
C GLY H 177 -21.81 4.86 0.81
N ILE H 178 -22.61 5.78 1.32
CA ILE H 178 -22.24 6.61 2.46
C ILE H 178 -22.97 6.10 3.68
N LYS H 179 -22.25 5.98 4.79
CA LYS H 179 -22.89 5.60 6.04
C LYS H 179 -23.91 6.66 6.42
N LEU H 180 -25.07 6.22 6.90
CA LEU H 180 -26.19 7.13 7.10
C LEU H 180 -26.78 6.95 8.50
N VAL H 181 -27.44 8.00 8.96
CA VAL H 181 -28.22 7.98 10.20
C VAL H 181 -29.44 8.84 9.99
N ASN H 182 -30.61 8.28 10.23
CA ASN H 182 -31.82 9.06 10.10
C ASN H 182 -31.72 10.19 11.13
N PRO H 183 -31.74 11.45 10.71
CA PRO H 183 -31.50 12.54 11.65
C PRO H 183 -32.54 12.62 12.76
N ARG H 184 -33.72 12.06 12.57
CA ARG H 184 -34.70 12.07 13.65
C ARG H 184 -34.19 11.33 14.88
N TYR H 185 -33.17 10.49 14.70
CA TYR H 185 -32.53 9.80 15.80
C TYR H 185 -31.23 10.45 16.23
N LEU H 186 -30.84 11.56 15.60
CA LEU H 186 -29.53 12.12 15.86
C LEU H 186 -29.32 12.41 17.34
N ARG H 187 -30.26 13.14 17.97
CA ARG H 187 -30.11 13.38 19.40
C ARG H 187 -30.01 12.08 20.16
N GLY H 188 -30.89 11.12 19.85
CA GLY H 188 -30.82 9.85 20.52
C GLY H 188 -29.45 9.22 20.43
N VAL H 189 -28.73 9.46 19.34
CA VAL H 189 -27.40 8.89 19.22
C VAL H 189 -26.46 9.50 20.25
N MET H 190 -26.47 10.83 20.41
CA MET H 190 -25.45 11.42 21.28
C MET H 190 -25.62 11.01 22.74
N GLN H 191 -26.84 10.74 23.21
CA GLN H 191 -26.96 10.18 24.55
C GLN H 191 -26.30 8.81 24.62
N ASN H 192 -26.47 7.99 23.58
CA ASN H 192 -25.97 6.63 23.66
C ASN H 192 -24.47 6.56 23.46
N LEU H 193 -23.85 7.69 23.10
CA LEU H 193 -22.40 7.77 23.15
C LEU H 193 -21.98 8.67 24.30
N ALA H 194 -21.20 8.11 25.23
CA ALA H 194 -20.80 8.86 26.41
C ALA H 194 -19.50 8.34 26.98
N SER I 6 4.19 12.29 25.64
CA SER I 6 4.91 13.37 26.31
C SER I 6 5.82 14.09 25.32
N ARG I 7 6.81 14.81 25.84
CA ARG I 7 7.56 15.78 25.06
C ARG I 7 9.01 15.32 24.96
N ARG I 8 9.30 14.46 23.99
CA ARG I 8 10.62 13.87 23.87
C ARG I 8 11.61 14.86 23.29
N PHE I 9 12.78 14.95 23.88
CA PHE I 9 13.85 15.76 23.35
C PHE I 9 14.96 14.84 22.87
N VAL I 10 15.76 15.32 21.93
CA VAL I 10 16.91 14.58 21.48
C VAL I 10 18.10 15.48 21.62
N LEU I 11 19.00 15.13 22.50
CA LEU I 11 20.08 16.03 22.83
C LEU I 11 21.20 15.87 21.81
N ASP I 12 22.34 16.45 22.14
CA ASP I 12 23.48 16.51 21.25
C ASP I 12 24.67 16.85 22.12
N THR I 13 25.87 16.55 21.62
CA THR I 13 27.03 16.90 22.42
C THR I 13 27.16 18.40 22.59
N SER I 14 26.70 19.18 21.60
CA SER I 14 26.86 20.61 21.68
C SER I 14 26.13 21.18 22.88
N VAL I 15 24.96 20.64 23.20
CA VAL I 15 24.18 21.14 24.32
C VAL I 15 25.01 21.12 25.59
N PHE I 16 25.94 20.19 25.70
CA PHE I 16 26.76 20.08 26.89
C PHE I 16 28.18 20.58 26.69
N THR I 17 28.52 21.04 25.50
CA THR I 17 29.89 21.49 25.25
C THR I 17 29.96 22.96 24.90
N ASN I 18 29.22 23.38 23.90
CA ASN I 18 29.30 24.74 23.42
C ASN I 18 28.82 25.67 24.53
N PRO I 19 29.52 26.75 24.83
CA PRO I 19 29.00 27.70 25.83
C PRO I 19 27.75 28.39 25.32
N ASP I 20 27.31 29.44 26.00
CA ASP I 20 26.26 30.31 25.47
C ASP I 20 24.93 29.56 25.45
N VAL I 21 24.98 28.26 25.64
CA VAL I 21 23.81 27.39 25.73
C VAL I 21 23.96 26.57 27.00
N TYR I 22 25.17 26.56 27.54
CA TYR I 22 25.55 25.55 28.49
C TYR I 22 25.92 26.19 29.83
N LEU I 23 26.31 27.45 29.78
CA LEU I 23 26.45 28.24 30.99
C LEU I 23 25.10 28.44 31.65
N ARG I 24 24.05 28.53 30.83
CA ARG I 24 22.74 28.94 31.33
C ARG I 24 22.25 28.02 32.44
N PHE I 25 22.78 26.80 32.49
CA PHE I 25 22.50 25.95 33.63
C PHE I 25 23.38 26.30 34.81
N ASP I 26 24.69 26.38 34.59
CA ASP I 26 25.63 26.82 35.62
C ASP I 26 26.95 27.11 34.90
N GLU I 27 27.74 27.99 35.51
CA GLU I 27 29.01 28.40 34.92
C GLU I 27 30.05 27.30 35.01
N GLU I 28 30.16 26.65 36.17
CA GLU I 28 31.08 25.53 36.32
C GLU I 28 30.61 24.39 35.46
N PRO I 29 31.41 23.90 34.54
CA PRO I 29 30.92 22.97 33.52
C PRO I 29 30.28 21.68 34.05
N MET I 30 31.02 20.93 34.86
CA MET I 30 30.50 19.65 35.32
C MET I 30 29.25 19.85 36.16
N GLN I 31 29.25 20.86 37.03
CA GLN I 31 28.05 21.17 37.78
C GLN I 31 26.94 21.67 36.86
N ALA I 32 27.29 22.27 35.73
CA ALA I 32 26.26 22.65 34.78
C ALA I 32 25.55 21.42 34.25
N ILE I 33 26.31 20.39 33.87
CA ILE I 33 25.66 19.15 33.46
C ILE I 33 24.82 18.61 34.61
N SER I 34 25.36 18.64 35.82
CA SER I 34 24.65 18.05 36.94
C SER I 34 23.33 18.77 37.21
N VAL I 35 23.29 20.09 37.08
CA VAL I 35 22.02 20.78 37.27
C VAL I 35 21.11 20.55 36.07
N PHE I 36 21.66 20.25 34.91
CA PHE I 36 20.79 19.82 33.82
C PHE I 36 20.06 18.55 34.22
N LEU I 37 20.79 17.57 34.72
CA LEU I 37 20.13 16.37 35.24
C LEU I 37 19.17 16.72 36.37
N GLY I 38 19.50 17.75 37.14
CA GLY I 38 18.58 18.18 38.18
C GLY I 38 17.25 18.62 37.62
N LEU I 39 17.27 19.42 36.56
CA LEU I 39 16.03 19.85 35.93
C LEU I 39 15.30 18.67 35.31
N ALA I 40 16.03 17.81 34.60
CA ALA I 40 15.44 16.56 34.18
C ALA I 40 15.02 15.76 35.41
N ARG I 41 14.31 14.67 35.17
CA ARG I 41 13.83 13.77 36.21
C ARG I 41 12.73 14.45 37.01
N ARG I 42 12.60 15.76 36.84
CA ARG I 42 11.50 16.51 37.40
C ARG I 42 10.64 17.12 36.32
N ALA I 43 11.13 17.15 35.09
CA ALA I 43 10.33 17.50 33.94
C ALA I 43 9.43 16.34 33.55
N ASP I 44 8.49 16.62 32.67
CA ASP I 44 7.66 15.59 32.05
C ASP I 44 8.16 15.27 30.65
N ALA I 45 9.47 15.33 30.48
CA ALA I 45 10.11 15.13 29.19
C ALA I 45 11.15 14.04 29.32
N GLU I 46 11.41 13.36 28.22
CA GLU I 46 12.36 12.25 28.18
C GLU I 46 13.41 12.53 27.13
N PHE I 47 14.67 12.35 27.49
CA PHE I 47 15.79 12.94 26.79
C PHE I 47 16.63 11.85 26.17
N TYR I 48 16.59 11.72 24.85
CA TYR I 48 17.39 10.73 24.16
C TYR I 48 18.76 11.30 23.80
N MET I 49 19.69 10.42 23.57
CA MET I 49 21.01 10.87 23.14
C MET I 49 21.73 9.72 22.47
N PRO I 50 22.22 9.88 21.25
CA PRO I 50 22.77 8.75 20.52
C PRO I 50 24.03 8.21 21.15
N GLY I 51 24.26 6.93 20.94
CA GLY I 51 25.38 6.23 21.54
C GLY I 51 26.71 6.88 21.24
N PRO I 52 27.02 7.08 19.97
CA PRO I 52 28.29 7.74 19.64
C PRO I 52 28.44 9.10 20.27
N VAL I 53 27.37 9.88 20.29
CA VAL I 53 27.44 11.20 20.92
C VAL I 53 27.70 11.07 22.40
N TYR I 54 27.02 10.13 23.06
CA TYR I 54 27.25 9.96 24.49
C TYR I 54 28.68 9.57 24.76
N GLN I 55 29.24 8.67 23.95
CA GLN I 55 30.61 8.25 24.21
C GLN I 55 31.57 9.40 23.95
N GLU I 56 31.28 10.23 22.95
CA GLU I 56 32.12 11.39 22.68
C GLU I 56 32.10 12.36 23.86
N LEU I 57 30.93 12.56 24.44
CA LEU I 57 30.84 13.35 25.66
C LEU I 57 31.63 12.67 26.78
N CYS I 58 31.55 11.34 26.86
CA CYS I 58 32.20 10.60 27.93
C CYS I 58 33.71 10.75 27.85
N ASN I 59 34.27 10.79 26.65
CA ASN I 59 35.71 10.98 26.52
C ASN I 59 36.13 12.34 27.08
N LEU I 60 35.36 13.38 26.80
CA LEU I 60 35.83 14.72 27.08
C LEU I 60 35.75 15.04 28.57
N ARG I 61 34.54 15.05 29.13
CA ARG I 61 34.44 15.55 30.49
C ARG I 61 33.71 14.62 31.45
N SER I 62 32.66 13.94 31.01
CA SER I 62 31.77 13.24 31.92
C SER I 62 32.53 12.20 32.74
N MET I 63 32.17 12.06 34.00
CA MET I 63 32.89 11.22 34.92
C MET I 63 31.91 10.22 35.54
N ASP I 64 32.34 9.57 36.61
CA ASP I 64 31.67 8.37 37.07
C ASP I 64 30.43 8.69 37.91
N LEU I 65 30.52 9.65 38.82
CA LEU I 65 29.41 9.87 39.74
C LEU I 65 28.14 10.30 39.01
N ILE I 66 28.26 11.24 38.07
CA ILE I 66 27.06 11.69 37.36
C ILE I 66 26.58 10.59 36.42
N GLY I 67 27.51 9.80 35.88
CA GLY I 67 27.16 8.80 34.91
C GLY I 67 25.92 8.02 35.33
N ALA I 68 25.94 7.49 36.54
CA ALA I 68 24.77 6.80 37.05
C ALA I 68 23.53 7.65 36.86
N GLU I 69 23.49 8.78 37.56
CA GLU I 69 22.35 9.67 37.46
C GLU I 69 22.06 9.99 36.01
N PHE I 70 23.12 10.17 35.20
CA PHE I 70 22.93 10.44 33.78
C PHE I 70 22.03 9.40 33.15
N GLU I 71 22.49 8.15 33.13
CA GLU I 71 21.70 7.17 32.41
C GLU I 71 20.38 6.91 33.07
N THR I 72 20.12 7.54 34.21
CA THR I 72 18.82 7.42 34.84
C THR I 72 17.73 8.01 33.96
N GLU I 73 18.01 9.14 33.31
CA GLU I 73 17.00 9.81 32.52
C GLU I 73 17.35 10.00 31.05
N VAL I 74 18.62 10.19 30.72
CA VAL I 74 19.03 10.40 29.34
C VAL I 74 19.14 9.02 28.70
N TYR I 75 18.12 8.62 27.96
CA TYR I 75 18.13 7.31 27.31
C TYR I 75 19.22 7.32 26.27
N ILE I 76 20.21 6.46 26.39
CA ILE I 76 21.32 6.43 25.46
C ILE I 76 20.95 5.40 24.40
N ARG I 77 20.35 5.86 23.32
CA ARG I 77 19.88 5.00 22.25
C ARG I 77 20.36 5.56 20.93
N SER I 78 20.76 4.69 20.03
CA SER I 78 21.18 5.07 18.70
C SER I 78 20.02 4.91 17.72
N PRO I 79 19.97 5.67 16.63
CA PRO I 79 18.79 5.65 15.78
C PRO I 79 18.53 4.26 15.26
N ARG I 80 17.27 3.96 15.02
CA ARG I 80 16.90 2.58 14.73
C ARG I 80 17.65 2.06 13.51
N ARG I 81 17.99 2.93 12.57
CA ARG I 81 19.00 2.72 11.53
C ARG I 81 18.65 1.62 10.55
N PHE I 82 17.58 0.87 10.80
CA PHE I 82 17.08 -0.08 9.83
C PHE I 82 15.58 0.07 9.81
N SER I 83 14.97 -0.27 8.69
CA SER I 83 13.53 -0.10 8.52
C SER I 83 13.11 1.35 8.74
N MET I 84 14.07 2.28 8.66
CA MET I 84 13.76 3.70 8.66
C MET I 84 14.15 4.23 7.29
N THR I 85 13.23 4.87 6.60
CA THR I 85 13.40 5.22 5.19
C THR I 85 13.41 6.74 5.04
N ILE I 86 14.59 7.33 4.98
CA ILE I 86 14.72 8.75 4.74
C ILE I 86 14.23 9.03 3.33
N PRO I 87 13.82 10.26 3.00
CA PRO I 87 13.51 10.59 1.61
C PRO I 87 14.76 10.95 0.85
N SER I 88 14.80 10.54 -0.41
CA SER I 88 16.06 10.47 -1.14
C SER I 88 16.80 11.79 -1.13
N GLU I 89 16.07 12.90 -1.17
CA GLU I 89 16.73 14.19 -1.25
C GLU I 89 17.65 14.42 -0.06
N VAL I 90 17.34 13.83 1.09
CA VAL I 90 18.21 13.98 2.26
C VAL I 90 19.64 13.66 1.90
N LEU I 91 19.84 12.61 1.11
CA LEU I 91 21.20 12.23 0.73
C LEU I 91 21.90 13.39 0.06
N TYR I 92 21.28 13.96 -0.98
CA TYR I 92 21.86 15.13 -1.63
C TYR I 92 22.06 16.24 -0.61
N GLU I 93 21.04 16.46 0.22
CA GLU I 93 21.14 17.47 1.27
C GLU I 93 22.41 17.23 2.06
N PHE I 94 22.60 15.99 2.50
CA PHE I 94 23.73 15.69 3.36
C PHE I 94 25.04 16.02 2.68
N ILE I 95 25.10 15.89 1.36
CA ILE I 95 26.36 16.13 0.66
C ILE I 95 26.87 17.51 1.00
N GLU I 96 25.98 18.50 0.94
CA GLU I 96 26.42 19.88 1.12
C GLU I 96 27.04 20.07 2.49
N GLU I 97 26.50 19.38 3.51
CA GLU I 97 27.12 19.47 4.82
C GLU I 97 28.57 19.04 4.75
N VAL I 98 28.83 17.87 4.17
CA VAL I 98 30.21 17.44 4.00
C VAL I 98 30.97 18.48 3.20
N ARG I 99 30.34 19.04 2.18
CA ARG I 99 30.94 20.13 1.43
C ARG I 99 31.32 21.27 2.37
N THR I 100 30.38 21.74 3.17
CA THR I 100 30.67 22.85 4.07
C THR I 100 31.71 22.45 5.11
N ARG I 101 31.95 21.15 5.29
CA ARG I 101 32.97 20.66 6.19
C ARG I 101 34.27 20.32 5.47
N ILE I 102 34.65 21.11 4.46
CA ILE I 102 35.99 20.97 3.91
C ILE I 102 37.03 21.33 4.97
N GLN I 103 36.88 22.51 5.57
CA GLN I 103 37.79 23.01 6.61
C GLN I 103 39.28 22.74 6.32
N GLU I 136 43.73 13.46 10.00
CA GLU I 136 43.45 14.70 10.70
C GLU I 136 42.07 15.28 10.36
N ALA I 137 42.06 16.52 9.86
CA ALA I 137 40.84 17.32 9.85
C ALA I 137 39.74 16.70 9.00
N MET I 138 40.10 16.13 7.84
CA MET I 138 39.07 15.51 7.00
C MET I 138 38.48 14.27 7.68
N ARG I 139 39.33 13.49 8.36
CA ARG I 139 38.80 12.39 9.17
C ARG I 139 37.92 12.92 10.29
N ARG I 140 38.33 14.01 10.94
CA ARG I 140 37.49 14.65 11.94
C ARG I 140 36.17 15.09 11.34
N GLY I 141 36.21 15.69 10.14
CA GLY I 141 34.99 16.13 9.50
C GLY I 141 34.03 14.99 9.24
N ILE I 142 34.53 13.88 8.70
CA ILE I 142 33.63 12.77 8.40
C ILE I 142 33.10 12.15 9.69
N LEU I 143 33.92 12.09 10.74
CA LEU I 143 33.40 11.55 12.00
C LEU I 143 32.30 12.43 12.56
N ASP I 144 32.50 13.75 12.53
CA ASP I 144 31.47 14.65 12.99
C ASP I 144 30.21 14.50 12.16
N SER I 145 30.37 14.28 10.85
CA SER I 145 29.20 14.11 10.00
C SER I 145 28.44 12.85 10.37
N ARG I 146 29.15 11.78 10.70
CA ARG I 146 28.45 10.57 11.13
C ARG I 146 27.71 10.79 12.43
N GLU I 147 28.31 11.50 13.38
CA GLU I 147 27.61 11.75 14.63
C GLU I 147 26.37 12.62 14.42
N ASP I 148 26.50 13.66 13.60
CA ASP I 148 25.36 14.53 13.35
C ASP I 148 24.25 13.79 12.63
N ILE I 149 24.59 12.90 11.71
CA ILE I 149 23.51 12.15 11.09
C ILE I 149 22.89 11.21 12.09
N ASP I 150 23.66 10.70 13.05
CA ASP I 150 23.04 9.92 14.12
C ASP I 150 21.96 10.73 14.83
N VAL I 151 22.31 11.94 15.27
CA VAL I 151 21.36 12.73 16.06
C VAL I 151 20.14 13.08 15.22
N VAL I 152 20.36 13.62 14.02
CA VAL I 152 19.23 14.07 13.22
C VAL I 152 18.33 12.92 12.85
N LEU I 153 18.90 11.77 12.51
CA LEU I 153 18.07 10.62 12.19
C LEU I 153 17.30 10.15 13.40
N LEU I 154 17.91 10.22 14.59
CA LEU I 154 17.19 9.75 15.77
C LEU I 154 15.98 10.62 16.01
N ALA I 155 16.15 11.94 15.88
CA ALA I 155 15.03 12.85 16.06
C ALA I 155 13.97 12.64 14.98
N TYR I 156 14.39 12.39 13.75
CA TYR I 156 13.44 12.10 12.68
C TYR I 156 12.65 10.85 13.00
N GLU I 157 13.31 9.84 13.54
CA GLU I 157 12.61 8.58 13.79
C GLU I 157 11.63 8.72 14.94
N LEU I 158 12.07 9.29 16.04
CA LEU I 158 11.23 9.41 17.22
C LEU I 158 10.19 10.51 17.09
N ASP I 159 10.36 11.41 16.13
CA ASP I 159 9.60 12.65 16.04
C ASP I 159 9.78 13.48 17.29
N ALA I 160 10.94 13.39 17.90
CA ALA I 160 11.25 14.16 19.09
C ALA I 160 11.73 15.53 18.67
N THR I 161 12.09 16.34 19.63
CA THR I 161 12.51 17.71 19.38
C THR I 161 14.03 17.76 19.45
N LEU I 162 14.67 17.93 18.32
CA LEU I 162 16.12 18.04 18.32
C LEU I 162 16.52 19.32 19.02
N VAL I 163 17.48 19.24 19.93
CA VAL I 163 18.09 20.45 20.48
C VAL I 163 19.57 20.44 20.15
N SER I 164 20.05 21.50 19.53
CA SER I 164 21.48 21.57 19.27
C SER I 164 21.85 22.98 18.87
N ALA I 165 23.03 23.41 19.30
CA ALA I 165 23.50 24.75 19.02
C ALA I 165 24.20 24.84 17.67
N ASP I 166 24.42 23.72 16.99
CA ASP I 166 25.13 23.75 15.72
C ASP I 166 24.22 24.34 14.65
N GLU I 167 24.54 25.55 14.22
CA GLU I 167 23.60 26.31 13.39
C GLU I 167 23.29 25.55 12.10
N GLY I 168 24.31 25.00 11.46
CA GLY I 168 24.08 24.23 10.25
C GLY I 168 23.16 23.05 10.48
N MET I 169 23.35 22.37 11.61
CA MET I 169 22.47 21.24 11.92
C MET I 169 21.04 21.70 12.08
N ARG I 170 20.82 22.86 12.70
CA ARG I 170 19.44 23.30 12.85
C ARG I 170 18.83 23.71 11.53
N LYS I 171 19.60 24.31 10.64
CA LYS I 171 19.05 24.60 9.32
C LYS I 171 18.66 23.31 8.61
N PHE I 172 19.54 22.31 8.67
CA PHE I 172 19.23 21.02 8.06
C PHE I 172 17.99 20.41 8.68
N ALA I 173 17.85 20.50 9.99
CA ALA I 173 16.71 19.91 10.66
C ALA I 173 15.42 20.62 10.27
N GLU I 174 15.45 21.95 10.13
CA GLU I 174 14.24 22.64 9.68
C GLU I 174 13.86 22.19 8.29
N ARG I 175 14.83 22.11 7.39
CA ARG I 175 14.50 21.70 6.03
C ARG I 175 13.88 20.31 6.02
N ILE I 176 14.55 19.34 6.64
CA ILE I 176 14.06 17.97 6.61
C ILE I 176 12.72 17.84 7.32
N GLY I 177 12.46 18.68 8.32
CA GLY I 177 11.19 18.62 9.04
C GLY I 177 11.21 18.07 10.44
N ILE I 178 12.24 18.40 11.21
CA ILE I 178 12.35 18.01 12.61
C ILE I 178 11.80 19.14 13.46
N LYS I 179 11.21 18.82 14.60
CA LYS I 179 10.87 19.89 15.51
C LYS I 179 12.15 20.59 15.96
N LEU I 180 12.00 21.69 16.67
CA LEU I 180 13.19 22.37 17.15
C LEU I 180 12.87 23.15 18.41
N VAL I 181 13.92 23.42 19.18
CA VAL I 181 13.86 24.27 20.36
C VAL I 181 15.19 24.99 20.46
N ASN I 182 15.16 26.30 20.36
CA ASN I 182 16.37 27.08 20.40
C ASN I 182 17.13 26.75 21.68
N PRO I 183 18.29 26.12 21.60
CA PRO I 183 18.93 25.62 22.81
C PRO I 183 19.28 26.70 23.79
N ARG I 184 19.38 27.94 23.35
CA ARG I 184 19.57 29.05 24.29
C ARG I 184 18.44 29.12 25.28
N TYR I 185 17.29 28.55 24.97
CA TYR I 185 16.17 28.55 25.90
C TYR I 185 16.04 27.25 26.66
N LEU I 186 16.94 26.29 26.43
CA LEU I 186 16.65 24.93 26.87
C LEU I 186 16.37 24.86 28.36
N ARG I 187 17.14 25.58 29.17
CA ARG I 187 16.87 25.55 30.60
C ARG I 187 15.44 25.93 30.89
N GLY I 188 15.01 27.09 30.38
CA GLY I 188 13.63 27.46 30.56
C GLY I 188 12.69 26.39 30.09
N VAL I 189 12.98 25.78 28.94
CA VAL I 189 12.07 24.82 28.35
C VAL I 189 11.82 23.66 29.30
N MET I 190 12.73 23.41 30.25
CA MET I 190 12.46 22.34 31.19
C MET I 190 11.70 22.84 32.41
N GLN I 191 12.07 24.00 32.95
CA GLN I 191 11.20 24.59 33.95
C GLN I 191 9.88 24.94 33.28
N ASN I 192 8.81 24.87 34.05
CA ASN I 192 7.41 24.98 33.65
C ASN I 192 7.06 23.90 32.65
N LEU I 193 8.00 23.02 32.31
CA LEU I 193 7.68 21.72 31.77
C LEU I 193 7.57 20.70 32.89
N ALA I 194 7.86 21.12 34.11
CA ALA I 194 7.82 20.28 35.30
C ALA I 194 6.40 19.89 35.67
N SER J 6 0.18 -4.26 40.43
CA SER J 6 -0.61 -5.41 40.04
C SER J 6 0.13 -6.26 39.02
N ARG J 7 0.60 -7.43 39.45
CA ARG J 7 1.34 -8.35 38.60
C ARG J 7 0.44 -9.56 38.33
N ARG J 8 -0.11 -9.62 37.13
CA ARG J 8 -1.13 -10.62 36.82
C ARG J 8 -0.53 -12.01 36.72
N PHE J 9 -1.23 -12.99 37.27
CA PHE J 9 -0.84 -14.39 37.20
C PHE J 9 -1.91 -15.17 36.45
N VAL J 10 -1.51 -16.25 35.79
CA VAL J 10 -2.42 -17.19 35.16
C VAL J 10 -2.18 -18.55 35.77
N LEU J 11 -3.21 -19.08 36.42
CA LEU J 11 -3.08 -20.29 37.23
C LEU J 11 -3.51 -21.50 36.43
N ASP J 12 -2.56 -22.36 36.10
CA ASP J 12 -2.86 -23.68 35.58
C ASP J 12 -3.24 -24.58 36.74
N THR J 13 -4.14 -25.53 36.48
CA THR J 13 -4.66 -26.35 37.57
C THR J 13 -3.62 -27.29 38.15
N SER J 14 -2.44 -27.38 37.53
CA SER J 14 -1.37 -28.20 38.09
C SER J 14 -1.02 -27.79 39.50
N VAL J 15 -1.11 -26.50 39.82
CA VAL J 15 -0.70 -26.03 41.14
C VAL J 15 -1.62 -26.54 42.24
N PHE J 16 -2.81 -27.01 41.88
CA PHE J 16 -3.76 -27.52 42.86
C PHE J 16 -3.77 -29.04 42.94
N THR J 17 -3.17 -29.73 41.97
CA THR J 17 -3.21 -31.19 41.94
C THR J 17 -1.83 -31.82 41.99
N ASN J 18 -0.94 -31.45 41.07
CA ASN J 18 0.33 -32.16 40.96
C ASN J 18 1.17 -31.97 42.20
N PRO J 19 1.86 -33.01 42.64
CA PRO J 19 2.70 -32.90 43.84
C PRO J 19 3.93 -32.04 43.59
N ASP J 20 4.67 -31.82 44.67
CA ASP J 20 5.93 -31.08 44.68
C ASP J 20 5.68 -29.60 44.48
N VAL J 21 4.46 -29.25 44.08
CA VAL J 21 4.01 -27.86 44.01
C VAL J 21 2.71 -27.75 44.79
N TYR J 22 1.96 -28.84 44.87
CA TYR J 22 0.83 -28.88 45.80
C TYR J 22 1.31 -28.76 47.24
N LEU J 23 2.37 -29.49 47.59
CA LEU J 23 2.90 -29.40 48.94
C LEU J 23 3.48 -28.01 49.17
N ARG J 24 4.02 -27.80 50.35
CA ARG J 24 4.54 -26.51 50.81
C ARG J 24 3.41 -25.49 50.98
N PHE J 25 2.18 -25.85 50.62
CA PHE J 25 0.99 -25.07 50.91
C PHE J 25 0.25 -25.59 52.12
N ASP J 26 -0.02 -26.90 52.14
CA ASP J 26 -0.63 -27.58 53.27
C ASP J 26 -0.55 -29.07 53.00
N GLU J 27 -0.72 -29.85 54.06
CA GLU J 27 -0.75 -31.30 53.90
C GLU J 27 -2.08 -31.74 53.28
N GLU J 28 -3.15 -30.96 53.50
CA GLU J 28 -4.53 -31.26 53.17
C GLU J 28 -4.99 -30.43 51.98
N PRO J 29 -5.63 -31.05 50.98
CA PRO J 29 -5.94 -30.29 49.74
C PRO J 29 -6.86 -29.10 49.95
N MET J 30 -7.94 -29.27 50.72
CA MET J 30 -8.83 -28.14 50.96
C MET J 30 -8.13 -27.02 51.70
N GLN J 31 -7.30 -27.37 52.69
CA GLN J 31 -6.57 -26.34 53.40
C GLN J 31 -5.45 -25.76 52.55
N ALA J 32 -4.88 -26.54 51.63
CA ALA J 32 -3.92 -25.97 50.69
C ALA J 32 -4.59 -24.92 49.81
N ILE J 33 -5.77 -25.23 49.30
CA ILE J 33 -6.50 -24.23 48.51
C ILE J 33 -6.86 -23.03 49.37
N SER J 34 -7.32 -23.26 50.61
CA SER J 34 -7.69 -22.15 51.47
C SER J 34 -6.50 -21.28 51.84
N VAL J 35 -5.33 -21.88 52.06
CA VAL J 35 -4.16 -21.09 52.41
C VAL J 35 -3.64 -20.35 51.19
N PHE J 36 -3.78 -20.94 50.00
CA PHE J 36 -3.47 -20.18 48.80
C PHE J 36 -4.42 -18.99 48.68
N LEU J 37 -5.68 -19.20 49.03
CA LEU J 37 -6.64 -18.09 49.02
C LEU J 37 -6.23 -17.02 50.03
N GLY J 38 -5.76 -17.45 51.20
CA GLY J 38 -5.34 -16.50 52.22
C GLY J 38 -4.14 -15.68 51.78
N LEU J 39 -3.19 -16.33 51.11
CA LEU J 39 -2.09 -15.57 50.49
C LEU J 39 -2.62 -14.63 49.42
N ALA J 40 -3.58 -15.09 48.63
CA ALA J 40 -4.29 -14.19 47.74
C ALA J 40 -5.10 -13.18 48.56
N ARG J 41 -5.49 -12.09 47.90
CA ARG J 41 -6.19 -10.94 48.46
C ARG J 41 -5.29 -10.17 49.42
N ARG J 42 -4.08 -10.64 49.70
CA ARG J 42 -3.11 -9.89 50.47
C ARG J 42 -1.95 -9.38 49.63
N ALA J 43 -1.48 -10.18 48.69
CA ALA J 43 -0.42 -9.76 47.80
C ALA J 43 -0.99 -8.98 46.62
N ASP J 44 -0.25 -7.97 46.19
CA ASP J 44 -0.69 -7.06 45.15
C ASP J 44 -0.68 -7.80 43.81
N ALA J 45 -1.68 -8.65 43.63
CA ALA J 45 -1.72 -9.53 42.47
C ALA J 45 -3.16 -9.67 41.98
N GLU J 46 -3.29 -10.04 40.71
CA GLU J 46 -4.56 -10.38 40.09
C GLU J 46 -4.40 -11.78 39.52
N PHE J 47 -5.08 -12.75 40.12
CA PHE J 47 -4.99 -14.11 39.62
C PHE J 47 -6.10 -14.40 38.63
N TYR J 48 -5.73 -14.99 37.50
CA TYR J 48 -6.66 -15.33 36.45
C TYR J 48 -6.68 -16.83 36.26
N MET J 49 -7.83 -17.33 35.83
CA MET J 49 -7.97 -18.76 35.58
C MET J 49 -9.03 -18.99 34.52
N PRO J 50 -8.77 -19.84 33.54
CA PRO J 50 -9.78 -20.14 32.53
C PRO J 50 -10.96 -20.87 33.13
N GLY J 51 -12.15 -20.61 32.57
CA GLY J 51 -13.38 -21.15 33.10
C GLY J 51 -13.45 -22.67 33.15
N PRO J 52 -13.11 -23.34 32.05
CA PRO J 52 -13.10 -24.81 32.08
C PRO J 52 -12.18 -25.36 33.14
N VAL J 53 -11.05 -24.69 33.36
CA VAL J 53 -10.13 -25.12 34.41
C VAL J 53 -10.82 -25.06 35.77
N TYR J 54 -11.53 -23.97 36.03
CA TYR J 54 -12.20 -23.80 37.33
C TYR J 54 -13.27 -24.87 37.52
N GLN J 55 -14.11 -25.08 36.50
CA GLN J 55 -15.19 -26.05 36.66
C GLN J 55 -14.64 -27.46 36.83
N GLU J 56 -13.57 -27.80 36.09
CA GLU J 56 -12.92 -29.08 36.32
C GLU J 56 -12.42 -29.18 37.75
N LEU J 57 -11.77 -28.11 38.24
CA LEU J 57 -11.31 -28.10 39.62
C LEU J 57 -12.46 -28.40 40.58
N CYS J 58 -13.62 -27.79 40.35
CA CYS J 58 -14.79 -28.10 41.16
C CYS J 58 -15.12 -29.58 41.09
N ASN J 59 -15.03 -30.16 39.88
CA ASN J 59 -15.32 -31.58 39.74
C ASN J 59 -14.18 -32.44 40.27
N LEU J 60 -12.93 -31.97 40.13
CA LEU J 60 -11.80 -32.71 40.69
C LEU J 60 -11.88 -32.82 42.21
N ARG J 61 -11.68 -31.72 42.91
CA ARG J 61 -11.69 -31.77 44.36
C ARG J 61 -12.63 -30.76 45.00
N SER J 62 -12.74 -29.56 44.44
CA SER J 62 -13.35 -28.46 45.16
C SER J 62 -14.83 -28.73 45.47
N MET J 63 -15.29 -28.15 46.58
CA MET J 63 -16.69 -28.07 46.95
C MET J 63 -17.14 -26.60 46.94
N ASP J 64 -18.39 -26.38 47.35
CA ASP J 64 -19.02 -25.07 47.14
C ASP J 64 -18.43 -24.00 48.07
N LEU J 65 -18.11 -24.37 49.31
CA LEU J 65 -17.49 -23.41 50.22
C LEU J 65 -16.15 -22.94 49.66
N ILE J 66 -15.41 -23.86 49.04
CA ILE J 66 -14.18 -23.47 48.34
C ILE J 66 -14.52 -22.54 47.19
N GLY J 67 -15.49 -22.94 46.36
CA GLY J 67 -15.71 -22.27 45.09
C GLY J 67 -16.20 -20.84 45.25
N ALA J 68 -17.04 -20.59 46.25
CA ALA J 68 -17.55 -19.23 46.45
C ALA J 68 -16.41 -18.24 46.65
N GLU J 69 -15.62 -18.43 47.71
CA GLU J 69 -14.52 -17.54 47.98
C GLU J 69 -13.50 -17.54 46.85
N PHE J 70 -13.28 -18.70 46.23
CA PHE J 70 -12.31 -18.79 45.15
C PHE J 70 -12.71 -17.91 43.99
N GLU J 71 -14.00 -17.92 43.62
CA GLU J 71 -14.47 -17.00 42.59
C GLU J 71 -14.39 -15.55 43.07
N THR J 72 -14.68 -15.30 44.34
CA THR J 72 -14.67 -13.91 44.81
C THR J 72 -13.28 -13.30 44.67
N GLU J 73 -12.23 -14.11 44.81
CA GLU J 73 -10.88 -13.55 44.73
C GLU J 73 -10.12 -13.91 43.47
N VAL J 74 -10.29 -15.12 42.93
CA VAL J 74 -9.57 -15.53 41.73
C VAL J 74 -10.47 -15.27 40.54
N TYR J 75 -10.03 -14.40 39.64
CA TYR J 75 -10.85 -14.01 38.50
C TYR J 75 -10.90 -15.15 37.50
N ILE J 76 -12.09 -15.72 37.32
CA ILE J 76 -12.30 -16.78 36.36
C ILE J 76 -12.76 -16.10 35.08
N ARG J 77 -11.88 -16.07 34.09
CA ARG J 77 -12.10 -15.26 32.90
C ARG J 77 -11.89 -16.10 31.65
N SER J 78 -12.77 -15.90 30.67
CA SER J 78 -12.66 -16.64 29.42
C SER J 78 -11.48 -16.10 28.61
N PRO J 79 -10.69 -16.97 27.99
CA PRO J 79 -9.43 -16.55 27.36
C PRO J 79 -9.61 -15.90 25.99
N ARG J 80 -10.61 -15.04 25.87
CA ARG J 80 -10.90 -14.32 24.62
C ARG J 80 -10.80 -15.25 23.42
N ARG J 81 -11.44 -16.42 23.52
CA ARG J 81 -11.26 -17.48 22.54
C ARG J 81 -11.53 -17.02 21.12
N PHE J 82 -12.16 -15.86 20.95
CA PHE J 82 -12.52 -15.37 19.63
C PHE J 82 -11.78 -14.07 19.34
N SER J 83 -11.43 -13.89 18.07
CA SER J 83 -10.76 -12.69 17.59
C SER J 83 -9.51 -12.37 18.40
N MET J 84 -8.72 -13.40 18.71
CA MET J 84 -7.41 -13.23 19.31
C MET J 84 -6.37 -13.55 18.27
N THR J 85 -5.39 -12.67 18.12
CA THR J 85 -4.55 -12.61 16.93
C THR J 85 -3.22 -13.30 17.24
N ILE J 86 -3.20 -14.63 17.21
CA ILE J 86 -2.04 -15.39 17.65
C ILE J 86 -1.07 -15.59 16.49
N PRO J 87 0.19 -15.88 16.75
CA PRO J 87 1.13 -16.11 15.65
C PRO J 87 1.01 -17.53 15.11
N SER J 88 1.57 -17.72 13.91
CA SER J 88 1.24 -18.89 13.11
C SER J 88 1.65 -20.20 13.77
N GLU J 89 2.95 -20.41 13.99
CA GLU J 89 3.36 -21.76 14.32
C GLU J 89 2.87 -22.22 15.68
N VAL J 90 2.31 -21.35 16.52
CA VAL J 90 1.69 -21.83 17.75
C VAL J 90 0.89 -23.09 17.49
N LEU J 91 0.26 -23.17 16.33
CA LEU J 91 -0.42 -24.40 15.94
C LEU J 91 0.57 -25.54 15.75
N TYR J 92 1.75 -25.26 15.18
CA TYR J 92 2.70 -26.33 14.95
C TYR J 92 3.33 -26.81 16.25
N GLU J 93 3.58 -25.89 17.18
CA GLU J 93 3.94 -26.32 18.52
C GLU J 93 2.82 -27.12 19.18
N PHE J 94 1.57 -26.80 18.88
CA PHE J 94 0.47 -27.63 19.36
C PHE J 94 0.58 -29.05 18.79
N ILE J 95 0.87 -29.15 17.49
CA ILE J 95 1.04 -30.46 16.86
C ILE J 95 2.22 -31.20 17.46
N GLU J 96 3.33 -30.52 17.66
CA GLU J 96 4.51 -31.17 18.24
C GLU J 96 4.21 -31.64 19.65
N GLU J 97 3.44 -30.86 20.40
CA GLU J 97 3.01 -31.29 21.73
C GLU J 97 2.20 -32.56 21.64
N VAL J 98 1.22 -32.59 20.73
CA VAL J 98 0.38 -33.79 20.58
C VAL J 98 1.24 -34.97 20.17
N ARG J 99 2.24 -34.73 19.32
CA ARG J 99 3.19 -35.77 18.96
C ARG J 99 3.92 -36.29 20.20
N THR J 100 4.31 -35.38 21.10
CA THR J 100 4.90 -35.80 22.36
C THR J 100 3.86 -36.33 23.33
N ARG J 101 2.58 -35.97 23.16
CA ARG J 101 1.48 -36.50 23.96
C ARG J 101 0.78 -37.66 23.25
N ILE J 102 1.57 -38.52 22.59
CA ILE J 102 1.02 -39.73 22.00
C ILE J 102 0.65 -40.75 23.08
N GLN J 103 1.56 -40.99 24.01
CA GLN J 103 1.42 -42.06 25.00
C GLN J 103 1.05 -43.40 24.35
N GLU J 136 -10.66 -43.69 25.40
CA GLU J 136 -10.81 -43.25 26.78
C GLU J 136 -9.53 -42.57 27.28
N ALA J 137 -8.39 -43.20 26.99
CA ALA J 137 -7.12 -42.52 27.28
C ALA J 137 -6.84 -41.44 26.26
N MET J 138 -7.08 -41.73 24.98
CA MET J 138 -6.84 -40.76 23.92
C MET J 138 -7.67 -39.51 24.14
N ARG J 139 -8.94 -39.69 24.48
CA ARG J 139 -9.81 -38.52 24.69
C ARG J 139 -9.30 -37.68 25.84
N ARG J 140 -8.82 -38.33 26.91
CA ARG J 140 -8.28 -37.57 28.02
C ARG J 140 -7.06 -36.79 27.60
N GLY J 141 -6.19 -37.40 26.79
CA GLY J 141 -5.01 -36.69 26.31
C GLY J 141 -5.36 -35.47 25.48
N ILE J 142 -6.28 -35.63 24.53
CA ILE J 142 -6.61 -34.52 23.64
C ILE J 142 -7.34 -33.42 24.40
N LEU J 143 -8.23 -33.78 25.33
CA LEU J 143 -8.95 -32.76 26.08
C LEU J 143 -8.04 -32.07 27.08
N ASP J 144 -7.07 -32.80 27.65
CA ASP J 144 -6.06 -32.16 28.48
C ASP J 144 -5.27 -31.15 27.67
N SER J 145 -4.94 -31.51 26.44
CA SER J 145 -4.27 -30.59 25.54
C SER J 145 -5.13 -29.36 25.30
N ARG J 146 -6.43 -29.57 25.11
CA ARG J 146 -7.35 -28.45 24.94
C ARG J 146 -7.29 -27.49 26.13
N GLU J 147 -7.35 -28.04 27.34
CA GLU J 147 -7.34 -27.20 28.54
C GLU J 147 -6.01 -26.47 28.68
N ASP J 148 -4.91 -27.17 28.43
CA ASP J 148 -3.60 -26.54 28.54
C ASP J 148 -3.46 -25.41 27.54
N ILE J 149 -3.98 -25.60 26.34
CA ILE J 149 -3.99 -24.54 25.36
C ILE J 149 -4.84 -23.37 25.85
N ASP J 150 -5.97 -23.65 26.49
CA ASP J 150 -6.76 -22.58 27.10
C ASP J 150 -5.87 -21.72 28.00
N VAL J 151 -5.14 -22.38 28.90
CA VAL J 151 -4.34 -21.64 29.88
C VAL J 151 -3.27 -20.82 29.18
N VAL J 152 -2.55 -21.43 28.25
CA VAL J 152 -1.47 -20.73 27.57
C VAL J 152 -2.01 -19.55 26.78
N LEU J 153 -3.14 -19.72 26.09
CA LEU J 153 -3.70 -18.61 25.32
C LEU J 153 -4.18 -17.50 26.24
N LEU J 154 -4.73 -17.85 27.40
CA LEU J 154 -5.14 -16.81 28.33
C LEU J 154 -3.94 -15.99 28.79
N ALA J 155 -2.84 -16.68 29.12
CA ALA J 155 -1.63 -15.96 29.52
C ALA J 155 -1.11 -15.10 28.38
N TYR J 156 -1.10 -15.64 27.16
CA TYR J 156 -0.61 -14.87 26.03
C TYR J 156 -1.45 -13.63 25.82
N GLU J 157 -2.76 -13.75 25.97
CA GLU J 157 -3.64 -12.61 25.75
C GLU J 157 -3.43 -11.54 26.80
N LEU J 158 -3.42 -11.93 28.08
CA LEU J 158 -3.26 -10.95 29.14
C LEU J 158 -1.81 -10.56 29.39
N ASP J 159 -0.87 -11.23 28.72
CA ASP J 159 0.56 -11.06 28.95
C ASP J 159 0.94 -11.43 30.38
N ALA J 160 0.00 -12.01 31.12
CA ALA J 160 0.22 -12.32 32.52
C ALA J 160 1.30 -13.39 32.65
N THR J 161 1.63 -13.73 33.88
CA THR J 161 2.69 -14.69 34.19
C THR J 161 2.07 -16.06 34.35
N LEU J 162 2.41 -16.99 33.47
CA LEU J 162 1.88 -18.34 33.57
C LEU J 162 2.59 -19.11 34.68
N VAL J 163 1.82 -19.78 35.52
CA VAL J 163 2.39 -20.68 36.52
C VAL J 163 1.90 -22.09 36.20
N SER J 164 2.84 -23.01 35.99
CA SER J 164 2.43 -24.36 35.62
C SER J 164 3.54 -25.35 35.93
N ALA J 165 3.13 -26.57 36.32
CA ALA J 165 4.05 -27.65 36.61
C ALA J 165 4.34 -28.51 35.39
N ASP J 166 3.54 -28.40 34.34
CA ASP J 166 3.69 -29.21 33.14
C ASP J 166 4.91 -28.82 32.33
N GLU J 167 5.90 -29.72 32.26
CA GLU J 167 7.16 -29.37 31.62
C GLU J 167 6.99 -29.13 30.14
N GLY J 168 6.16 -29.93 29.46
CA GLY J 168 5.91 -29.67 28.06
C GLY J 168 5.22 -28.34 27.85
N MET J 169 4.21 -28.04 28.66
CA MET J 169 3.62 -26.72 28.65
C MET J 169 4.65 -25.66 28.97
N ARG J 170 5.64 -25.99 29.80
CA ARG J 170 6.69 -25.04 30.10
C ARG J 170 7.48 -24.68 28.85
N LYS J 171 7.96 -25.69 28.11
CA LYS J 171 8.71 -25.37 26.90
C LYS J 171 7.84 -24.64 25.88
N PHE J 172 6.59 -25.06 25.72
CA PHE J 172 5.74 -24.40 24.74
C PHE J 172 5.55 -22.93 25.09
N ALA J 173 5.30 -22.63 26.37
CA ALA J 173 5.12 -21.24 26.76
C ALA J 173 6.44 -20.48 26.69
N GLU J 174 7.55 -21.14 26.95
CA GLU J 174 8.83 -20.47 26.87
C GLU J 174 9.15 -20.06 25.44
N ARG J 175 8.80 -20.92 24.49
CA ARG J 175 9.07 -20.59 23.09
C ARG J 175 8.09 -19.56 22.55
N ILE J 176 6.83 -19.61 23.00
CA ILE J 176 5.84 -18.67 22.46
C ILE J 176 6.12 -17.25 22.95
N GLY J 177 6.70 -17.09 24.14
CA GLY J 177 6.96 -15.75 24.66
C GLY J 177 6.04 -15.30 25.77
N ILE J 178 5.82 -16.15 26.77
CA ILE J 178 4.94 -15.84 27.89
C ILE J 178 5.75 -15.89 29.17
N LYS J 179 5.53 -14.92 30.05
CA LYS J 179 6.25 -14.89 31.32
C LYS J 179 6.01 -16.17 32.11
N LEU J 180 7.08 -16.71 32.67
CA LEU J 180 7.03 -18.02 33.32
C LEU J 180 7.45 -17.89 34.77
N VAL J 181 6.92 -18.79 35.59
CA VAL J 181 7.36 -18.94 36.98
C VAL J 181 7.41 -20.42 37.30
N ASN J 182 8.46 -20.85 37.97
CA ASN J 182 8.47 -22.20 38.50
C ASN J 182 7.55 -22.25 39.71
N PRO J 183 6.46 -23.02 39.66
CA PRO J 183 5.44 -22.88 40.69
C PRO J 183 5.84 -23.46 42.04
N ARG J 184 6.96 -24.17 42.12
CA ARG J 184 7.48 -24.55 43.42
C ARG J 184 7.82 -23.32 44.24
N TYR J 185 8.03 -22.18 43.59
CA TYR J 185 8.24 -20.90 44.23
C TYR J 185 6.96 -20.10 44.40
N LEU J 186 5.81 -20.63 43.98
CA LEU J 186 4.60 -19.82 43.95
C LEU J 186 4.19 -19.36 45.34
N ARG J 187 4.21 -20.27 46.31
CA ARG J 187 4.05 -19.85 47.70
C ARG J 187 5.16 -18.90 48.10
N GLY J 188 6.40 -19.19 47.70
CA GLY J 188 7.49 -18.28 47.94
C GLY J 188 7.31 -16.95 47.22
N VAL J 189 6.42 -16.90 46.24
CA VAL J 189 6.10 -15.63 45.61
C VAL J 189 4.96 -14.92 46.35
N MET J 190 4.07 -15.68 47.00
CA MET J 190 2.94 -15.05 47.70
C MET J 190 3.42 -14.04 48.72
N GLN J 191 4.04 -14.50 49.79
CA GLN J 191 4.85 -13.55 50.52
C GLN J 191 6.10 -13.28 49.69
N ASN J 192 6.76 -12.17 50.00
CA ASN J 192 7.74 -11.47 49.18
C ASN J 192 7.02 -10.62 48.15
N LEU J 193 5.70 -10.76 48.02
CA LEU J 193 4.89 -9.88 47.17
C LEU J 193 4.02 -8.96 47.99
N ALA J 194 4.17 -8.96 49.32
CA ALA J 194 3.42 -8.10 50.23
C ALA J 194 1.91 -8.28 50.07
N SER K 6 7.88 4.32 33.85
CA SER K 6 8.60 3.12 34.26
C SER K 6 9.52 2.66 33.16
N ARG K 7 10.77 2.37 33.52
CA ARG K 7 11.73 1.84 32.57
C ARG K 7 11.74 0.33 32.66
N ARG K 8 11.96 -0.31 31.51
CA ARG K 8 12.18 -1.75 31.46
C ARG K 8 13.64 -2.04 31.24
N PHE K 9 14.21 -2.90 32.06
CA PHE K 9 15.59 -3.32 31.90
C PHE K 9 15.60 -4.77 31.48
N VAL K 10 16.58 -5.15 30.67
CA VAL K 10 16.73 -6.51 30.20
C VAL K 10 18.10 -6.99 30.64
N LEU K 11 18.10 -8.01 31.47
CA LEU K 11 19.31 -8.47 32.14
C LEU K 11 19.94 -9.58 31.33
N ASP K 12 21.26 -9.53 31.22
CA ASP K 12 22.04 -10.62 30.66
C ASP K 12 22.75 -11.32 31.79
N THR K 13 22.98 -12.62 31.64
CA THR K 13 23.60 -13.36 32.73
C THR K 13 24.98 -12.81 33.09
N SER K 14 25.62 -12.10 32.17
CA SER K 14 26.92 -11.51 32.49
C SER K 14 26.81 -10.47 33.59
N VAL K 15 25.61 -9.95 33.85
CA VAL K 15 25.43 -9.01 34.95
C VAL K 15 25.76 -9.68 36.27
N PHE K 16 25.38 -10.94 36.43
CA PHE K 16 25.68 -11.64 37.67
C PHE K 16 26.98 -12.42 37.61
N THR K 17 27.35 -12.95 36.46
CA THR K 17 28.59 -13.73 36.43
C THR K 17 29.82 -12.83 36.43
N ASN K 18 29.98 -12.02 35.40
CA ASN K 18 31.14 -11.17 35.24
C ASN K 18 31.40 -10.36 36.51
N PRO K 19 32.47 -10.65 37.24
CA PRO K 19 32.71 -9.91 38.49
C PRO K 19 32.87 -8.41 38.31
N ASP K 20 33.38 -7.98 37.15
CA ASP K 20 33.68 -6.55 36.97
C ASP K 20 32.44 -5.70 37.19
N VAL K 21 31.31 -6.09 36.62
CA VAL K 21 30.05 -5.42 36.92
C VAL K 21 29.57 -5.80 38.31
N TYR K 22 30.02 -6.95 38.80
CA TYR K 22 29.25 -7.65 39.82
C TYR K 22 29.85 -7.47 41.20
N LEU K 23 31.10 -7.01 41.27
CA LEU K 23 31.72 -6.78 42.57
C LEU K 23 31.03 -5.64 43.31
N ARG K 24 30.52 -4.66 42.58
CA ARG K 24 30.01 -3.46 43.25
C ARG K 24 28.68 -3.71 43.94
N PHE K 25 27.92 -4.71 43.49
CA PHE K 25 26.81 -5.18 44.31
C PHE K 25 27.32 -5.76 45.62
N ASP K 26 28.29 -6.67 45.53
CA ASP K 26 28.96 -7.24 46.68
C ASP K 26 30.12 -8.07 46.15
N GLU K 27 30.92 -8.62 47.07
CA GLU K 27 32.02 -9.48 46.69
C GLU K 27 31.65 -10.95 46.65
N GLU K 28 30.63 -11.37 47.41
CA GLU K 28 30.23 -12.76 47.35
C GLU K 28 28.96 -12.90 46.51
N PRO K 29 28.96 -13.79 45.52
CA PRO K 29 27.88 -13.78 44.52
C PRO K 29 26.47 -13.90 45.08
N MET K 30 26.21 -14.76 46.05
CA MET K 30 24.85 -14.82 46.59
C MET K 30 24.47 -13.50 47.26
N GLN K 31 25.38 -12.91 48.02
CA GLN K 31 25.05 -11.65 48.66
C GLN K 31 24.87 -10.53 47.63
N ALA K 32 25.63 -10.57 46.54
CA ALA K 32 25.44 -9.59 45.48
C ALA K 32 24.08 -9.75 44.81
N ILE K 33 23.68 -10.98 44.53
CA ILE K 33 22.33 -11.19 44.02
C ILE K 33 21.30 -10.68 45.02
N SER K 34 21.53 -10.92 46.30
CA SER K 34 20.57 -10.50 47.32
C SER K 34 20.44 -8.99 47.35
N VAL K 35 21.56 -8.27 47.26
CA VAL K 35 21.48 -6.82 47.29
C VAL K 35 20.86 -6.29 46.00
N PHE K 36 21.08 -6.97 44.88
CA PHE K 36 20.37 -6.59 43.66
C PHE K 36 18.88 -6.78 43.83
N LEU K 37 18.48 -7.88 44.46
CA LEU K 37 17.06 -8.13 44.70
C LEU K 37 16.48 -7.05 45.59
N GLY K 38 17.23 -6.66 46.62
CA GLY K 38 16.76 -5.58 47.47
C GLY K 38 16.63 -4.26 46.72
N LEU K 39 17.59 -3.98 45.84
CA LEU K 39 17.54 -2.74 45.07
C LEU K 39 16.33 -2.72 44.16
N ALA K 40 16.08 -3.81 43.45
CA ALA K 40 14.83 -3.92 42.74
C ALA K 40 13.69 -4.01 43.74
N ARG K 41 12.46 -4.01 43.21
CA ARG K 41 11.25 -4.00 44.03
C ARG K 41 11.08 -2.67 44.74
N ARG K 42 12.13 -1.84 44.73
CA ARG K 42 12.06 -0.50 45.25
C ARG K 42 12.21 0.54 44.16
N ALA K 43 12.79 0.18 43.03
CA ALA K 43 12.83 1.01 41.85
C ALA K 43 11.51 0.95 41.12
N ASP K 44 11.18 2.03 40.42
CA ASP K 44 9.98 2.06 39.59
C ASP K 44 10.17 1.34 38.27
N ALA K 45 11.26 0.61 38.12
CA ALA K 45 11.59 -0.05 36.88
C ALA K 45 11.00 -1.45 36.86
N GLU K 46 11.18 -2.12 35.73
CA GLU K 46 10.90 -3.54 35.59
C GLU K 46 12.14 -4.23 35.05
N PHE K 47 12.36 -5.46 35.47
CA PHE K 47 13.53 -6.21 35.03
C PHE K 47 13.09 -7.48 34.35
N TYR K 48 13.73 -7.81 33.23
CA TYR K 48 13.40 -8.97 32.43
C TYR K 48 14.62 -9.84 32.24
N MET K 49 14.40 -11.14 32.09
CA MET K 49 15.48 -12.01 31.78
C MET K 49 14.97 -13.16 30.93
N PRO K 50 15.62 -13.48 29.83
CA PRO K 50 15.19 -14.62 29.02
C PRO K 50 15.31 -15.92 29.79
N GLY K 51 14.35 -16.82 29.54
CA GLY K 51 14.29 -18.09 30.24
C GLY K 51 15.55 -18.91 30.10
N PRO K 52 16.07 -19.04 28.87
CA PRO K 52 17.36 -19.72 28.72
C PRO K 52 18.47 -19.09 29.53
N VAL K 53 18.54 -17.75 29.57
CA VAL K 53 19.58 -17.08 30.33
C VAL K 53 19.40 -17.34 31.82
N TYR K 54 18.16 -17.28 32.31
CA TYR K 54 17.93 -17.59 33.71
C TYR K 54 18.34 -19.01 34.04
N GLN K 55 18.04 -19.95 33.14
CA GLN K 55 18.42 -21.33 33.39
C GLN K 55 19.93 -21.47 33.47
N GLU K 56 20.64 -20.81 32.55
CA GLU K 56 22.10 -20.88 32.56
C GLU K 56 22.66 -20.24 33.82
N LEU K 57 21.97 -19.22 34.34
CA LEU K 57 22.31 -18.68 35.65
C LEU K 57 22.11 -19.73 36.73
N CYS K 58 20.92 -20.34 36.76
CA CYS K 58 20.58 -21.28 37.81
C CYS K 58 21.58 -22.43 37.86
N ASN K 59 22.16 -22.78 36.71
CA ASN K 59 23.17 -23.83 36.71
C ASN K 59 24.40 -23.40 37.48
N LEU K 60 24.81 -22.14 37.35
CA LEU K 60 26.11 -21.72 37.89
C LEU K 60 26.10 -21.60 39.41
N ARG K 61 25.37 -20.64 39.92
CA ARG K 61 25.45 -20.32 41.35
C ARG K 61 24.11 -20.33 42.06
N SER K 62 23.04 -19.92 41.39
CA SER K 62 21.77 -19.71 42.07
C SER K 62 21.22 -21.04 42.57
N MET K 63 20.41 -20.96 43.62
CA MET K 63 19.74 -22.13 44.17
C MET K 63 18.31 -21.74 44.52
N ASP K 64 17.63 -22.64 45.22
CA ASP K 64 16.20 -22.43 45.50
C ASP K 64 15.98 -21.32 46.51
N LEU K 65 16.99 -21.03 47.33
CA LEU K 65 16.78 -20.13 48.46
C LEU K 65 16.44 -18.72 47.98
N ILE K 66 17.28 -18.15 47.12
CA ILE K 66 17.02 -16.81 46.61
C ILE K 66 15.99 -16.84 45.49
N GLY K 67 15.95 -17.93 44.73
CA GLY K 67 15.17 -18.03 43.52
C GLY K 67 13.82 -17.37 43.61
N ALA K 68 12.98 -17.85 44.54
CA ALA K 68 11.65 -17.30 44.73
C ALA K 68 11.67 -15.79 44.69
N GLU K 69 12.38 -15.17 45.63
CA GLU K 69 12.41 -13.71 45.68
C GLU K 69 12.88 -13.14 44.36
N PHE K 70 13.98 -13.66 43.82
CA PHE K 70 14.47 -13.19 42.53
C PHE K 70 13.38 -13.33 41.48
N GLU K 71 12.76 -14.50 41.44
CA GLU K 71 11.73 -14.76 40.44
C GLU K 71 10.47 -13.96 40.71
N THR K 72 10.33 -13.35 41.89
CA THR K 72 9.23 -12.42 42.11
C THR K 72 9.47 -11.11 41.37
N GLU K 73 10.72 -10.64 41.35
CA GLU K 73 10.99 -9.29 40.88
C GLU K 73 11.47 -9.24 39.44
N VAL K 74 12.12 -10.29 38.96
CA VAL K 74 12.71 -10.32 37.62
C VAL K 74 11.82 -11.20 36.76
N TYR K 75 11.08 -10.59 35.85
CA TYR K 75 10.15 -11.34 35.02
C TYR K 75 10.96 -12.25 34.10
N ILE K 76 10.69 -13.55 34.17
CA ILE K 76 11.40 -14.52 33.36
C ILE K 76 10.57 -14.73 32.10
N ARG K 77 11.09 -14.24 30.99
CA ARG K 77 10.37 -14.32 29.73
C ARG K 77 11.37 -14.31 28.59
N SER K 78 11.15 -15.16 27.62
CA SER K 78 11.94 -15.22 26.41
C SER K 78 11.27 -14.41 25.32
N PRO K 79 12.03 -13.93 24.34
CA PRO K 79 11.44 -13.01 23.35
C PRO K 79 10.36 -13.70 22.55
N ARG K 80 9.36 -12.93 22.15
CA ARG K 80 8.30 -13.47 21.31
C ARG K 80 8.91 -13.66 19.93
N ARG K 81 9.57 -14.80 19.73
CA ARG K 81 10.20 -15.07 18.44
C ARG K 81 9.18 -14.95 17.32
N PHE K 82 8.05 -15.63 17.45
CA PHE K 82 7.00 -15.51 16.47
C PHE K 82 6.36 -14.15 16.62
N SER K 83 5.92 -13.58 15.50
CA SER K 83 5.29 -12.27 15.41
C SER K 83 6.28 -11.13 15.61
N MET K 84 7.54 -11.31 15.30
CA MET K 84 8.53 -10.25 15.36
C MET K 84 9.28 -10.20 14.04
N THR K 85 9.60 -9.00 13.57
CA THR K 85 10.19 -8.82 12.25
C THR K 85 11.50 -8.04 12.38
N ILE K 86 12.60 -8.76 12.56
CA ILE K 86 13.91 -8.13 12.65
C ILE K 86 14.26 -7.59 11.28
N PRO K 87 15.26 -6.72 11.13
CA PRO K 87 15.69 -6.32 9.80
C PRO K 87 16.84 -7.17 9.31
N SER K 88 17.03 -7.14 8.00
CA SER K 88 17.84 -8.16 7.34
C SER K 88 19.30 -8.08 7.76
N GLU K 89 19.86 -6.89 7.87
CA GLU K 89 21.28 -6.82 8.14
C GLU K 89 21.67 -7.43 9.46
N VAL K 90 20.76 -7.44 10.43
CA VAL K 90 20.98 -8.14 11.69
C VAL K 90 21.57 -9.50 11.38
N LEU K 91 20.93 -10.23 10.47
CA LEU K 91 21.32 -11.60 10.21
C LEU K 91 22.77 -11.65 9.75
N TYR K 92 23.14 -10.79 8.81
CA TYR K 92 24.53 -10.76 8.37
C TYR K 92 25.43 -10.36 9.53
N GLU K 93 25.05 -9.32 10.28
CA GLU K 93 25.77 -8.97 11.50
C GLU K 93 25.91 -10.21 12.36
N PHE K 94 24.85 -10.99 12.43
CA PHE K 94 24.84 -12.16 13.30
C PHE K 94 25.94 -13.13 12.92
N ILE K 95 26.18 -13.31 11.62
CA ILE K 95 27.24 -14.23 11.19
C ILE K 95 28.57 -13.81 11.80
N GLU K 96 28.83 -12.51 11.83
CA GLU K 96 30.09 -12.05 12.41
C GLU K 96 30.25 -12.59 13.82
N GLU K 97 29.17 -12.58 14.61
CA GLU K 97 29.24 -13.15 15.95
C GLU K 97 29.62 -14.62 15.87
N VAL K 98 28.91 -15.39 15.06
CA VAL K 98 29.26 -16.80 14.91
C VAL K 98 30.66 -16.91 14.33
N ARG K 99 31.09 -15.91 13.57
CA ARG K 99 32.48 -15.87 13.12
C ARG K 99 33.44 -15.88 14.30
N THR K 100 33.24 -14.98 15.26
CA THR K 100 34.21 -14.80 16.32
C THR K 100 34.02 -15.77 17.48
N ARG K 101 32.91 -16.51 17.48
CA ARG K 101 32.59 -17.42 18.57
C ARG K 101 33.12 -18.82 18.33
N ILE K 102 34.33 -18.94 17.79
CA ILE K 102 34.87 -20.24 17.40
C ILE K 102 35.86 -20.77 18.42
N GLN K 103 37.02 -20.13 18.53
CA GLN K 103 38.20 -20.72 19.17
C GLN K 103 38.45 -22.09 18.54
N GLU K 136 33.62 -28.10 23.69
CA GLU K 136 34.13 -26.80 24.09
C GLU K 136 34.25 -25.88 22.90
N ALA K 137 34.19 -26.47 21.70
CA ALA K 137 34.43 -25.73 20.47
C ALA K 137 33.20 -25.63 19.58
N MET K 138 32.65 -26.77 19.17
CA MET K 138 31.55 -26.75 18.21
C MET K 138 30.27 -26.21 18.83
N ARG K 139 30.03 -26.51 20.10
CA ARG K 139 28.74 -26.25 20.73
C ARG K 139 28.73 -25.02 21.61
N ARG K 140 29.88 -24.64 22.18
CA ARG K 140 29.91 -23.46 23.05
C ARG K 140 29.52 -22.20 22.29
N GLY K 141 30.00 -22.06 21.06
CA GLY K 141 29.64 -20.89 20.27
C GLY K 141 28.16 -20.81 19.97
N ILE K 142 27.55 -21.94 19.63
CA ILE K 142 26.13 -21.94 19.34
C ILE K 142 25.32 -21.65 20.60
N LEU K 143 25.76 -22.19 21.74
CA LEU K 143 25.09 -21.86 22.99
C LEU K 143 25.16 -20.35 23.27
N ASP K 144 26.36 -19.79 23.12
CA ASP K 144 26.51 -18.35 23.30
C ASP K 144 25.56 -17.59 22.40
N SER K 145 25.51 -17.95 21.12
CA SER K 145 24.71 -17.18 20.19
C SER K 145 23.22 -17.34 20.47
N ARG K 146 22.78 -18.51 20.88
CA ARG K 146 21.36 -18.66 21.19
C ARG K 146 20.97 -17.78 22.38
N GLU K 147 21.74 -17.83 23.47
CA GLU K 147 21.40 -16.98 24.60
C GLU K 147 21.48 -15.50 24.23
N ASP K 148 22.55 -15.11 23.54
CA ASP K 148 22.74 -13.71 23.20
C ASP K 148 21.61 -13.21 22.32
N ILE K 149 21.18 -14.01 21.35
CA ILE K 149 20.17 -13.48 20.46
C ILE K 149 18.82 -13.48 21.14
N ASP K 150 18.57 -14.40 22.07
CA ASP K 150 17.37 -14.24 22.90
C ASP K 150 17.37 -12.90 23.59
N VAL K 151 18.49 -12.55 24.23
CA VAL K 151 18.52 -11.31 25.00
C VAL K 151 18.31 -10.10 24.10
N VAL K 152 19.08 -10.02 23.03
CA VAL K 152 19.01 -8.84 22.18
C VAL K 152 17.64 -8.71 21.56
N LEU K 153 17.06 -9.81 21.08
CA LEU K 153 15.74 -9.70 20.50
C LEU K 153 14.69 -9.33 21.53
N LEU K 154 14.87 -9.75 22.78
CA LEU K 154 13.87 -9.36 23.78
C LEU K 154 13.95 -7.87 24.02
N ALA K 155 15.16 -7.33 24.11
CA ALA K 155 15.29 -5.89 24.26
C ALA K 155 14.68 -5.17 23.08
N TYR K 156 14.87 -5.70 21.88
CA TYR K 156 14.26 -5.12 20.69
C TYR K 156 12.74 -5.14 20.77
N GLU K 157 12.17 -6.23 21.27
CA GLU K 157 10.72 -6.34 21.28
C GLU K 157 10.11 -5.39 22.29
N LEU K 158 10.56 -5.47 23.54
CA LEU K 158 10.00 -4.61 24.58
C LEU K 158 10.40 -3.16 24.43
N ASP K 159 11.34 -2.86 23.55
CA ASP K 159 12.01 -1.57 23.52
C ASP K 159 12.56 -1.23 24.89
N ALA K 160 13.11 -2.22 25.55
CA ALA K 160 13.64 -2.07 26.88
C ALA K 160 15.08 -1.60 26.81
N THR K 161 15.79 -1.66 27.92
CA THR K 161 17.16 -1.19 28.02
C THR K 161 18.07 -2.37 28.31
N LEU K 162 19.02 -2.63 27.42
CA LEU K 162 19.88 -3.79 27.54
C LEU K 162 21.01 -3.52 28.51
N VAL K 163 21.13 -4.32 29.57
CA VAL K 163 22.31 -4.24 30.43
C VAL K 163 23.10 -5.53 30.25
N SER K 164 24.33 -5.40 29.80
CA SER K 164 25.14 -6.58 29.54
C SER K 164 26.60 -6.18 29.46
N ALA K 165 27.47 -7.17 29.69
CA ALA K 165 28.90 -6.95 29.69
C ALA K 165 29.60 -7.49 28.45
N ASP K 166 28.92 -8.27 27.61
CA ASP K 166 29.53 -8.76 26.39
C ASP K 166 29.77 -7.60 25.46
N GLU K 167 30.98 -7.06 25.45
CA GLU K 167 31.25 -5.85 24.68
C GLU K 167 30.81 -6.01 23.23
N GLY K 168 31.00 -7.19 22.67
CA GLY K 168 30.47 -7.45 21.35
C GLY K 168 28.96 -7.31 21.32
N MET K 169 28.27 -7.86 22.32
CA MET K 169 26.82 -7.73 22.34
C MET K 169 26.42 -6.28 22.46
N ARG K 170 27.15 -5.50 23.24
CA ARG K 170 26.78 -4.09 23.38
C ARG K 170 26.97 -3.35 22.08
N LYS K 171 28.06 -3.62 21.33
CA LYS K 171 28.22 -3.00 20.02
C LYS K 171 27.10 -3.41 19.08
N PHE K 172 26.75 -4.69 19.08
CA PHE K 172 25.67 -5.15 18.23
C PHE K 172 24.36 -4.47 18.59
N ALA K 173 24.07 -4.36 19.89
CA ALA K 173 22.83 -3.72 20.31
C ALA K 173 22.83 -2.25 19.98
N GLU K 174 23.98 -1.60 20.07
CA GLU K 174 24.01 -0.19 19.71
C GLU K 174 23.71 -0.01 18.24
N ARG K 175 24.29 -0.86 17.38
CA ARG K 175 24.03 -0.73 15.95
C ARG K 175 22.57 -0.98 15.63
N ILE K 176 22.03 -2.09 16.09
CA ILE K 176 20.66 -2.42 15.74
C ILE K 176 19.67 -1.37 16.23
N GLY K 177 20.01 -0.64 17.28
CA GLY K 177 19.09 0.35 17.81
C GLY K 177 18.38 -0.01 19.10
N ILE K 178 19.14 -0.50 20.08
CA ILE K 178 18.64 -0.85 21.39
C ILE K 178 19.18 0.18 22.38
N LYS K 179 18.40 0.47 23.41
CA LYS K 179 18.93 1.32 24.46
C LYS K 179 20.07 0.62 25.18
N LEU K 180 20.81 1.37 25.97
CA LEU K 180 21.98 0.81 26.63
C LEU K 180 22.22 1.45 27.97
N VAL K 181 22.53 0.65 28.96
CA VAL K 181 23.06 1.14 30.23
C VAL K 181 24.38 0.45 30.46
N ASN K 182 25.41 1.24 30.69
CA ASN K 182 26.68 0.65 31.09
C ASN K 182 26.43 -0.16 32.35
N PRO K 183 26.71 -1.46 32.37
CA PRO K 183 26.44 -2.24 33.57
C PRO K 183 27.27 -1.79 34.75
N ARG K 184 28.40 -1.14 34.50
CA ARG K 184 29.19 -0.58 35.58
C ARG K 184 28.35 0.31 36.47
N TYR K 185 27.43 1.04 35.88
CA TYR K 185 26.56 1.96 36.60
C TYR K 185 25.26 1.34 37.06
N LEU K 186 25.04 0.05 36.79
CA LEU K 186 23.71 -0.51 37.00
C LEU K 186 23.23 -0.23 38.42
N ARG K 187 24.07 -0.49 39.42
CA ARG K 187 23.63 -0.29 40.79
C ARG K 187 23.13 1.14 40.99
N GLY K 188 23.91 2.12 40.54
CA GLY K 188 23.46 3.49 40.66
C GLY K 188 22.13 3.69 39.98
N VAL K 189 21.98 3.18 38.75
CA VAL K 189 20.75 3.37 38.00
C VAL K 189 19.58 2.70 38.67
N MET K 190 19.80 1.82 39.63
CA MET K 190 18.67 1.32 40.39
C MET K 190 18.37 2.19 41.59
N GLN K 191 19.41 2.64 42.29
CA GLN K 191 19.21 3.52 43.44
C GLN K 191 18.48 4.78 43.03
N ASN K 192 18.86 5.35 41.89
CA ASN K 192 18.24 6.58 41.41
C ASN K 192 16.81 6.39 40.98
N LEU K 193 16.36 5.16 40.76
CA LEU K 193 14.97 4.93 40.42
C LEU K 193 14.07 4.84 41.64
N ALA K 194 14.49 5.44 42.75
CA ALA K 194 13.75 5.42 44.02
C ALA K 194 13.64 4.00 44.54
N ARG L 7 -12.37 -6.85 14.23
CA ARG L 7 -13.18 -7.75 13.42
C ARG L 7 -14.46 -7.06 12.96
N ARG L 8 -14.93 -7.42 11.77
CA ARG L 8 -16.10 -6.78 11.16
C ARG L 8 -17.10 -7.83 10.76
N PHE L 9 -18.38 -7.52 10.96
CA PHE L 9 -19.46 -8.42 10.61
C PHE L 9 -20.44 -7.70 9.70
N VAL L 10 -21.17 -8.45 8.91
CA VAL L 10 -22.17 -7.93 8.00
C VAL L 10 -23.47 -8.64 8.31
N LEU L 11 -24.49 -7.89 8.70
CA LEU L 11 -25.71 -8.54 9.12
C LEU L 11 -26.71 -8.64 7.98
N ASP L 12 -27.86 -9.23 8.29
CA ASP L 12 -28.92 -9.43 7.33
C ASP L 12 -30.21 -9.65 8.12
N THR L 13 -31.34 -9.41 7.46
CA THR L 13 -32.62 -9.46 8.17
C THR L 13 -32.91 -10.83 8.75
N SER L 14 -32.36 -11.90 8.18
CA SER L 14 -32.64 -13.24 8.69
C SER L 14 -32.20 -13.37 10.14
N VAL L 15 -31.07 -12.76 10.48
CA VAL L 15 -30.55 -12.78 11.85
C VAL L 15 -31.60 -12.33 12.85
N PHE L 16 -32.55 -11.50 12.43
CA PHE L 16 -33.61 -11.06 13.32
C PHE L 16 -34.99 -11.51 12.87
N THR L 17 -35.10 -12.23 11.76
CA THR L 17 -36.39 -12.70 11.26
C THR L 17 -36.51 -14.21 11.34
N ASN L 18 -35.58 -14.95 10.75
CA ASN L 18 -35.70 -16.39 10.73
C ASN L 18 -35.50 -16.97 12.13
N PRO L 19 -36.30 -17.96 12.53
CA PRO L 19 -36.02 -18.69 13.76
C PRO L 19 -34.73 -19.47 13.65
N ASP L 20 -34.31 -20.05 14.77
CA ASP L 20 -33.02 -20.71 14.94
C ASP L 20 -31.89 -19.67 15.02
N VAL L 21 -32.21 -18.42 14.69
CA VAL L 21 -31.39 -17.28 15.09
C VAL L 21 -32.31 -16.23 15.70
N TYR L 22 -33.59 -16.26 15.34
CA TYR L 22 -34.55 -15.51 16.13
C TYR L 22 -34.60 -16.06 17.54
N LEU L 23 -34.56 -17.37 17.67
CA LEU L 23 -34.56 -18.01 18.98
C LEU L 23 -33.19 -17.88 19.63
N ARG L 24 -33.17 -18.08 20.95
CA ARG L 24 -31.98 -18.17 21.78
C ARG L 24 -31.33 -16.80 21.98
N PHE L 25 -31.76 -15.79 21.23
CA PHE L 25 -31.44 -14.41 21.62
C PHE L 25 -32.38 -13.97 22.74
N ASP L 26 -33.68 -13.96 22.48
CA ASP L 26 -34.69 -13.76 23.50
C ASP L 26 -36.03 -14.19 22.93
N GLU L 27 -36.95 -14.55 23.84
CA GLU L 27 -38.27 -14.98 23.43
C GLU L 27 -39.06 -13.82 22.81
N GLU L 28 -38.97 -12.62 23.40
CA GLU L 28 -39.66 -11.44 22.90
C GLU L 28 -38.85 -10.82 21.77
N PRO L 29 -39.47 -10.52 20.62
CA PRO L 29 -38.66 -10.11 19.46
C PRO L 29 -37.94 -8.79 19.67
N MET L 30 -38.66 -7.76 20.12
CA MET L 30 -38.01 -6.48 20.36
C MET L 30 -36.95 -6.60 21.44
N GLN L 31 -37.23 -7.34 22.51
CA GLN L 31 -36.18 -7.57 23.49
C GLN L 31 -35.11 -8.53 22.97
N ALA L 32 -35.41 -9.33 21.95
CA ALA L 32 -34.33 -10.10 21.30
C ALA L 32 -33.35 -9.16 20.61
N ILE L 33 -33.87 -8.23 19.81
CA ILE L 33 -32.99 -7.24 19.21
C ILE L 33 -32.30 -6.43 20.29
N SER L 34 -33.01 -6.13 21.38
CA SER L 34 -32.43 -5.31 22.44
C SER L 34 -31.30 -6.04 23.16
N VAL L 35 -31.45 -7.34 23.38
CA VAL L 35 -30.37 -8.07 24.04
C VAL L 35 -29.21 -8.26 23.09
N PHE L 36 -29.48 -8.38 21.79
CA PHE L 36 -28.40 -8.32 20.81
C PHE L 36 -27.67 -6.99 20.89
N LEU L 37 -28.43 -5.91 21.00
CA LEU L 37 -27.84 -4.58 21.14
C LEU L 37 -26.96 -4.51 22.37
N GLY L 38 -27.44 -5.05 23.50
CA GLY L 38 -26.66 -5.01 24.72
C GLY L 38 -25.41 -5.87 24.64
N LEU L 39 -25.48 -7.00 23.96
CA LEU L 39 -24.29 -7.81 23.75
C LEU L 39 -23.29 -7.07 22.89
N ALA L 40 -23.76 -6.33 21.89
CA ALA L 40 -22.93 -5.35 21.23
C ALA L 40 -22.86 -4.13 22.15
N ARG L 41 -22.40 -3.00 21.61
CA ARG L 41 -22.28 -1.77 22.40
C ARG L 41 -21.20 -1.97 23.47
N ARG L 42 -20.63 -3.16 23.54
CA ARG L 42 -19.59 -3.50 24.48
C ARG L 42 -18.39 -4.19 23.84
N ALA L 43 -18.60 -4.92 22.75
CA ALA L 43 -17.56 -5.74 22.15
C ALA L 43 -16.62 -4.89 21.29
N ASP L 44 -15.75 -5.58 20.57
CA ASP L 44 -14.79 -4.94 19.68
C ASP L 44 -15.16 -5.11 18.21
N ALA L 45 -16.31 -5.69 17.92
CA ALA L 45 -16.69 -5.96 16.53
C ALA L 45 -17.60 -4.86 16.01
N GLU L 46 -17.56 -4.66 14.70
CA GLU L 46 -18.39 -3.67 14.03
C GLU L 46 -19.41 -4.39 13.16
N PHE L 47 -20.65 -3.91 13.20
CA PHE L 47 -21.75 -4.55 12.50
C PHE L 47 -22.29 -3.61 11.43
N TYR L 48 -22.45 -4.12 10.21
CA TYR L 48 -22.95 -3.36 9.10
C TYR L 48 -24.27 -3.95 8.62
N MET L 49 -25.09 -3.12 8.02
CA MET L 49 -26.37 -3.58 7.52
C MET L 49 -26.78 -2.74 6.32
N PRO L 50 -26.90 -3.34 5.14
CA PRO L 50 -27.25 -2.56 3.94
C PRO L 50 -28.59 -1.86 4.09
N GLY L 51 -28.68 -0.68 3.47
CA GLY L 51 -29.79 0.22 3.66
C GLY L 51 -31.17 -0.35 3.44
N PRO L 52 -31.39 -0.98 2.27
CA PRO L 52 -32.69 -1.63 2.05
C PRO L 52 -33.01 -2.71 3.07
N VAL L 53 -32.00 -3.48 3.50
CA VAL L 53 -32.24 -4.50 4.52
C VAL L 53 -32.76 -3.86 5.79
N TYR L 54 -32.09 -2.79 6.23
CA TYR L 54 -32.52 -2.10 7.43
C TYR L 54 -33.90 -1.50 7.27
N GLN L 55 -34.21 -0.97 6.08
CA GLN L 55 -35.53 -0.39 5.87
C GLN L 55 -36.62 -1.43 5.95
N GLU L 56 -36.39 -2.59 5.34
CA GLU L 56 -37.36 -3.69 5.42
C GLU L 56 -37.54 -4.15 6.86
N LEU L 57 -36.44 -4.21 7.62
CA LEU L 57 -36.55 -4.51 9.04
C LEU L 57 -37.34 -3.43 9.78
N CYS L 58 -37.09 -2.17 9.45
CA CYS L 58 -37.61 -1.06 10.26
C CYS L 58 -39.11 -0.90 10.07
N ASN L 59 -39.59 -0.96 8.83
CA ASN L 59 -41.02 -0.81 8.61
C ASN L 59 -41.82 -1.81 9.42
N LEU L 60 -41.28 -3.01 9.62
CA LEU L 60 -42.06 -4.12 10.18
C LEU L 60 -42.13 -4.06 11.70
N ARG L 61 -40.98 -4.18 12.36
CA ARG L 61 -40.97 -4.45 13.80
C ARG L 61 -40.21 -3.41 14.61
N SER L 62 -39.03 -2.99 14.16
CA SER L 62 -38.22 -2.06 14.94
C SER L 62 -38.73 -0.63 14.80
N MET L 63 -38.96 0.01 15.94
CA MET L 63 -39.57 1.34 15.94
C MET L 63 -38.70 2.28 16.76
N ASP L 64 -39.23 3.48 17.02
CA ASP L 64 -38.44 4.53 17.64
C ASP L 64 -37.88 4.16 18.99
N LEU L 65 -38.48 3.20 19.69
CA LEU L 65 -38.02 2.86 21.02
C LEU L 65 -36.63 2.23 20.98
N ILE L 66 -36.37 1.39 19.98
CA ILE L 66 -35.13 0.66 19.88
C ILE L 66 -34.23 1.18 18.75
N GLY L 67 -34.81 1.80 17.72
CA GLY L 67 -34.03 2.14 16.54
C GLY L 67 -32.86 3.07 16.83
N ALA L 68 -33.06 4.01 17.74
CA ALA L 68 -31.98 4.92 18.09
C ALA L 68 -30.74 4.13 18.51
N GLU L 69 -30.90 3.22 19.48
CA GLU L 69 -29.82 2.31 19.83
C GLU L 69 -29.28 1.58 18.62
N PHE L 70 -30.20 1.08 17.77
CA PHE L 70 -29.78 0.24 16.66
C PHE L 70 -28.78 0.98 15.77
N GLU L 71 -29.04 2.25 15.50
CA GLU L 71 -28.09 3.03 14.72
C GLU L 71 -26.95 3.57 15.55
N THR L 72 -27.05 3.52 16.88
CA THR L 72 -25.87 3.83 17.68
C THR L 72 -24.84 2.71 17.63
N GLU L 73 -25.25 1.48 17.32
CA GLU L 73 -24.23 0.43 17.26
C GLU L 73 -24.01 -0.16 15.87
N VAL L 74 -24.98 -0.08 14.97
CA VAL L 74 -24.90 -0.77 13.67
C VAL L 74 -24.83 0.28 12.57
N TYR L 75 -23.81 0.19 11.73
CA TYR L 75 -23.67 1.12 10.61
C TYR L 75 -24.58 0.69 9.47
N ILE L 76 -25.43 1.60 9.01
CA ILE L 76 -26.25 1.37 7.84
C ILE L 76 -25.48 1.90 6.65
N ARG L 77 -25.08 1.02 5.75
CA ARG L 77 -24.27 1.41 4.60
C ARG L 77 -24.63 0.53 3.42
N SER L 78 -25.08 1.14 2.36
CA SER L 78 -25.23 0.37 1.14
C SER L 78 -23.85 0.04 0.60
N PRO L 79 -23.68 -1.10 -0.05
CA PRO L 79 -22.34 -1.50 -0.48
C PRO L 79 -21.81 -0.50 -1.48
N ARG L 80 -20.49 -0.34 -1.52
CA ARG L 80 -19.88 0.57 -2.47
C ARG L 80 -20.01 -0.07 -3.85
N ARG L 81 -21.26 -0.12 -4.32
CA ARG L 81 -21.62 -0.72 -5.60
C ARG L 81 -20.58 -0.40 -6.66
N PHE L 82 -20.36 0.89 -6.87
CA PHE L 82 -19.52 1.35 -7.94
C PHE L 82 -18.06 1.12 -7.57
N SER L 83 -17.20 1.13 -8.59
CA SER L 83 -15.75 0.94 -8.42
C SER L 83 -15.42 -0.33 -7.65
N MET L 84 -16.05 -1.44 -7.98
CA MET L 84 -15.71 -2.74 -7.42
C MET L 84 -15.87 -3.81 -8.49
N THR L 85 -14.96 -4.77 -8.48
CA THR L 85 -14.97 -5.85 -9.46
C THR L 85 -15.17 -7.18 -8.75
N ILE L 86 -15.98 -8.04 -9.34
CA ILE L 86 -16.17 -9.39 -8.84
C ILE L 86 -15.86 -10.35 -9.98
N PRO L 87 -15.40 -11.56 -9.71
CA PRO L 87 -15.10 -12.50 -10.80
C PRO L 87 -16.37 -12.86 -11.54
N SER L 88 -16.23 -13.15 -12.83
CA SER L 88 -17.39 -13.29 -13.69
C SER L 88 -18.26 -14.48 -13.29
N GLU L 89 -17.64 -15.58 -12.88
CA GLU L 89 -18.39 -16.80 -12.59
C GLU L 89 -19.46 -16.56 -11.53
N VAL L 90 -19.20 -15.63 -10.61
CA VAL L 90 -20.18 -15.23 -9.60
C VAL L 90 -21.57 -15.16 -10.22
N LEU L 91 -21.66 -14.64 -11.43
CA LEU L 91 -22.94 -14.35 -12.02
C LEU L 91 -23.74 -15.63 -12.29
N TYR L 92 -23.11 -16.65 -12.89
CA TYR L 92 -23.78 -17.95 -12.90
C TYR L 92 -24.09 -18.46 -11.51
N GLU L 93 -23.17 -18.27 -10.57
CA GLU L 93 -23.52 -18.58 -9.20
C GLU L 93 -24.82 -17.89 -8.84
N PHE L 94 -24.88 -16.58 -9.10
CA PHE L 94 -26.11 -15.84 -8.87
C PHE L 94 -27.24 -16.39 -9.72
N ILE L 95 -26.96 -16.72 -10.99
CA ILE L 95 -27.95 -17.39 -11.82
C ILE L 95 -28.57 -18.55 -11.07
N GLU L 96 -27.71 -19.46 -10.59
CA GLU L 96 -28.24 -20.64 -9.92
C GLU L 96 -29.00 -20.25 -8.67
N GLU L 97 -28.54 -19.19 -7.98
CA GLU L 97 -29.28 -18.69 -6.83
C GLU L 97 -30.70 -18.27 -7.23
N VAL L 98 -30.81 -17.55 -8.35
CA VAL L 98 -32.13 -17.21 -8.86
C VAL L 98 -32.94 -18.47 -9.13
N ARG L 99 -32.27 -19.50 -9.67
CA ARG L 99 -32.96 -20.78 -9.85
C ARG L 99 -33.55 -21.25 -8.52
N THR L 100 -32.72 -21.27 -7.47
CA THR L 100 -33.19 -21.76 -6.18
C THR L 100 -34.26 -20.87 -5.59
N ARG L 101 -34.45 -19.67 -6.14
CA ARG L 101 -35.51 -18.78 -5.68
C ARG L 101 -36.61 -18.61 -6.71
N ILE L 102 -36.84 -19.61 -7.57
CA ILE L 102 -38.05 -19.54 -8.39
C ILE L 102 -39.28 -19.79 -7.52
N GLN L 103 -39.18 -20.73 -6.58
CA GLN L 103 -40.25 -21.05 -5.62
C GLN L 103 -41.64 -21.12 -6.23
N GLU L 136 -46.99 -13.33 -8.30
CA GLU L 136 -46.87 -12.72 -6.98
C GLU L 136 -45.48 -12.90 -6.39
N ALA L 137 -45.01 -14.16 -6.39
CA ALA L 137 -43.69 -14.46 -5.83
C ALA L 137 -42.57 -13.87 -6.67
N MET L 138 -42.89 -13.39 -7.87
CA MET L 138 -41.88 -12.80 -8.74
C MET L 138 -41.16 -11.64 -8.05
N ARG L 139 -41.93 -10.67 -7.54
CA ARG L 139 -41.31 -9.50 -6.93
C ARG L 139 -40.54 -9.88 -5.67
N ARG L 140 -41.14 -10.75 -4.84
CA ARG L 140 -40.48 -11.14 -3.60
C ARG L 140 -39.15 -11.82 -3.89
N GLY L 141 -39.13 -12.76 -4.83
CA GLY L 141 -37.89 -13.45 -5.16
C GLY L 141 -36.83 -12.52 -5.72
N ILE L 142 -37.25 -11.65 -6.67
CA ILE L 142 -36.29 -10.73 -7.27
C ILE L 142 -35.70 -9.78 -6.22
N LEU L 143 -36.56 -9.22 -5.37
CA LEU L 143 -36.07 -8.31 -4.34
C LEU L 143 -35.19 -9.02 -3.34
N ASP L 144 -35.55 -10.25 -2.96
CA ASP L 144 -34.74 -10.96 -1.99
C ASP L 144 -33.36 -11.25 -2.55
N SER L 145 -33.27 -11.63 -3.82
CA SER L 145 -31.96 -11.76 -4.43
C SER L 145 -31.24 -10.41 -4.53
N ARG L 146 -31.99 -9.32 -4.71
CA ARG L 146 -31.41 -7.99 -4.72
C ARG L 146 -30.70 -7.68 -3.42
N GLU L 147 -31.40 -7.84 -2.29
CA GLU L 147 -30.77 -7.61 -1.00
C GLU L 147 -29.72 -8.67 -0.70
N ASP L 148 -29.87 -9.87 -1.25
CA ASP L 148 -28.83 -10.88 -1.14
C ASP L 148 -27.52 -10.38 -1.68
N ILE L 149 -27.53 -9.87 -2.91
CA ILE L 149 -26.28 -9.37 -3.46
C ILE L 149 -25.84 -8.09 -2.76
N ASP L 150 -26.78 -7.26 -2.30
CA ASP L 150 -26.36 -6.11 -1.50
C ASP L 150 -25.48 -6.56 -0.35
N VAL L 151 -25.97 -7.51 0.44
CA VAL L 151 -25.26 -7.92 1.64
C VAL L 151 -23.97 -8.64 1.27
N VAL L 152 -24.03 -9.50 0.25
CA VAL L 152 -22.86 -10.26 -0.15
C VAL L 152 -21.74 -9.35 -0.62
N LEU L 153 -22.06 -8.37 -1.46
CA LEU L 153 -21.03 -7.47 -1.96
C LEU L 153 -20.49 -6.58 -0.84
N LEU L 154 -21.36 -6.19 0.10
CA LEU L 154 -20.85 -5.43 1.23
C LEU L 154 -19.82 -6.25 2.01
N ALA L 155 -20.12 -7.53 2.22
CA ALA L 155 -19.18 -8.39 2.94
C ALA L 155 -17.91 -8.62 2.14
N TYR L 156 -18.04 -8.77 0.82
CA TYR L 156 -16.86 -8.95 -0.02
C TYR L 156 -15.95 -7.74 0.03
N GLU L 157 -16.53 -6.54 -0.02
CA GLU L 157 -15.72 -5.34 0.02
C GLU L 157 -15.05 -5.17 1.38
N LEU L 158 -15.84 -5.31 2.45
CA LEU L 158 -15.27 -5.14 3.78
C LEU L 158 -14.40 -6.31 4.21
N ASP L 159 -14.43 -7.42 3.48
CA ASP L 159 -13.72 -8.64 3.87
C ASP L 159 -14.14 -9.07 5.27
N ALA L 160 -15.39 -8.84 5.59
CA ALA L 160 -15.92 -9.06 6.92
C ALA L 160 -16.43 -10.49 7.03
N THR L 161 -17.14 -10.79 8.11
CA THR L 161 -17.68 -12.12 8.39
C THR L 161 -19.20 -12.01 8.28
N LEU L 162 -19.75 -12.44 7.16
CA LEU L 162 -21.18 -12.36 6.93
C LEU L 162 -21.94 -13.23 7.93
N VAL L 163 -23.15 -12.81 8.28
CA VAL L 163 -24.06 -13.61 9.09
C VAL L 163 -25.42 -13.61 8.40
N SER L 164 -26.03 -14.79 8.30
CA SER L 164 -27.34 -14.91 7.69
C SER L 164 -27.90 -16.30 7.96
N ALA L 165 -29.20 -16.38 8.19
CA ALA L 165 -29.84 -17.67 8.46
C ALA L 165 -30.07 -18.48 7.19
N ASP L 166 -30.33 -17.82 6.07
CA ASP L 166 -30.69 -18.53 4.85
C ASP L 166 -29.50 -19.35 4.34
N GLU L 167 -29.74 -20.63 4.08
CA GLU L 167 -28.66 -21.54 3.71
C GLU L 167 -28.16 -21.28 2.29
N GLY L 168 -29.06 -20.90 1.37
CA GLY L 168 -28.62 -20.66 0.01
C GLY L 168 -27.60 -19.55 -0.07
N MET L 169 -27.84 -18.47 0.66
CA MET L 169 -26.87 -17.39 0.73
C MET L 169 -25.55 -17.88 1.32
N ARG L 170 -25.64 -18.81 2.28
CA ARG L 170 -24.42 -19.36 2.87
C ARG L 170 -23.59 -20.10 1.83
N LYS L 171 -24.24 -20.93 1.03
CA LYS L 171 -23.51 -21.66 -0.01
C LYS L 171 -22.98 -20.70 -1.08
N PHE L 172 -23.76 -19.66 -1.39
CA PHE L 172 -23.28 -18.63 -2.31
C PHE L 172 -22.00 -17.99 -1.80
N ALA L 173 -21.99 -17.63 -0.51
CA ALA L 173 -20.81 -17.02 0.07
C ALA L 173 -19.64 -17.98 0.08
N GLU L 174 -19.91 -19.27 0.31
CA GLU L 174 -18.83 -20.25 0.23
C GLU L 174 -18.22 -20.30 -1.16
N ARG L 175 -19.07 -20.27 -2.20
CA ARG L 175 -18.55 -20.32 -3.56
C ARG L 175 -17.80 -19.06 -3.92
N ILE L 176 -18.25 -17.91 -3.44
CA ILE L 176 -17.57 -16.65 -3.78
C ILE L 176 -16.34 -16.41 -2.91
N GLY L 177 -16.31 -16.98 -1.70
CA GLY L 177 -15.15 -16.82 -0.85
C GLY L 177 -15.29 -15.80 0.26
N ILE L 178 -16.43 -15.80 0.95
CA ILE L 178 -16.69 -14.89 2.05
C ILE L 178 -16.52 -15.64 3.36
N LYS L 179 -15.82 -15.02 4.31
CA LYS L 179 -15.85 -15.52 5.68
C LYS L 179 -17.29 -15.53 6.18
N LEU L 180 -17.84 -16.72 6.35
CA LEU L 180 -19.22 -16.84 6.78
C LEU L 180 -19.30 -17.66 8.05
N VAL L 181 -20.18 -17.24 8.97
CA VAL L 181 -20.38 -17.89 10.25
C VAL L 181 -21.87 -18.11 10.46
N ASN L 182 -22.20 -19.12 11.26
CA ASN L 182 -23.59 -19.44 11.53
C ASN L 182 -24.25 -18.29 12.29
N PRO L 183 -25.48 -17.94 11.97
CA PRO L 183 -26.17 -16.91 12.76
C PRO L 183 -26.33 -17.27 14.22
N ARG L 184 -26.35 -18.56 14.58
CA ARG L 184 -26.38 -18.95 15.98
C ARG L 184 -25.00 -18.81 16.62
N TYR L 185 -23.94 -19.12 15.88
CA TYR L 185 -22.59 -18.91 16.39
C TYR L 185 -22.31 -17.45 16.65
N LEU L 186 -23.12 -16.54 16.12
CA LEU L 186 -22.83 -15.13 16.26
C LEU L 186 -22.94 -14.68 17.71
N ARG L 187 -23.93 -15.19 18.44
CA ARG L 187 -23.99 -14.83 19.85
C ARG L 187 -22.80 -15.42 20.60
N GLY L 188 -22.46 -16.67 20.31
CA GLY L 188 -21.30 -17.29 20.92
C GLY L 188 -20.02 -16.55 20.63
N VAL L 189 -19.97 -15.79 19.54
CA VAL L 189 -18.87 -14.87 19.31
C VAL L 189 -19.04 -13.60 20.12
N MET L 190 -20.27 -13.07 20.21
CA MET L 190 -20.48 -11.85 20.99
C MET L 190 -20.11 -12.06 22.44
N GLN L 191 -20.67 -13.10 23.07
CA GLN L 191 -20.09 -13.58 24.30
C GLN L 191 -18.68 -14.07 23.99
N ASN L 192 -17.76 -13.82 24.91
CA ASN L 192 -16.31 -13.91 24.74
C ASN L 192 -15.80 -12.71 23.95
N LEU L 193 -16.62 -11.68 23.77
CA LEU L 193 -16.14 -10.39 23.29
C LEU L 193 -16.58 -9.23 24.16
N ALA L 194 -17.57 -9.42 25.02
CA ALA L 194 -18.04 -8.37 25.90
C ALA L 194 -17.99 -8.83 27.35
#